data_8AXC
#
_entry.id   8AXC
#
_cell.length_a   98.052
_cell.length_b   143.595
_cell.length_c   183.756
_cell.angle_alpha   90.000
_cell.angle_beta   90.000
_cell.angle_gamma   90.000
#
_symmetry.space_group_name_H-M   'P 21 21 21'
#
loop_
_entity.id
_entity.type
_entity.pdbx_description
1 polymer 'Acylcarnitine hydrolase'
2 non-polymer 'CHLORIDE ION'
3 non-polymer NICOTINAMIDE
4 non-polymer 'SULFATE ION'
5 water water
#
_entity_poly.entity_id   1
_entity_poly.type   'polypeptide(L)'
_entity_poly.pdbx_seq_one_letter_code
;MTRNQLHNWLNAGFFGLLLLLIHVQGQDSPEANPIRNTHTGQIQGSLIHVKDTKAGVHTFLGIPFAKPPVGPLRFAPPEA
PEPWSGVRDGTAHPAMCLQNLDMLNEAGLPDMKMMLSSFPMSEDCLYLNIYTPAHAHEGSNLPVMVWIHGGALVIGMASM
FDGSLLTVNEDLVVVTIQYRLGVLGFFSTGDQHARGNWGYLDQAAALRWVQQNIAHFGGNPDRVTIFGESAGGTSVSSHV
VSPMSQGLFHGAIMESGVALLPDLISETSEMVSTTVAKLSGCEAMDSQALVRCLRGKSEAEILAINKVFKMIPAVVDGEF
FPRHPKELLASEDFHPVPSIIGVNNDEFGWSIPVVMGSAQMIKGITRENLQAVLKDTAVQMMLPPECSDLLMEEYMGDTE
DAQTLQIQFTEMMGDFMFVIPALQVAHFQRSHAPVYFYEFQHPPSYFKDVRPPHVKADHADEIPFVFASFFWGMKLDFTE
EEELLSRRMMKYWANFARHGNPNSEGLPYWPVMDHDEQYLQLDIQPAVGRALKAGRLQFWTKTLPQKIQELKASQDKHRE
L
;
_entity_poly.pdbx_strand_id   A,B,C,D
#
# COMPACT_ATOMS: atom_id res chain seq x y z
N SER A 29 13.08 7.21 -15.57
CA SER A 29 13.46 8.65 -15.53
C SER A 29 13.44 9.18 -14.10
N PRO A 30 14.41 10.03 -13.67
CA PRO A 30 14.32 10.73 -12.39
C PRO A 30 13.09 11.66 -12.29
N GLU A 31 12.39 11.61 -11.16
CA GLU A 31 11.28 12.54 -10.86
C GLU A 31 11.88 13.85 -10.38
N ALA A 32 11.15 14.95 -10.58
CA ALA A 32 11.48 16.28 -10.06
C ALA A 32 11.34 16.32 -8.52
N ASN A 33 10.43 15.52 -7.94
CA ASN A 33 10.05 15.62 -6.51
C ASN A 33 9.91 14.19 -5.98
N PRO A 34 11.03 13.43 -5.93
CA PRO A 34 10.98 12.00 -5.70
C PRO A 34 10.47 11.69 -4.30
N ILE A 35 9.72 10.60 -4.18
CA ILE A 35 9.22 10.11 -2.87
C ILE A 35 9.90 8.78 -2.54
N ARG A 36 10.41 8.67 -1.32
CA ARG A 36 11.14 7.46 -0.84
C ARG A 36 10.50 6.96 0.47
N ASN A 37 10.69 5.69 0.76
CA ASN A 37 10.24 5.02 2.00
C ASN A 37 11.32 5.15 3.07
N THR A 38 10.88 5.24 4.32
CA THR A 38 11.73 5.02 5.51
C THR A 38 10.94 4.12 6.47
N HIS A 39 11.63 3.59 7.46
CA HIS A 39 11.01 2.77 8.53
C HIS A 39 9.92 3.59 9.25
N THR A 40 10.04 4.92 9.27
CA THR A 40 9.11 5.83 9.98
C THR A 40 8.08 6.45 9.04
N GLY A 41 8.16 6.21 7.74
CA GLY A 41 7.19 6.75 6.76
C GLY A 41 7.87 7.37 5.55
N GLN A 42 7.07 7.90 4.63
CA GLN A 42 7.53 8.38 3.32
C GLN A 42 8.05 9.81 3.43
N ILE A 43 9.01 10.14 2.57
CA ILE A 43 9.63 11.49 2.51
C ILE A 43 9.77 11.92 1.04
N GLN A 44 9.54 13.20 0.78
CA GLN A 44 9.69 13.81 -0.56
C GLN A 44 10.95 14.69 -0.61
N GLY A 45 11.81 14.45 -1.57
CA GLY A 45 13.02 15.26 -1.82
C GLY A 45 12.90 16.11 -3.07
N SER A 46 14.03 16.54 -3.61
CA SER A 46 14.15 17.51 -4.72
C SER A 46 15.14 16.99 -5.75
N LEU A 47 14.91 17.33 -7.02
CA LEU A 47 15.88 17.17 -8.12
C LEU A 47 16.60 18.48 -8.32
N ILE A 48 17.93 18.47 -8.27
CA ILE A 48 18.77 19.68 -8.49
C ILE A 48 19.85 19.36 -9.52
N HIS A 49 20.53 20.41 -10.02
CA HIS A 49 21.79 20.30 -10.83
C HIS A 49 21.47 19.53 -12.13
N VAL A 50 20.30 19.73 -12.72
CA VAL A 50 19.94 19.06 -14.01
C VAL A 50 20.72 19.69 -15.17
N LYS A 51 20.82 21.03 -15.20
CA LYS A 51 21.57 21.78 -16.23
C LYS A 51 23.08 21.46 -16.18
N ASP A 52 23.75 21.70 -15.05
CA ASP A 52 25.24 21.79 -14.96
C ASP A 52 25.89 20.42 -14.76
N THR A 53 25.14 19.29 -14.81
CA THR A 53 25.69 17.92 -14.64
C THR A 53 25.06 17.00 -15.70
N LYS A 54 25.59 15.79 -15.82
CA LYS A 54 24.84 14.66 -16.43
C LYS A 54 23.82 14.16 -15.38
N ALA A 55 22.54 14.30 -15.73
CA ALA A 55 21.38 13.58 -15.13
C ALA A 55 21.11 13.93 -13.65
N GLY A 56 21.76 14.88 -13.00
CA GLY A 56 21.25 15.55 -11.79
C GLY A 56 21.39 14.77 -10.47
N VAL A 57 20.95 15.41 -9.39
CA VAL A 57 21.11 14.90 -8.00
C VAL A 57 19.76 14.98 -7.31
N HIS A 58 19.43 13.94 -6.56
CA HIS A 58 18.28 13.96 -5.61
C HIS A 58 18.81 14.33 -4.23
N THR A 59 18.13 15.26 -3.57
CA THR A 59 18.42 15.61 -2.16
C THR A 59 17.20 15.24 -1.32
N PHE A 60 17.45 14.69 -0.14
CA PHE A 60 16.44 14.43 0.91
C PHE A 60 16.99 15.01 2.21
N LEU A 61 16.41 16.09 2.69
CA LEU A 61 17.00 16.90 3.77
C LEU A 61 16.18 16.79 5.05
N GLY A 62 16.85 16.85 6.19
CA GLY A 62 16.18 17.01 7.50
C GLY A 62 15.47 15.74 7.92
N ILE A 63 16.06 14.58 7.68
CA ILE A 63 15.46 13.27 8.04
C ILE A 63 15.78 12.98 9.50
N PRO A 64 14.76 12.72 10.37
CA PRO A 64 15.02 12.42 11.78
C PRO A 64 15.52 10.98 11.95
N PHE A 65 16.65 10.82 12.63
CA PHE A 65 17.22 9.49 12.90
C PHE A 65 17.03 9.15 14.38
N ALA A 66 16.58 10.09 15.18
CA ALA A 66 16.30 9.86 16.61
C ALA A 66 15.23 10.83 17.08
N LYS A 67 14.57 10.47 18.16
CA LYS A 67 13.62 11.33 18.92
C LYS A 67 14.40 12.57 19.38
N PRO A 68 13.77 13.77 19.38
CA PRO A 68 14.46 14.97 19.87
C PRO A 68 14.95 14.80 21.31
N PRO A 69 16.25 15.07 21.57
CA PRO A 69 16.87 14.82 22.88
C PRO A 69 16.59 15.98 23.82
N VAL A 70 15.31 16.17 24.10
CA VAL A 70 14.79 17.33 24.90
C VAL A 70 14.08 16.80 26.15
N GLY A 71 13.87 17.68 27.12
CA GLY A 71 13.23 17.32 28.40
C GLY A 71 14.06 16.26 29.09
N PRO A 72 13.46 15.12 29.49
CA PRO A 72 14.22 14.06 30.15
C PRO A 72 15.20 13.36 29.22
N LEU A 73 15.15 13.57 27.89
CA LEU A 73 16.10 12.93 26.94
C LEU A 73 17.36 13.77 26.76
N ARG A 74 17.41 14.96 27.37
CA ARG A 74 18.69 15.70 27.48
C ARG A 74 19.64 14.89 28.38
N PHE A 75 20.90 14.73 28.00
CA PHE A 75 21.90 13.90 28.70
C PHE A 75 21.41 12.45 28.83
N ALA A 76 20.68 11.95 27.83
CA ALA A 76 20.27 10.54 27.75
C ALA A 76 20.59 9.99 26.37
N PRO A 77 20.75 8.65 26.23
CA PRO A 77 21.00 8.04 24.93
C PRO A 77 19.90 8.37 23.92
N PRO A 78 20.23 8.41 22.61
CA PRO A 78 19.23 8.69 21.58
C PRO A 78 18.22 7.54 21.51
N GLU A 79 16.96 7.87 21.27
CA GLU A 79 15.88 6.87 21.15
C GLU A 79 15.29 6.91 19.74
N ALA A 80 14.55 5.87 19.38
CA ALA A 80 14.01 5.66 18.02
C ALA A 80 13.11 6.83 17.63
N PRO A 81 13.24 7.31 16.38
CA PRO A 81 12.38 8.39 15.88
C PRO A 81 10.94 7.90 15.75
N GLU A 82 10.00 8.84 15.87
CA GLU A 82 8.53 8.55 15.82
C GLU A 82 8.08 8.40 14.37
N PRO A 83 7.17 7.46 14.08
CA PRO A 83 6.59 7.36 12.77
C PRO A 83 5.65 8.52 12.47
N TRP A 84 5.39 8.76 11.20
CA TRP A 84 4.44 9.79 10.72
C TRP A 84 3.53 9.19 9.67
N SER A 85 2.35 9.78 9.52
CA SER A 85 1.43 9.59 8.38
C SER A 85 1.73 10.65 7.31
N GLY A 86 1.25 10.44 6.10
CA GLY A 86 1.44 11.38 5.00
C GLY A 86 2.90 11.36 4.56
N VAL A 87 3.25 12.27 3.67
CA VAL A 87 4.58 12.34 3.04
C VAL A 87 5.29 13.51 3.70
N ARG A 88 6.40 13.21 4.38
CA ARG A 88 7.22 14.23 5.07
C ARG A 88 7.93 15.10 4.03
N ASP A 89 7.96 16.41 4.27
CA ASP A 89 8.71 17.37 3.43
C ASP A 89 10.21 17.18 3.71
N GLY A 90 10.99 16.79 2.71
CA GLY A 90 12.45 16.67 2.79
C GLY A 90 13.17 17.71 1.96
N THR A 91 12.63 18.94 1.89
CA THR A 91 13.18 19.99 0.99
C THR A 91 13.87 21.10 1.78
N ALA A 92 13.86 21.09 3.11
CA ALA A 92 14.48 22.14 3.96
C ALA A 92 15.60 21.54 4.84
N HIS A 93 16.72 22.24 4.94
CA HIS A 93 17.82 21.88 5.85
C HIS A 93 17.31 21.87 7.29
N PRO A 94 17.80 20.93 8.12
CA PRO A 94 17.39 20.87 9.52
C PRO A 94 18.02 22.00 10.35
N ALA A 95 17.44 22.25 11.51
CA ALA A 95 18.09 23.03 12.58
C ALA A 95 19.46 22.44 12.88
N MET A 96 20.45 23.30 13.11
CA MET A 96 21.74 22.90 13.71
C MET A 96 21.57 22.75 15.22
N CYS A 97 22.41 21.92 15.84
CA CYS A 97 22.43 21.75 17.31
C CYS A 97 22.88 23.07 17.97
N LEU A 98 22.50 23.28 19.24
CA LEU A 98 22.85 24.49 20.01
C LEU A 98 24.37 24.63 20.00
N GLN A 99 24.81 25.83 19.69
CA GLN A 99 26.25 26.13 19.59
C GLN A 99 26.40 27.65 19.64
N ASN A 100 27.64 28.09 19.86
CA ASN A 100 28.03 29.52 19.87
C ASN A 100 28.25 29.99 18.43
N LEU A 101 27.36 30.83 17.89
CA LEU A 101 27.43 31.30 16.48
C LEU A 101 28.64 32.23 16.27
N ASP A 102 29.07 32.99 17.28
CA ASP A 102 30.28 33.85 17.12
C ASP A 102 31.45 32.95 16.69
N MET A 103 31.64 31.84 17.40
CA MET A 103 32.77 30.90 17.16
C MET A 103 32.60 30.26 15.77
N LEU A 104 31.36 29.89 15.41
CA LEU A 104 31.06 29.21 14.11
C LEU A 104 31.33 30.20 12.97
N ASN A 105 30.99 31.47 13.18
CA ASN A 105 31.28 32.58 12.24
C ASN A 105 32.80 32.85 12.12
N GLU A 106 33.58 32.80 13.22
CA GLU A 106 35.08 32.95 13.19
C GLU A 106 35.64 31.83 12.29
N ALA A 107 35.13 30.61 12.49
CA ALA A 107 35.36 29.45 11.58
C ALA A 107 34.46 29.59 10.34
N MET A 114 27.44 36.04 8.64
CA MET A 114 26.71 35.62 7.40
C MET A 114 25.20 35.51 7.68
N MET A 115 24.70 36.31 8.65
CA MET A 115 23.39 36.16 9.31
C MET A 115 23.09 34.66 9.48
N LEU A 116 24.02 33.93 10.14
CA LEU A 116 23.84 32.55 10.67
C LEU A 116 22.73 32.54 11.72
N SER A 117 22.40 33.70 12.32
CA SER A 117 21.21 33.92 13.20
C SER A 117 19.89 33.70 12.45
N SER A 118 19.87 33.77 11.12
CA SER A 118 18.63 33.52 10.34
C SER A 118 18.45 32.00 10.15
N PHE A 119 19.51 31.19 10.29
CA PHE A 119 19.42 29.70 10.14
C PHE A 119 18.82 29.08 11.40
N PRO A 120 17.96 28.08 11.29
CA PRO A 120 17.37 27.47 12.48
C PRO A 120 18.42 26.77 13.36
N MET A 121 18.29 26.93 14.66
CA MET A 121 19.16 26.31 15.69
C MET A 121 18.26 25.84 16.81
N SER A 122 18.45 24.61 17.29
CA SER A 122 17.53 23.99 18.28
C SER A 122 18.25 22.85 19.00
N GLU A 123 17.81 22.55 20.21
CA GLU A 123 18.16 21.26 20.86
C GLU A 123 17.58 20.11 20.04
N ASP A 124 16.49 20.37 19.32
CA ASP A 124 15.84 19.41 18.39
C ASP A 124 16.64 19.43 17.08
N CYS A 125 17.71 18.63 17.01
CA CYS A 125 18.71 18.77 15.92
C CYS A 125 19.19 17.40 15.38
N LEU A 126 18.59 16.27 15.79
CA LEU A 126 19.10 14.93 15.39
C LEU A 126 18.50 14.57 14.02
N TYR A 127 19.10 15.13 12.99
CA TYR A 127 18.70 14.97 11.58
C TYR A 127 19.92 14.66 10.71
N LEU A 128 19.65 14.05 9.56
CA LEU A 128 20.66 13.78 8.53
C LEU A 128 20.12 14.16 7.14
N ASN A 129 21.03 14.39 6.21
CA ASN A 129 20.72 14.78 4.82
C ASN A 129 21.30 13.70 3.89
N ILE A 130 20.62 13.44 2.78
CA ILE A 130 21.03 12.44 1.78
C ILE A 130 21.12 13.09 0.40
N TYR A 131 22.24 12.87 -0.27
CA TYR A 131 22.49 13.20 -1.69
C TYR A 131 22.61 11.88 -2.46
N THR A 132 21.80 11.68 -3.49
CA THR A 132 21.88 10.50 -4.37
C THR A 132 21.95 10.93 -5.84
N PRO A 133 22.61 10.15 -6.70
CA PRO A 133 22.50 10.37 -8.15
C PRO A 133 21.01 10.24 -8.51
N ALA A 134 20.50 11.11 -9.38
CA ALA A 134 19.06 11.13 -9.71
C ALA A 134 18.57 9.79 -10.30
N HIS A 135 19.44 8.94 -10.87
CA HIS A 135 19.04 7.60 -11.40
C HIS A 135 18.83 6.59 -10.27
N ALA A 136 19.23 6.90 -9.04
CA ALA A 136 19.13 5.95 -7.93
C ALA A 136 17.65 5.73 -7.56
N HIS A 137 17.33 4.51 -7.13
CA HIS A 137 16.00 4.09 -6.62
C HIS A 137 16.24 2.97 -5.59
N GLU A 138 15.20 2.56 -4.86
CA GLU A 138 15.22 1.31 -4.04
C GLU A 138 15.99 0.21 -4.78
N GLY A 139 17.09 -0.31 -4.19
CA GLY A 139 17.88 -1.44 -4.73
C GLY A 139 19.01 -1.09 -5.70
N SER A 140 19.28 0.19 -6.04
CA SER A 140 20.42 0.57 -6.93
C SER A 140 21.76 0.08 -6.34
N ASN A 141 21.86 -0.07 -5.02
CA ASN A 141 23.00 -0.75 -4.36
C ASN A 141 24.31 0.03 -4.56
N LEU A 142 24.24 1.37 -4.54
CA LEU A 142 25.43 2.25 -4.70
C LEU A 142 26.22 2.30 -3.40
N PRO A 143 27.55 2.54 -3.47
CA PRO A 143 28.33 2.73 -2.25
C PRO A 143 27.84 3.99 -1.50
N VAL A 144 28.00 3.97 -0.19
CA VAL A 144 27.51 5.05 0.69
C VAL A 144 28.70 5.65 1.43
N MET A 145 28.81 6.97 1.41
CA MET A 145 29.79 7.69 2.25
C MET A 145 29.02 8.55 3.25
N VAL A 146 29.31 8.38 4.53
CA VAL A 146 28.66 9.12 5.65
C VAL A 146 29.67 10.09 6.22
N TRP A 147 29.42 11.38 6.03
CA TRP A 147 30.26 12.51 6.49
C TRP A 147 29.88 12.89 7.93
N ILE A 148 30.88 12.93 8.78
CA ILE A 148 30.79 13.41 10.16
C ILE A 148 31.62 14.70 10.25
N HIS A 149 30.96 15.83 10.44
CA HIS A 149 31.61 17.16 10.48
C HIS A 149 32.46 17.33 11.73
N GLY A 150 33.50 18.16 11.59
CA GLY A 150 34.32 18.64 12.71
C GLY A 150 33.77 19.92 13.31
N GLY A 151 34.60 20.63 14.06
CA GLY A 151 34.20 21.76 14.94
C GLY A 151 34.48 21.53 16.42
N ALA A 152 35.51 20.72 16.75
CA ALA A 152 36.04 20.52 18.11
C ALA A 152 34.93 20.05 19.08
N LEU A 153 33.93 19.34 18.56
CA LEU A 153 32.75 18.79 19.25
C LEU A 153 31.92 19.91 19.90
N VAL A 154 32.05 21.16 19.43
CA VAL A 154 31.25 22.31 19.97
C VAL A 154 30.53 23.09 18.88
N ILE A 155 30.97 23.03 17.62
CA ILE A 155 30.28 23.75 16.51
C ILE A 155 30.15 22.82 15.29
N GLY A 156 29.30 23.26 14.38
CA GLY A 156 29.17 22.68 13.04
C GLY A 156 27.76 22.19 12.77
N MET A 157 27.53 21.77 11.52
CA MET A 157 26.19 21.34 11.09
C MET A 157 26.33 20.61 9.76
N ALA A 158 25.33 19.81 9.42
CA ALA A 158 25.36 18.96 8.20
C ALA A 158 25.28 19.83 6.94
N SER A 159 24.50 20.90 6.98
CA SER A 159 24.13 21.72 5.80
C SER A 159 25.36 22.46 5.26
N MET A 160 26.40 22.63 6.04
CA MET A 160 27.71 23.20 5.63
C MET A 160 28.32 22.33 4.53
N PHE A 161 27.95 21.06 4.42
CA PHE A 161 28.64 20.11 3.52
C PHE A 161 27.67 19.66 2.45
N ASP A 162 27.86 20.17 1.24
CA ASP A 162 26.96 19.84 0.11
C ASP A 162 27.58 18.64 -0.59
N GLY A 163 26.97 17.46 -0.48
CA GLY A 163 27.48 16.24 -1.10
C GLY A 163 27.19 16.12 -2.59
N SER A 164 26.54 17.12 -3.23
CA SER A 164 26.00 17.00 -4.62
C SER A 164 27.12 16.62 -5.62
N LEU A 165 28.23 17.33 -5.60
CA LEU A 165 29.30 17.12 -6.62
C LEU A 165 30.01 15.77 -6.41
N LEU A 166 30.23 15.37 -5.16
CA LEU A 166 30.81 14.04 -4.87
C LEU A 166 29.83 12.96 -5.37
N THR A 167 28.52 13.11 -5.14
CA THR A 167 27.54 12.10 -5.62
C THR A 167 27.56 12.03 -7.14
N VAL A 168 27.54 13.15 -7.84
CA VAL A 168 27.40 13.09 -9.33
C VAL A 168 28.71 12.67 -9.99
N ASN A 169 29.85 13.15 -9.51
CA ASN A 169 31.17 12.86 -10.15
C ASN A 169 31.54 11.39 -9.91
N GLU A 170 31.14 10.79 -8.78
CA GLU A 170 31.65 9.44 -8.40
C GLU A 170 30.53 8.40 -8.28
N ASP A 171 29.29 8.77 -8.57
CA ASP A 171 28.14 7.82 -8.61
C ASP A 171 27.97 7.12 -7.25
N LEU A 172 27.80 7.89 -6.21
CA LEU A 172 27.61 7.29 -4.87
C LEU A 172 26.62 8.11 -4.04
N VAL A 173 26.17 7.52 -2.94
CA VAL A 173 25.24 8.18 -2.00
C VAL A 173 26.06 8.84 -0.90
N VAL A 174 25.78 10.11 -0.64
CA VAL A 174 26.47 10.86 0.43
C VAL A 174 25.43 11.20 1.49
N VAL A 175 25.75 10.89 2.73
CA VAL A 175 24.88 11.19 3.90
C VAL A 175 25.68 12.15 4.77
N THR A 176 25.08 13.24 5.19
CA THR A 176 25.69 14.17 6.16
C THR A 176 24.88 14.12 7.43
N ILE A 177 25.54 13.91 8.58
CA ILE A 177 24.80 13.67 9.85
C ILE A 177 25.03 14.83 10.81
N GLN A 178 24.12 14.95 11.77
CA GLN A 178 24.30 15.83 12.94
C GLN A 178 24.39 14.98 14.19
N TYR A 179 24.85 15.60 15.25
CA TYR A 179 25.02 14.95 16.59
C TYR A 179 25.11 16.06 17.61
N ARG A 180 24.72 15.77 18.83
CA ARG A 180 24.74 16.78 19.92
C ARG A 180 26.17 17.31 20.13
N LEU A 181 26.27 18.61 20.34
CA LEU A 181 27.55 19.35 20.47
C LEU A 181 27.66 19.98 21.86
N GLY A 182 28.89 20.31 22.24
CA GLY A 182 29.19 21.02 23.49
C GLY A 182 28.65 20.31 24.70
N VAL A 183 28.14 21.08 25.64
CA VAL A 183 27.62 20.55 26.93
C VAL A 183 26.54 19.50 26.66
N LEU A 184 25.61 19.76 25.73
CA LEU A 184 24.51 18.79 25.47
C LEU A 184 25.07 17.49 24.88
N GLY A 185 26.19 17.53 24.17
CA GLY A 185 26.81 16.36 23.55
C GLY A 185 27.75 15.60 24.47
N PHE A 186 28.42 16.26 25.41
CA PHE A 186 29.63 15.67 26.06
C PHE A 186 29.71 15.99 27.56
N PHE A 187 28.67 16.54 28.17
CA PHE A 187 28.62 16.68 29.64
C PHE A 187 28.57 15.29 30.27
N SER A 188 29.44 15.04 31.26
CA SER A 188 29.53 13.79 32.03
C SER A 188 29.71 14.11 33.52
N THR A 189 29.07 13.33 34.39
CA THR A 189 29.32 13.34 35.85
C THR A 189 30.34 12.25 36.22
N GLY A 190 30.80 11.43 35.28
CA GLY A 190 31.61 10.24 35.60
C GLY A 190 30.84 9.17 36.37
N ASP A 191 29.50 9.16 36.34
CA ASP A 191 28.70 8.14 37.06
C ASP A 191 27.38 7.92 36.31
N GLN A 192 26.48 7.14 36.91
CA GLN A 192 25.28 6.64 36.20
C GLN A 192 24.37 7.80 35.79
N HIS A 193 24.42 8.95 36.49
CA HIS A 193 23.43 10.04 36.25
C HIS A 193 23.72 10.77 34.92
N ALA A 194 24.97 10.76 34.44
CA ALA A 194 25.36 11.32 33.13
C ALA A 194 26.68 10.70 32.67
N ARG A 195 26.61 9.50 32.10
CA ARG A 195 27.79 8.72 31.73
C ARG A 195 28.60 9.48 30.66
N GLY A 196 27.93 10.11 29.70
CA GLY A 196 28.56 11.01 28.74
C GLY A 196 28.53 10.53 27.30
N ASN A 197 29.20 11.28 26.43
CA ASN A 197 29.40 10.98 24.99
C ASN A 197 28.07 10.85 24.25
N TRP A 198 27.09 11.67 24.62
CA TRP A 198 25.77 11.73 23.95
C TRP A 198 25.95 11.92 22.45
N GLY A 199 26.87 12.80 22.04
CA GLY A 199 27.08 13.11 20.62
C GLY A 199 27.62 11.89 19.86
N TYR A 200 28.48 11.08 20.48
CA TYR A 200 28.98 9.86 19.84
C TYR A 200 27.85 8.82 19.77
N LEU A 201 27.02 8.71 20.81
CA LEU A 201 25.85 7.80 20.76
C LEU A 201 24.90 8.25 19.63
N ASP A 202 24.71 9.56 19.42
CA ASP A 202 23.89 10.11 18.31
C ASP A 202 24.49 9.67 16.97
N GLN A 203 25.79 9.79 16.83
CA GLN A 203 26.45 9.41 15.55
C GLN A 203 26.17 7.94 15.27
N ALA A 204 26.29 7.08 16.28
CA ALA A 204 26.02 5.64 16.12
C ALA A 204 24.55 5.41 15.75
N ALA A 205 23.63 6.14 16.35
CA ALA A 205 22.18 6.06 16.00
C ALA A 205 21.97 6.44 14.52
N ALA A 206 22.69 7.44 14.03
CA ALA A 206 22.59 7.84 12.60
C ALA A 206 23.09 6.70 11.74
N LEU A 207 24.19 6.06 12.12
CA LEU A 207 24.74 4.93 11.34
C LEU A 207 23.79 3.73 11.36
N ARG A 208 23.08 3.48 12.48
N ARG A 208 23.09 3.48 12.46
CA ARG A 208 22.05 2.42 12.54
CA ARG A 208 22.04 2.42 12.53
C ARG A 208 20.90 2.80 11.59
C ARG A 208 20.90 2.80 11.58
N TRP A 209 20.50 4.07 11.54
N TRP A 209 20.51 4.07 11.54
CA TRP A 209 19.46 4.55 10.59
CA TRP A 209 19.47 4.55 10.60
C TRP A 209 19.91 4.21 9.17
N VAL A 210 21.18 4.45 8.84
CA VAL A 210 21.71 4.18 7.46
C VAL A 210 21.59 2.69 7.16
N GLN A 211 21.98 1.81 8.08
CA GLN A 211 21.82 0.35 7.91
C GLN A 211 20.36 -0.01 7.65
N GLN A 212 19.45 0.59 8.41
N GLN A 212 19.45 0.59 8.40
CA GLN A 212 18.00 0.27 8.35
CA GLN A 212 18.00 0.27 8.34
C GLN A 212 17.37 0.80 7.04
C GLN A 212 17.38 0.81 7.05
N ASN A 213 17.84 1.93 6.49
N ASN A 213 17.84 1.93 6.50
CA ASN A 213 17.03 2.72 5.52
CA ASN A 213 17.03 2.72 5.52
C ASN A 213 17.72 2.99 4.19
N ILE A 214 19.05 2.90 4.11
CA ILE A 214 19.74 3.51 2.93
C ILE A 214 19.38 2.78 1.64
N ALA A 215 19.07 1.48 1.68
CA ALA A 215 18.60 0.72 0.49
C ALA A 215 17.38 1.40 -0.12
N HIS A 216 16.49 2.00 0.68
CA HIS A 216 15.30 2.70 0.15
C HIS A 216 15.70 3.90 -0.72
N PHE A 217 16.92 4.42 -0.56
CA PHE A 217 17.45 5.58 -1.31
C PHE A 217 18.45 5.14 -2.39
N GLY A 218 18.68 3.84 -2.52
CA GLY A 218 19.57 3.25 -3.55
C GLY A 218 20.98 3.02 -3.07
N GLY A 219 21.22 3.09 -1.76
CA GLY A 219 22.53 2.78 -1.19
C GLY A 219 22.63 1.32 -0.81
N ASN A 220 23.84 0.79 -0.77
CA ASN A 220 24.13 -0.57 -0.27
C ASN A 220 24.57 -0.48 1.18
N PRO A 221 23.77 -0.96 2.16
CA PRO A 221 24.12 -0.89 3.56
C PRO A 221 25.35 -1.73 3.93
N ASP A 222 25.76 -2.65 3.06
CA ASP A 222 27.00 -3.45 3.26
C ASP A 222 28.21 -2.72 2.69
N ARG A 223 28.06 -1.48 2.20
CA ARG A 223 29.18 -0.76 1.55
C ARG A 223 29.15 0.70 2.03
N VAL A 224 29.26 0.86 3.32
CA VAL A 224 29.20 2.19 3.98
C VAL A 224 30.63 2.54 4.41
N THR A 225 31.09 3.71 3.99
CA THR A 225 32.35 4.31 4.46
C THR A 225 32.03 5.54 5.30
N ILE A 226 32.57 5.60 6.52
CA ILE A 226 32.45 6.82 7.37
C ILE A 226 33.69 7.68 7.09
N PHE A 227 33.49 8.97 6.93
CA PHE A 227 34.61 9.93 6.67
C PHE A 227 34.30 11.23 7.40
N GLY A 228 35.35 11.94 7.78
CA GLY A 228 35.21 13.16 8.57
C GLY A 228 36.53 13.88 8.72
N GLU A 229 36.45 15.16 9.06
CA GLU A 229 37.65 16.00 9.19
C GLU A 229 37.71 16.58 10.61
N SER A 230 38.91 16.56 11.15
CA SER A 230 39.28 17.07 12.49
C SER A 230 38.46 16.37 13.58
N ALA A 231 37.58 17.04 14.34
CA ALA A 231 36.72 16.35 15.33
C ALA A 231 35.88 15.26 14.64
N GLY A 232 35.58 15.43 13.35
CA GLY A 232 34.89 14.42 12.52
C GLY A 232 35.79 13.24 12.24
N GLY A 233 37.09 13.47 12.02
CA GLY A 233 38.09 12.38 11.91
C GLY A 233 38.25 11.65 13.22
N THR A 234 38.33 12.40 14.29
CA THR A 234 38.35 11.84 15.66
C THR A 234 37.10 11.00 15.88
N SER A 235 35.94 11.51 15.48
CA SER A 235 34.66 10.77 15.56
C SER A 235 34.80 9.43 14.79
N VAL A 236 35.20 9.49 13.52
CA VAL A 236 35.34 8.29 12.66
C VAL A 236 36.27 7.29 13.37
N SER A 237 37.45 7.76 13.78
CA SER A 237 38.49 6.92 14.44
C SER A 237 37.89 6.30 15.72
N SER A 238 37.04 7.04 16.43
CA SER A 238 36.37 6.57 17.65
C SER A 238 35.37 5.46 17.29
N HIS A 239 34.60 5.59 16.20
CA HIS A 239 33.70 4.50 15.75
C HIS A 239 34.55 3.26 15.41
N VAL A 240 35.69 3.45 14.76
CA VAL A 240 36.57 2.33 14.34
C VAL A 240 36.93 1.48 15.56
N VAL A 241 37.03 2.05 16.76
CA VAL A 241 37.39 1.30 18.01
C VAL A 241 36.18 0.93 18.85
N SER A 242 35.02 1.55 18.68
CA SER A 242 33.86 1.37 19.57
C SER A 242 33.19 0.02 19.25
N PRO A 243 33.12 -0.93 20.21
CA PRO A 243 32.50 -2.23 19.92
C PRO A 243 31.05 -2.13 19.41
N MET A 244 30.25 -1.21 19.94
N MET A 244 30.25 -1.21 19.94
CA MET A 244 28.82 -1.12 19.53
CA MET A 244 28.82 -1.13 19.53
C MET A 244 28.66 -0.41 18.17
C MET A 244 28.66 -0.41 18.17
N SER A 245 29.73 0.13 17.58
N SER A 245 29.73 0.13 17.58
CA SER A 245 29.67 0.68 16.19
CA SER A 245 29.67 0.68 16.19
C SER A 245 30.08 -0.37 15.15
N GLN A 246 30.57 -1.54 15.55
CA GLN A 246 31.06 -2.55 14.59
C GLN A 246 29.89 -3.12 13.79
N GLY A 247 30.11 -3.33 12.47
CA GLY A 247 29.04 -3.73 11.55
C GLY A 247 28.23 -2.55 11.01
N LEU A 248 28.49 -1.30 11.44
CA LEU A 248 27.74 -0.14 10.92
C LEU A 248 28.45 0.52 9.73
N PHE A 249 29.61 0.02 9.35
CA PHE A 249 30.44 0.58 8.25
C PHE A 249 31.50 -0.44 7.89
N HIS A 250 32.03 -0.34 6.68
N HIS A 250 32.03 -0.35 6.67
CA HIS A 250 32.95 -1.33 6.08
CA HIS A 250 32.97 -1.33 6.06
C HIS A 250 34.32 -0.68 5.78
C HIS A 250 34.33 -0.67 5.79
N GLY A 251 34.42 0.64 5.90
N GLY A 251 34.42 0.66 5.92
CA GLY A 251 35.67 1.40 5.69
CA GLY A 251 35.67 1.40 5.69
C GLY A 251 35.63 2.74 6.39
N ALA A 252 36.79 3.37 6.56
CA ALA A 252 36.89 4.63 7.36
C ALA A 252 37.93 5.56 6.77
N ILE A 253 37.63 6.87 6.71
CA ILE A 253 38.57 7.92 6.26
C ILE A 253 38.68 8.99 7.34
N MET A 254 39.87 9.15 7.89
CA MET A 254 40.17 10.07 9.01
C MET A 254 41.05 11.20 8.48
N GLU A 255 40.43 12.35 8.22
CA GLU A 255 41.14 13.57 7.71
C GLU A 255 41.50 14.46 8.90
N SER A 256 42.79 14.58 9.21
CA SER A 256 43.30 15.52 10.23
C SER A 256 42.61 15.32 11.57
N GLY A 257 42.36 14.08 11.97
CA GLY A 257 41.86 13.80 13.32
C GLY A 257 41.73 12.32 13.53
N VAL A 258 42.17 11.84 14.70
CA VAL A 258 41.98 10.44 15.13
C VAL A 258 41.60 10.41 16.61
N ALA A 259 41.32 9.22 17.13
CA ALA A 259 40.74 9.01 18.48
C ALA A 259 41.68 9.49 19.60
N LEU A 260 42.97 9.63 19.31
CA LEU A 260 43.99 10.08 20.29
C LEU A 260 44.26 11.60 20.18
N LEU A 261 43.49 12.37 19.41
CA LEU A 261 43.63 13.85 19.39
C LEU A 261 43.49 14.33 20.84
N PRO A 262 44.58 14.81 21.49
CA PRO A 262 44.60 14.93 22.96
C PRO A 262 43.45 15.75 23.57
N ASP A 263 43.10 16.89 22.97
CA ASP A 263 42.02 17.78 23.51
C ASP A 263 40.61 17.15 23.41
N LEU A 264 40.41 16.09 22.62
CA LEU A 264 39.02 15.54 22.44
C LEU A 264 38.82 14.23 23.18
N ILE A 265 39.78 13.80 24.00
CA ILE A 265 39.63 12.54 24.79
C ILE A 265 40.23 12.76 26.18
N SER A 266 39.51 12.35 27.21
CA SER A 266 39.85 12.66 28.63
C SER A 266 39.57 11.45 29.49
N GLU A 267 40.47 11.19 30.44
CA GLU A 267 40.36 10.13 31.48
C GLU A 267 39.50 10.65 32.64
N THR A 268 39.15 11.94 32.68
CA THR A 268 38.33 12.51 33.78
C THR A 268 37.17 13.34 33.23
N SER A 269 36.08 13.46 34.00
CA SER A 269 34.90 14.29 33.68
C SER A 269 34.93 15.62 34.46
N GLU A 270 35.95 15.89 35.26
CA GLU A 270 35.88 16.77 36.45
C GLU A 270 35.94 18.25 36.08
N MET A 271 36.81 18.66 35.15
CA MET A 271 36.96 20.10 34.80
C MET A 271 35.66 20.58 34.13
N VAL A 272 35.15 19.81 33.16
CA VAL A 272 33.91 20.17 32.44
C VAL A 272 32.77 20.22 33.44
N SER A 273 32.57 19.19 34.24
CA SER A 273 31.38 19.13 35.12
C SER A 273 31.45 20.24 36.18
N THR A 274 32.62 20.52 36.75
CA THR A 274 32.72 21.60 37.77
C THR A 274 32.54 22.96 37.10
N THR A 275 33.06 23.15 35.89
CA THR A 275 32.81 24.41 35.12
C THR A 275 31.31 24.58 34.89
N VAL A 276 30.63 23.54 34.42
CA VAL A 276 29.18 23.61 34.13
C VAL A 276 28.40 23.88 35.42
N ALA A 277 28.73 23.21 36.53
CA ALA A 277 28.02 23.42 37.82
C ALA A 277 28.16 24.89 38.23
N LYS A 278 29.35 25.47 38.09
CA LYS A 278 29.59 26.88 38.49
C LYS A 278 28.78 27.81 37.59
N LEU A 279 28.92 27.72 36.28
CA LEU A 279 28.24 28.67 35.33
C LEU A 279 26.72 28.53 35.41
N SER A 280 26.19 27.33 35.70
CA SER A 280 24.73 27.06 35.68
C SER A 280 24.09 27.55 36.98
N GLY A 281 24.88 27.79 38.04
CA GLY A 281 24.34 28.00 39.40
C GLY A 281 23.80 26.71 40.02
N CYS A 282 24.24 25.55 39.53
CA CYS A 282 23.85 24.21 40.07
C CYS A 282 25.04 23.70 40.90
N GLU A 283 25.55 24.52 41.82
CA GLU A 283 26.71 24.15 42.68
C GLU A 283 26.20 23.46 43.96
N ALA A 284 27.09 22.78 44.68
CA ALA A 284 26.83 22.18 46.02
C ALA A 284 25.71 21.15 45.90
N MET A 285 25.72 20.41 44.78
CA MET A 285 24.71 19.38 44.44
C MET A 285 25.47 18.07 44.18
N ASP A 286 24.88 16.91 44.51
CA ASP A 286 25.38 15.61 44.01
C ASP A 286 25.05 15.48 42.51
N SER A 287 25.61 14.48 41.83
CA SER A 287 25.41 14.21 40.38
C SER A 287 23.93 14.19 40.02
N GLN A 288 23.13 13.46 40.78
CA GLN A 288 21.69 13.31 40.48
C GLN A 288 21.02 14.69 40.49
N ALA A 289 21.30 15.51 41.49
CA ALA A 289 20.68 16.85 41.62
C ALA A 289 21.27 17.77 40.54
N LEU A 290 22.54 17.65 40.21
CA LEU A 290 23.16 18.49 39.14
C LEU A 290 22.47 18.22 37.80
N VAL A 291 22.30 16.97 37.42
CA VAL A 291 21.65 16.60 36.14
C VAL A 291 20.20 17.10 36.15
N ARG A 292 19.49 16.94 37.27
CA ARG A 292 18.08 17.42 37.40
C ARG A 292 18.05 18.93 37.19
N CYS A 293 18.93 19.67 37.84
CA CYS A 293 19.08 21.13 37.73
C CYS A 293 19.37 21.50 36.25
N LEU A 294 20.29 20.82 35.59
CA LEU A 294 20.67 21.16 34.19
C LEU A 294 19.51 20.83 33.24
N ARG A 295 18.70 19.82 33.53
CA ARG A 295 17.52 19.47 32.68
C ARG A 295 16.44 20.55 32.78
N GLY A 296 16.41 21.34 33.85
CA GLY A 296 15.47 22.46 34.00
C GLY A 296 15.90 23.72 33.26
N LYS A 297 17.14 23.78 32.76
CA LYS A 297 17.66 25.00 32.10
C LYS A 297 17.06 25.19 30.70
N SER A 298 16.75 26.42 30.34
CA SER A 298 16.22 26.80 29.00
C SER A 298 17.33 26.68 27.95
N GLU A 299 16.98 26.74 26.67
CA GLU A 299 17.99 26.75 25.57
C GLU A 299 18.93 27.96 25.76
N ALA A 300 18.39 29.13 26.13
CA ALA A 300 19.21 30.35 26.31
C ALA A 300 20.21 30.14 27.47
N GLU A 301 19.76 29.57 28.58
CA GLU A 301 20.65 29.31 29.74
C GLU A 301 21.72 28.29 29.34
N ILE A 302 21.34 27.25 28.59
CA ILE A 302 22.32 26.23 28.11
C ILE A 302 23.34 26.92 27.20
N LEU A 303 22.90 27.79 26.29
CA LEU A 303 23.82 28.48 25.34
C LEU A 303 24.83 29.31 26.13
N ALA A 304 24.40 29.99 27.19
CA ALA A 304 25.28 30.86 28.00
C ALA A 304 26.31 29.99 28.72
N ILE A 305 25.94 28.83 29.24
CA ILE A 305 26.89 27.88 29.89
C ILE A 305 27.86 27.36 28.82
N ASN A 306 27.31 27.02 27.64
CA ASN A 306 28.04 26.38 26.53
C ASN A 306 29.11 27.30 25.95
N LYS A 307 28.90 28.61 26.03
CA LYS A 307 29.67 29.64 25.27
C LYS A 307 31.15 29.58 25.64
N VAL A 308 31.51 29.17 26.85
CA VAL A 308 32.93 29.20 27.31
C VAL A 308 33.75 28.06 26.69
N PHE A 309 33.12 27.04 26.06
CA PHE A 309 33.87 25.84 25.59
C PHE A 309 34.30 26.04 24.14
N LYS A 310 35.61 26.18 23.91
CA LYS A 310 36.16 26.26 22.53
C LYS A 310 36.38 24.84 22.01
N MET A 311 36.34 23.87 22.91
CA MET A 311 36.45 22.42 22.60
C MET A 311 35.85 21.68 23.78
N ILE A 312 35.46 20.43 23.59
CA ILE A 312 34.96 19.61 24.73
C ILE A 312 35.38 18.18 24.46
N PRO A 313 35.87 17.45 25.48
CA PRO A 313 36.32 16.07 25.27
C PRO A 313 35.24 15.00 25.49
N ALA A 314 35.41 13.90 24.78
CA ALA A 314 34.78 12.62 25.09
C ALA A 314 35.46 12.02 26.33
N VAL A 315 34.73 11.15 27.03
CA VAL A 315 35.23 10.47 28.24
C VAL A 315 35.13 8.97 28.02
N VAL A 316 35.61 8.17 28.98
CA VAL A 316 35.33 6.70 28.98
C VAL A 316 33.95 6.51 29.63
N ASP A 317 32.88 6.45 28.83
CA ASP A 317 31.49 6.59 29.31
C ASP A 317 30.94 5.21 29.69
N GLY A 318 31.53 4.13 29.19
CA GLY A 318 31.06 2.75 29.43
C GLY A 318 30.19 2.19 28.30
N GLU A 319 29.39 2.99 27.59
CA GLU A 319 28.49 2.51 26.51
C GLU A 319 29.24 2.62 25.17
N PHE A 320 29.70 3.81 24.80
CA PHE A 320 30.41 4.04 23.53
C PHE A 320 31.85 3.53 23.64
N PHE A 321 32.55 3.97 24.69
CA PHE A 321 33.93 3.52 25.03
C PHE A 321 33.89 2.76 26.36
N PRO A 322 33.99 1.43 26.32
CA PRO A 322 34.07 0.64 27.55
C PRO A 322 35.44 0.81 28.25
N ARG A 323 36.46 1.14 27.46
N ARG A 323 36.46 1.13 27.46
CA ARG A 323 37.85 1.43 27.88
CA ARG A 323 37.84 1.44 27.90
C ARG A 323 38.32 2.62 27.06
C ARG A 323 38.32 2.61 27.06
N HIS A 324 39.40 3.26 27.48
N HIS A 324 39.40 3.26 27.48
CA HIS A 324 40.05 4.38 26.75
CA HIS A 324 40.05 4.38 26.75
C HIS A 324 40.39 3.91 25.35
N PRO A 325 40.23 4.76 24.31
CA PRO A 325 40.61 4.40 22.95
C PRO A 325 42.04 3.85 22.81
N LYS A 326 43.00 4.34 23.59
CA LYS A 326 44.42 3.87 23.52
C LYS A 326 44.47 2.38 23.89
N GLU A 327 43.67 1.93 24.84
CA GLU A 327 43.60 0.49 25.21
C GLU A 327 42.91 -0.29 24.08
N LEU A 328 41.84 0.25 23.50
CA LEU A 328 41.10 -0.45 22.42
C LEU A 328 42.01 -0.62 21.21
N LEU A 329 42.80 0.41 20.90
CA LEU A 329 43.73 0.41 19.73
C LEU A 329 44.82 -0.64 19.95
N ALA A 330 45.29 -0.84 21.19
CA ALA A 330 46.46 -1.72 21.51
C ALA A 330 46.01 -3.17 21.67
N SER A 331 44.71 -3.41 21.77
CA SER A 331 44.14 -4.75 22.03
C SER A 331 44.54 -5.76 20.94
N GLU A 332 44.84 -6.99 21.33
CA GLU A 332 45.14 -8.11 20.41
C GLU A 332 43.87 -8.48 19.65
N ASP A 333 42.68 -8.15 20.18
CA ASP A 333 41.36 -8.43 19.55
C ASP A 333 40.86 -7.24 18.69
N PHE A 334 41.68 -6.22 18.46
CA PHE A 334 41.29 -5.05 17.63
C PHE A 334 41.15 -5.49 16.17
N HIS A 335 39.97 -5.31 15.57
CA HIS A 335 39.72 -5.69 14.14
C HIS A 335 39.22 -4.47 13.36
N PRO A 336 40.08 -3.46 13.09
CA PRO A 336 39.66 -2.29 12.34
C PRO A 336 39.27 -2.62 10.90
N VAL A 337 38.32 -1.87 10.37
CA VAL A 337 38.03 -1.82 8.91
C VAL A 337 39.23 -1.24 8.19
N PRO A 338 39.35 -1.51 6.88
CA PRO A 338 40.28 -0.80 6.03
C PRO A 338 40.07 0.72 6.18
N SER A 339 41.17 1.48 6.18
CA SER A 339 41.16 2.91 6.50
C SER A 339 42.08 3.74 5.58
N ILE A 340 41.65 4.96 5.31
CA ILE A 340 42.53 6.09 4.94
C ILE A 340 42.73 6.96 6.19
N ILE A 341 43.98 7.31 6.46
CA ILE A 341 44.33 8.23 7.58
C ILE A 341 45.27 9.26 6.98
N GLY A 342 45.03 10.54 7.25
CA GLY A 342 45.98 11.55 6.78
C GLY A 342 45.90 12.86 7.55
N VAL A 343 46.85 13.73 7.21
CA VAL A 343 47.04 15.04 7.88
C VAL A 343 47.48 16.04 6.81
N ASN A 344 47.41 17.32 7.16
CA ASN A 344 47.92 18.42 6.33
C ASN A 344 49.31 18.77 6.87
N ASN A 345 50.12 19.44 6.07
CA ASN A 345 51.52 19.74 6.47
C ASN A 345 51.55 21.01 7.33
N ASP A 346 50.44 21.70 7.58
CA ASP A 346 50.45 22.91 8.45
C ASP A 346 49.18 23.02 9.30
N GLU A 347 48.87 21.97 10.07
CA GLU A 347 47.56 21.81 10.76
C GLU A 347 47.32 22.98 11.72
N PHE A 348 48.37 23.50 12.35
CA PHE A 348 48.22 24.61 13.34
C PHE A 348 48.74 25.94 12.75
N GLY A 349 48.76 26.06 11.44
CA GLY A 349 49.41 27.17 10.73
C GLY A 349 48.72 28.50 10.93
N TRP A 350 47.38 28.53 10.93
CA TRP A 350 46.63 29.81 10.90
C TRP A 350 45.24 29.68 11.56
N SER A 351 44.31 28.91 10.98
CA SER A 351 42.88 28.98 11.40
C SER A 351 42.73 28.52 12.86
N ILE A 352 43.43 27.49 13.34
CA ILE A 352 43.16 26.99 14.72
C ILE A 352 43.60 28.04 15.73
N PRO A 353 44.86 28.54 15.73
CA PRO A 353 45.24 29.56 16.72
C PRO A 353 44.38 30.83 16.63
N VAL A 354 43.97 31.25 15.44
CA VAL A 354 43.07 32.43 15.28
C VAL A 354 41.71 32.15 15.96
N VAL A 355 41.05 31.03 15.65
CA VAL A 355 39.73 30.65 16.23
C VAL A 355 39.85 30.41 17.74
N MET A 356 40.93 29.80 18.21
CA MET A 356 41.12 29.43 19.65
C MET A 356 41.63 30.64 20.45
N GLY A 357 42.04 31.72 19.79
CA GLY A 357 42.52 32.95 20.46
C GLY A 357 43.95 32.84 21.00
N SER A 358 44.78 31.91 20.51
CA SER A 358 46.23 31.80 20.87
C SER A 358 47.12 32.56 19.87
N ALA A 359 46.54 33.17 18.82
CA ALA A 359 47.32 33.85 17.75
C ALA A 359 48.15 35.01 18.31
N GLN A 360 47.57 35.82 19.21
CA GLN A 360 48.26 37.00 19.78
C GLN A 360 49.49 36.52 20.57
N MET A 361 49.30 35.53 21.44
CA MET A 361 50.40 34.92 22.22
C MET A 361 51.50 34.46 21.26
N ILE A 362 51.15 33.81 20.16
CA ILE A 362 52.16 33.24 19.22
C ILE A 362 52.96 34.40 18.61
N LYS A 363 52.29 35.45 18.14
CA LYS A 363 52.96 36.63 17.52
C LYS A 363 53.91 37.30 18.54
N GLY A 364 53.69 37.07 19.84
CA GLY A 364 54.53 37.59 20.94
C GLY A 364 55.77 36.73 21.22
N ILE A 365 55.90 35.56 20.60
CA ILE A 365 57.05 34.66 20.89
C ILE A 365 58.34 35.33 20.36
N THR A 366 59.39 35.32 21.17
CA THR A 366 60.78 35.72 20.81
C THR A 366 61.72 34.76 21.52
N ARG A 367 63.01 34.77 21.19
CA ARG A 367 64.03 33.94 21.88
C ARG A 367 64.07 34.29 23.37
N GLU A 368 63.70 35.50 23.75
CA GLU A 368 63.77 36.00 25.15
C GLU A 368 62.70 35.28 26.00
N ASN A 369 61.46 35.12 25.52
CA ASN A 369 60.37 34.52 26.33
C ASN A 369 60.13 33.03 25.96
N LEU A 370 60.88 32.50 25.00
CA LEU A 370 60.60 31.16 24.41
C LEU A 370 60.53 30.10 25.52
N GLN A 371 61.50 30.09 26.43
CA GLN A 371 61.61 29.09 27.53
C GLN A 371 60.32 29.11 28.37
N ALA A 372 59.82 30.29 28.72
CA ALA A 372 58.60 30.47 29.55
C ALA A 372 57.37 29.97 28.78
N VAL A 373 57.25 30.34 27.51
CA VAL A 373 56.16 29.88 26.60
C VAL A 373 56.17 28.35 26.54
N LEU A 374 57.35 27.72 26.41
CA LEU A 374 57.44 26.25 26.27
C LEU A 374 57.11 25.57 27.61
N LYS A 375 57.37 26.21 28.76
CA LYS A 375 56.98 25.65 30.08
C LYS A 375 55.44 25.65 30.19
N ASP A 376 54.79 26.75 29.81
CA ASP A 376 53.30 26.86 29.76
C ASP A 376 52.77 25.80 28.78
N THR A 377 53.40 25.66 27.62
CA THR A 377 52.97 24.73 26.56
C THR A 377 53.10 23.29 27.09
N ALA A 378 54.22 22.97 27.74
CA ALA A 378 54.45 21.63 28.33
C ALA A 378 53.30 21.29 29.30
N VAL A 379 52.83 22.27 30.10
CA VAL A 379 51.71 22.07 31.05
C VAL A 379 50.44 21.71 30.26
N GLN A 380 50.09 22.46 29.22
CA GLN A 380 48.92 22.19 28.34
C GLN A 380 49.05 20.79 27.71
N MET A 381 50.27 20.36 27.36
CA MET A 381 50.55 19.03 26.75
C MET A 381 50.52 17.93 27.82
N MET A 382 50.25 18.28 29.08
CA MET A 382 50.26 17.35 30.24
C MET A 382 51.65 16.71 30.37
N LEU A 383 52.70 17.50 30.13
CA LEU A 383 54.12 17.14 30.38
C LEU A 383 54.64 17.90 31.60
N PRO A 384 55.71 17.40 32.26
CA PRO A 384 56.39 18.20 33.29
C PRO A 384 57.03 19.43 32.62
N PRO A 385 56.91 20.65 33.20
CA PRO A 385 57.55 21.85 32.64
C PRO A 385 59.08 21.79 32.45
N GLU A 386 59.74 20.83 33.11
CA GLU A 386 61.18 20.49 32.93
C GLU A 386 61.45 20.09 31.48
N CYS A 387 60.46 19.52 30.77
CA CYS A 387 60.56 19.03 29.36
C CYS A 387 60.70 20.20 28.38
N SER A 388 60.46 21.44 28.83
CA SER A 388 60.51 22.64 27.96
C SER A 388 61.85 22.70 27.19
N ASP A 389 62.95 22.30 27.82
CA ASP A 389 64.29 22.36 27.18
C ASP A 389 64.34 21.35 26.04
N LEU A 390 63.71 20.16 26.23
CA LEU A 390 63.70 19.09 25.20
C LEU A 390 62.86 19.57 24.01
N LEU A 391 61.68 20.15 24.26
CA LEU A 391 60.81 20.75 23.21
C LEU A 391 61.64 21.77 22.44
N MET A 392 62.32 22.69 23.14
CA MET A 392 63.09 23.80 22.53
C MET A 392 64.20 23.22 21.63
N GLU A 393 64.94 22.24 22.11
CA GLU A 393 66.04 21.65 21.33
C GLU A 393 65.48 20.96 20.09
N GLU A 394 64.42 20.17 20.25
CA GLU A 394 63.82 19.41 19.12
C GLU A 394 63.31 20.37 18.02
N TYR A 395 62.60 21.43 18.34
CA TYR A 395 61.81 22.22 17.34
C TYR A 395 62.47 23.56 17.01
N MET A 396 63.22 24.16 17.94
CA MET A 396 63.78 25.52 17.74
C MET A 396 65.33 25.48 17.67
N GLY A 397 65.98 24.51 18.29
CA GLY A 397 67.46 24.39 18.28
C GLY A 397 68.13 25.72 18.63
N ASP A 398 68.95 26.24 17.70
CA ASP A 398 69.76 27.48 17.87
C ASP A 398 69.09 28.69 17.21
N THR A 399 67.85 28.56 16.74
CA THR A 399 67.13 29.62 15.99
C THR A 399 66.99 30.88 16.87
N GLU A 400 67.21 32.05 16.27
CA GLU A 400 67.15 33.38 16.96
C GLU A 400 65.97 34.19 16.41
N ASP A 401 65.73 34.11 15.10
CA ASP A 401 64.67 34.89 14.39
C ASP A 401 63.28 34.56 14.96
N ALA A 402 62.54 35.58 15.42
CA ALA A 402 61.22 35.47 16.07
C ALA A 402 60.20 34.82 15.11
N GLN A 403 60.13 35.25 13.85
CA GLN A 403 59.17 34.70 12.85
C GLN A 403 59.42 33.19 12.71
N THR A 404 60.69 32.77 12.59
CA THR A 404 61.07 31.35 12.44
C THR A 404 60.66 30.59 13.70
N LEU A 405 60.87 31.16 14.88
CA LEU A 405 60.49 30.51 16.15
C LEU A 405 58.96 30.30 16.18
N GLN A 406 58.20 31.26 15.68
CA GLN A 406 56.71 31.20 15.71
C GLN A 406 56.21 30.09 14.77
N ILE A 407 56.85 29.95 13.61
CA ILE A 407 56.56 28.87 12.62
C ILE A 407 56.96 27.52 13.24
N GLN A 408 58.09 27.44 13.91
CA GLN A 408 58.53 26.19 14.60
C GLN A 408 57.53 25.84 15.73
N PHE A 409 56.98 26.84 16.41
CA PHE A 409 55.99 26.65 17.49
C PHE A 409 54.71 26.04 16.89
N THR A 410 54.17 26.60 15.82
CA THR A 410 52.94 26.08 15.17
C THR A 410 53.23 24.68 14.60
N GLU A 411 54.43 24.44 14.09
CA GLU A 411 54.83 23.12 13.57
C GLU A 411 54.74 22.11 14.70
N MET A 412 55.29 22.46 15.86
CA MET A 412 55.31 21.61 17.08
C MET A 412 53.87 21.30 17.50
N MET A 413 53.01 22.30 17.56
CA MET A 413 51.60 22.12 17.99
C MET A 413 50.88 21.19 17.00
N GLY A 414 51.05 21.38 15.70
CA GLY A 414 50.46 20.54 14.65
C GLY A 414 50.91 19.11 14.78
N ASP A 415 52.20 18.89 15.07
CA ASP A 415 52.75 17.52 15.23
C ASP A 415 52.13 16.85 16.46
N PHE A 416 52.08 17.58 17.57
CA PHE A 416 51.56 17.04 18.84
C PHE A 416 50.06 16.71 18.73
N MET A 417 49.25 17.58 18.15
CA MET A 417 47.76 17.47 18.16
C MET A 417 47.29 16.53 17.03
N PHE A 418 47.94 16.52 15.87
CA PHE A 418 47.43 15.85 14.64
C PHE A 418 48.37 14.77 14.11
N VAL A 419 49.64 15.08 13.90
CA VAL A 419 50.53 14.20 13.09
C VAL A 419 50.88 12.97 13.90
N ILE A 420 51.36 13.15 15.13
CA ILE A 420 51.84 12.00 15.94
C ILE A 420 50.64 11.11 16.24
N PRO A 421 49.48 11.62 16.73
CA PRO A 421 48.30 10.76 16.91
C PRO A 421 47.94 9.98 15.66
N ALA A 422 47.93 10.63 14.49
CA ALA A 422 47.57 9.96 13.22
C ALA A 422 48.56 8.82 12.95
N LEU A 423 49.86 9.07 13.13
CA LEU A 423 50.90 8.05 12.85
C LEU A 423 50.77 6.90 13.86
N GLN A 424 50.42 7.19 15.10
CA GLN A 424 50.26 6.14 16.15
C GLN A 424 49.03 5.29 15.81
N VAL A 425 47.92 5.92 15.44
CA VAL A 425 46.68 5.15 15.12
C VAL A 425 46.95 4.31 13.87
N ALA A 426 47.59 4.88 12.84
CA ALA A 426 47.92 4.14 11.62
C ALA A 426 48.78 2.91 11.96
N HIS A 427 49.75 3.06 12.86
CA HIS A 427 50.61 1.94 13.32
C HIS A 427 49.76 0.87 14.04
N PHE A 428 48.84 1.25 14.92
CA PHE A 428 47.94 0.30 15.63
C PHE A 428 47.07 -0.44 14.62
N GLN A 429 46.59 0.23 13.56
CA GLN A 429 45.61 -0.39 12.63
C GLN A 429 46.33 -1.27 11.61
N ARG A 430 47.46 -0.84 11.07
CA ARG A 430 47.96 -1.38 9.78
C ARG A 430 48.47 -2.82 9.92
N SER A 431 48.72 -3.31 11.13
CA SER A 431 49.09 -4.74 11.37
C SER A 431 47.83 -5.62 11.30
N HIS A 432 46.62 -5.05 11.38
CA HIS A 432 45.36 -5.83 11.37
C HIS A 432 44.68 -5.73 10.00
N ALA A 433 44.84 -4.62 9.28
CA ALA A 433 43.97 -4.25 8.14
C ALA A 433 44.66 -3.18 7.30
N PRO A 434 44.29 -3.06 6.01
CA PRO A 434 44.89 -2.06 5.15
C PRO A 434 44.71 -0.64 5.72
N VAL A 435 45.82 0.10 5.70
CA VAL A 435 45.86 1.55 5.99
C VAL A 435 46.52 2.23 4.79
N TYR A 436 45.88 3.24 4.23
CA TYR A 436 46.47 4.15 3.23
C TYR A 436 46.67 5.50 3.90
N PHE A 437 47.91 5.98 3.96
CA PHE A 437 48.27 7.21 4.69
C PHE A 437 48.53 8.32 3.69
N TYR A 438 48.13 9.56 4.00
CA TYR A 438 48.41 10.73 3.13
C TYR A 438 48.88 11.91 3.98
N GLU A 439 49.70 12.76 3.36
CA GLU A 439 49.98 14.15 3.83
C GLU A 439 49.54 15.09 2.72
N PHE A 440 48.55 15.93 3.00
CA PHE A 440 48.07 16.94 2.04
C PHE A 440 48.93 18.21 2.21
N GLN A 441 49.44 18.73 1.09
CA GLN A 441 50.55 19.73 1.11
C GLN A 441 50.17 20.99 0.34
N HIS A 442 49.03 21.02 -0.35
CA HIS A 442 48.72 22.11 -1.30
C HIS A 442 48.17 23.33 -0.58
N PRO A 443 48.83 24.52 -0.62
CA PRO A 443 48.25 25.75 -0.13
C PRO A 443 47.21 26.24 -1.14
N PRO A 444 45.92 26.34 -0.80
CA PRO A 444 44.91 26.70 -1.79
C PRO A 444 45.07 28.13 -2.35
N SER A 445 44.93 28.27 -3.67
CA SER A 445 45.16 29.51 -4.44
C SER A 445 44.28 30.66 -3.89
N TYR A 446 43.02 30.37 -3.56
CA TYR A 446 42.02 31.38 -3.11
C TYR A 446 42.33 31.91 -1.71
N PHE A 447 43.30 31.35 -0.98
CA PHE A 447 43.68 31.86 0.36
C PHE A 447 45.01 32.64 0.34
N LYS A 448 45.67 32.79 -0.82
CA LYS A 448 47.05 33.33 -0.88
C LYS A 448 47.10 34.77 -0.30
N ASP A 449 46.12 35.61 -0.58
CA ASP A 449 46.11 37.03 -0.14
C ASP A 449 45.45 37.22 1.22
N VAL A 450 44.79 36.18 1.76
CA VAL A 450 43.88 36.25 2.94
C VAL A 450 44.67 35.93 4.21
N ARG A 451 45.80 35.24 4.10
CA ARG A 451 46.57 34.81 5.29
C ARG A 451 48.06 34.89 4.97
N PRO A 452 48.94 34.84 5.98
CA PRO A 452 50.38 34.98 5.77
C PRO A 452 50.94 33.99 4.75
N PRO A 453 51.93 34.41 3.92
CA PRO A 453 52.44 33.55 2.84
C PRO A 453 53.28 32.36 3.33
N HIS A 454 53.71 32.32 4.59
CA HIS A 454 54.41 31.14 5.17
C HIS A 454 53.43 29.97 5.41
N VAL A 455 52.11 30.21 5.45
CA VAL A 455 51.11 29.16 5.75
C VAL A 455 51.07 28.18 4.57
N LYS A 456 51.22 26.88 4.83
CA LYS A 456 51.16 25.87 3.73
C LYS A 456 49.73 25.31 3.67
N ALA A 457 49.51 24.01 3.82
CA ALA A 457 48.15 23.43 3.86
C ALA A 457 47.67 23.51 5.30
N ASP A 458 46.86 24.51 5.58
CA ASP A 458 46.28 24.76 6.92
C ASP A 458 45.22 23.69 7.24
N HIS A 459 44.84 23.60 8.50
CA HIS A 459 43.63 22.88 8.95
C HIS A 459 42.48 23.13 7.98
N ALA A 460 41.83 22.06 7.52
CA ALA A 460 40.57 22.06 6.71
C ALA A 460 40.81 22.42 5.25
N ASP A 461 42.05 22.70 4.82
CA ASP A 461 42.30 23.14 3.42
C ASP A 461 41.94 22.04 2.40
N GLU A 462 41.94 20.76 2.82
CA GLU A 462 41.69 19.63 1.88
C GLU A 462 40.19 19.43 1.65
N ILE A 463 39.32 19.94 2.53
CA ILE A 463 37.87 19.63 2.46
C ILE A 463 37.30 20.02 1.11
N PRO A 464 37.57 21.24 0.58
CA PRO A 464 37.02 21.60 -0.73
C PRO A 464 37.50 20.72 -1.89
N PHE A 465 38.64 20.08 -1.76
CA PHE A 465 39.15 19.16 -2.81
C PHE A 465 38.33 17.88 -2.81
N VAL A 466 37.85 17.45 -1.64
CA VAL A 466 36.99 16.24 -1.49
C VAL A 466 35.55 16.56 -1.94
N PHE A 467 35.01 17.73 -1.61
CA PHE A 467 33.61 18.10 -1.89
C PHE A 467 33.47 18.90 -3.20
N ALA A 468 34.59 19.36 -3.80
CA ALA A 468 34.68 20.16 -5.04
C ALA A 468 33.90 21.48 -4.89
N SER A 469 33.71 21.93 -3.66
CA SER A 469 32.99 23.19 -3.30
C SER A 469 33.48 23.61 -1.93
N PHE A 470 33.27 24.88 -1.56
CA PHE A 470 33.46 25.41 -0.20
C PHE A 470 32.22 25.02 0.61
N PHE A 471 32.19 25.47 1.85
CA PHE A 471 31.03 25.28 2.76
C PHE A 471 29.76 25.80 2.10
N TRP A 472 28.64 25.16 2.44
CA TRP A 472 27.27 25.42 1.91
C TRP A 472 27.27 25.27 0.40
N GLY A 473 28.22 24.53 -0.17
CA GLY A 473 28.25 24.26 -1.62
C GLY A 473 28.64 25.49 -2.42
N MET A 474 29.22 26.51 -1.81
CA MET A 474 29.63 27.76 -2.50
C MET A 474 30.78 27.44 -3.47
N LYS A 475 30.76 28.00 -4.67
CA LYS A 475 31.78 27.69 -5.71
C LYS A 475 33.11 28.33 -5.33
N LEU A 476 34.21 27.70 -5.75
CA LEU A 476 35.59 28.22 -5.57
C LEU A 476 36.22 28.45 -6.93
N ASP A 477 37.08 29.47 -7.02
CA ASP A 477 37.91 29.71 -8.22
C ASP A 477 39.16 28.84 -8.11
N PHE A 478 39.00 27.53 -8.34
CA PHE A 478 40.14 26.58 -8.44
C PHE A 478 40.95 26.92 -9.69
N THR A 479 42.28 26.86 -9.61
CA THR A 479 43.14 26.77 -10.81
C THR A 479 42.84 25.46 -11.54
N GLU A 480 43.23 25.34 -12.80
CA GLU A 480 43.14 24.09 -13.60
C GLU A 480 43.84 22.95 -12.85
N GLU A 481 45.00 23.22 -12.28
CA GLU A 481 45.82 22.23 -11.51
C GLU A 481 45.04 21.80 -10.26
N GLU A 482 44.36 22.73 -9.60
CA GLU A 482 43.56 22.45 -8.38
C GLU A 482 42.34 21.61 -8.76
N GLU A 483 41.73 21.85 -9.92
CA GLU A 483 40.58 21.03 -10.38
C GLU A 483 41.03 19.59 -10.57
N LEU A 484 42.23 19.38 -11.11
CA LEU A 484 42.78 18.03 -11.28
C LEU A 484 43.03 17.40 -9.90
N LEU A 485 43.62 18.12 -8.96
CA LEU A 485 43.89 17.56 -7.60
C LEU A 485 42.54 17.18 -6.97
N SER A 486 41.48 17.98 -7.14
CA SER A 486 40.14 17.70 -6.60
C SER A 486 39.57 16.44 -7.26
N ARG A 487 39.66 16.31 -8.58
CA ARG A 487 39.17 15.12 -9.30
C ARG A 487 39.91 13.88 -8.79
N ARG A 488 41.22 13.97 -8.62
CA ARG A 488 42.06 12.85 -8.09
C ARG A 488 41.60 12.47 -6.68
N MET A 489 41.50 13.43 -5.76
CA MET A 489 41.13 13.14 -4.36
C MET A 489 39.72 12.57 -4.30
N MET A 490 38.78 13.10 -5.07
CA MET A 490 37.40 12.57 -5.12
C MET A 490 37.45 11.12 -5.63
N LYS A 491 38.27 10.83 -6.64
CA LYS A 491 38.34 9.46 -7.19
C LYS A 491 39.05 8.52 -6.21
N TYR A 492 40.14 8.94 -5.56
CA TYR A 492 40.80 8.11 -4.52
C TYR A 492 39.78 7.76 -3.43
N TRP A 493 39.04 8.76 -2.96
CA TRP A 493 38.06 8.59 -1.86
C TRP A 493 36.95 7.63 -2.31
N ALA A 494 36.42 7.85 -3.52
CA ALA A 494 35.31 7.03 -4.04
C ALA A 494 35.78 5.60 -4.36
N ASN A 495 36.98 5.45 -4.93
CA ASN A 495 37.56 4.10 -5.16
C ASN A 495 37.67 3.38 -3.83
N PHE A 496 38.13 4.08 -2.79
CA PHE A 496 38.21 3.49 -1.44
C PHE A 496 36.82 3.10 -0.94
N ALA A 497 35.81 3.95 -1.13
CA ALA A 497 34.42 3.65 -0.74
C ALA A 497 33.93 2.38 -1.48
N ARG A 498 34.33 2.21 -2.72
CA ARG A 498 33.91 1.05 -3.57
C ARG A 498 34.66 -0.23 -3.18
N HIS A 499 35.96 -0.17 -2.86
CA HIS A 499 36.85 -1.36 -2.87
C HIS A 499 37.76 -1.46 -1.65
N GLY A 500 37.81 -0.46 -0.76
CA GLY A 500 38.79 -0.44 0.35
C GLY A 500 40.24 -0.30 -0.16
N ASN A 501 40.39 0.27 -1.35
CA ASN A 501 41.66 0.49 -2.06
C ASN A 501 41.46 1.73 -2.91
N PRO A 502 42.26 2.80 -2.76
CA PRO A 502 42.01 4.04 -3.49
C PRO A 502 42.46 4.04 -4.96
N ASN A 503 43.18 3.00 -5.40
CA ASN A 503 43.89 3.01 -6.70
C ASN A 503 42.96 2.71 -7.87
N SER A 504 43.22 3.36 -9.01
CA SER A 504 42.57 3.05 -10.32
C SER A 504 43.38 3.65 -11.46
N GLU A 505 43.04 3.29 -12.70
CA GLU A 505 43.75 3.72 -13.90
C GLU A 505 43.85 5.25 -13.93
N GLY A 506 45.04 5.76 -14.26
CA GLY A 506 45.27 7.19 -14.46
C GLY A 506 45.54 7.94 -13.16
N LEU A 507 45.39 7.31 -11.99
CA LEU A 507 45.76 7.95 -10.70
C LEU A 507 47.14 7.46 -10.30
N PRO A 508 48.01 8.35 -9.78
CA PRO A 508 49.27 7.93 -9.19
C PRO A 508 49.04 6.84 -8.15
N TYR A 509 49.92 5.83 -8.17
CA TYR A 509 49.80 4.63 -7.33
C TYR A 509 50.07 5.02 -5.89
N TRP A 510 49.11 4.68 -5.05
CA TRP A 510 49.13 4.94 -3.58
C TRP A 510 49.37 3.61 -2.90
N PRO A 511 50.60 3.30 -2.45
CA PRO A 511 50.89 2.02 -1.82
C PRO A 511 50.22 1.93 -0.43
N VAL A 512 49.76 0.73 -0.07
CA VAL A 512 49.24 0.46 1.29
C VAL A 512 50.40 0.63 2.27
N MET A 513 50.09 1.10 3.47
CA MET A 513 51.11 1.39 4.50
C MET A 513 51.50 0.07 5.19
N ASP A 514 52.78 -0.27 5.09
CA ASP A 514 53.36 -1.50 5.71
C ASP A 514 54.64 -1.10 6.41
N HIS A 515 55.55 -2.05 6.63
CA HIS A 515 56.86 -1.85 7.29
C HIS A 515 57.66 -0.74 6.60
N ASP A 516 57.44 -0.46 5.30
CA ASP A 516 58.15 0.63 4.59
C ASP A 516 57.53 1.99 4.88
N GLU A 517 56.40 2.07 5.61
CA GLU A 517 55.87 3.36 6.14
C GLU A 517 55.51 4.33 4.99
N GLN A 518 55.10 3.83 3.83
CA GLN A 518 54.81 4.67 2.65
C GLN A 518 53.55 5.50 2.90
N TYR A 519 53.53 6.70 2.33
CA TYR A 519 52.38 7.63 2.40
C TYR A 519 52.36 8.42 1.11
N LEU A 520 51.16 8.83 0.70
CA LEU A 520 50.99 9.67 -0.51
C LEU A 520 51.02 11.15 -0.11
N GLN A 521 51.90 11.90 -0.77
CA GLN A 521 51.98 13.37 -0.64
C GLN A 521 51.00 13.93 -1.66
N LEU A 522 49.89 14.49 -1.20
CA LEU A 522 48.84 15.04 -2.10
C LEU A 522 49.16 16.52 -2.36
N ASP A 523 49.41 16.83 -3.62
CA ASP A 523 49.65 18.20 -4.14
C ASP A 523 49.50 18.13 -5.66
N ILE A 524 49.83 19.23 -6.34
CA ILE A 524 49.66 19.34 -7.81
C ILE A 524 50.41 18.19 -8.50
N GLN A 525 51.59 17.82 -7.98
CA GLN A 525 52.34 16.63 -8.48
C GLN A 525 52.44 15.62 -7.33
N PRO A 526 51.51 14.63 -7.22
CA PRO A 526 51.56 13.69 -6.11
C PRO A 526 52.85 12.86 -6.16
N ALA A 527 53.36 12.50 -5.00
CA ALA A 527 54.57 11.64 -4.87
C ALA A 527 54.42 10.75 -3.63
N VAL A 528 55.04 9.59 -3.67
CA VAL A 528 55.10 8.70 -2.48
C VAL A 528 56.27 9.12 -1.63
N GLY A 529 56.04 9.20 -0.32
CA GLY A 529 57.10 9.39 0.69
C GLY A 529 57.19 8.18 1.59
N ARG A 530 58.21 8.15 2.43
CA ARG A 530 58.37 7.09 3.45
C ARG A 530 58.58 7.71 4.83
N ALA A 531 57.96 7.10 5.83
CA ALA A 531 58.18 7.37 7.27
C ALA A 531 58.05 8.88 7.51
N LEU A 532 56.82 9.41 7.35
CA LEU A 532 56.53 10.85 7.62
C LEU A 532 57.05 11.21 9.01
N LYS A 533 57.87 12.26 9.08
CA LYS A 533 58.33 12.89 10.34
C LYS A 533 58.82 11.82 11.33
N ALA A 534 59.63 10.89 10.84
CA ALA A 534 60.16 9.75 11.64
C ALA A 534 60.92 10.27 12.88
N GLY A 535 61.72 11.32 12.73
CA GLY A 535 62.46 11.95 13.85
C GLY A 535 61.51 12.50 14.89
N ARG A 536 60.49 13.26 14.47
CA ARG A 536 59.45 13.77 15.40
C ARG A 536 58.77 12.59 16.10
N LEU A 537 58.42 11.54 15.36
CA LEU A 537 57.71 10.38 15.98
C LEU A 537 58.61 9.75 17.06
N GLN A 538 59.91 9.61 16.79
CA GLN A 538 60.91 9.07 17.77
C GLN A 538 60.93 9.98 19.00
N PHE A 539 61.00 11.30 18.80
CA PHE A 539 61.04 12.28 19.90
C PHE A 539 59.81 12.12 20.81
N TRP A 540 58.60 12.24 20.23
CA TRP A 540 57.35 12.28 21.02
C TRP A 540 57.07 10.91 21.66
N THR A 541 57.39 9.79 21.01
CA THR A 541 56.90 8.46 21.48
C THR A 541 57.98 7.68 22.24
N LYS A 542 59.27 8.01 22.08
CA LYS A 542 60.39 7.27 22.72
C LYS A 542 61.24 8.22 23.56
N THR A 543 61.88 9.22 22.94
CA THR A 543 62.89 10.09 23.61
C THR A 543 62.23 10.84 24.78
N LEU A 544 61.12 11.51 24.54
CA LEU A 544 60.46 12.35 25.56
C LEU A 544 59.93 11.49 26.71
N PRO A 545 59.19 10.38 26.52
CA PRO A 545 58.84 9.50 27.65
C PRO A 545 60.03 8.94 28.45
N GLN A 546 61.18 8.66 27.82
CA GLN A 546 62.43 8.23 28.51
C GLN A 546 62.90 9.32 29.48
N LYS A 547 62.92 10.58 29.04
CA LYS A 547 63.34 11.73 29.90
C LYS A 547 62.34 11.91 31.04
N ILE A 548 61.06 11.68 30.80
CA ILE A 548 59.98 11.76 31.84
C ILE A 548 60.20 10.65 32.88
N GLN A 549 60.48 9.41 32.44
CA GLN A 549 60.76 8.23 33.32
C GLN A 549 61.91 8.57 34.28
N GLU A 550 62.89 9.34 33.80
CA GLU A 550 63.99 9.98 34.58
C GLU A 550 63.53 11.35 35.12
N SER B 29 -45.43 28.01 -37.39
CA SER B 29 -44.36 28.98 -36.94
C SER B 29 -43.74 28.50 -35.62
N PRO B 30 -42.39 28.52 -35.48
CA PRO B 30 -41.70 27.94 -34.32
C PRO B 30 -42.14 28.51 -32.96
N GLU B 31 -42.24 27.60 -32.00
CA GLU B 31 -42.68 27.79 -30.60
C GLU B 31 -41.76 28.79 -29.88
N ALA B 32 -42.28 29.91 -29.37
CA ALA B 32 -41.48 30.82 -28.52
C ALA B 32 -41.63 30.21 -27.13
N ASN B 33 -40.59 30.30 -26.32
CA ASN B 33 -40.62 29.85 -24.90
C ASN B 33 -41.02 28.38 -24.83
N PRO B 34 -40.34 27.48 -25.56
CA PRO B 34 -40.71 26.06 -25.59
C PRO B 34 -40.53 25.42 -24.22
N ILE B 35 -41.43 24.51 -23.87
CA ILE B 35 -41.36 23.71 -22.62
C ILE B 35 -41.09 22.25 -23.00
N ARG B 36 -40.13 21.63 -22.32
CA ARG B 36 -39.76 20.22 -22.56
C ARG B 36 -39.77 19.46 -21.23
N ASN B 37 -39.94 18.15 -21.32
CA ASN B 37 -39.98 17.23 -20.16
C ASN B 37 -38.57 16.73 -19.84
N THR B 38 -38.30 16.49 -18.56
CA THR B 38 -37.12 15.72 -18.11
C THR B 38 -37.56 14.77 -17.02
N HIS B 39 -36.71 13.81 -16.69
CA HIS B 39 -36.96 12.83 -15.60
C HIS B 39 -37.19 13.60 -14.29
N THR B 40 -36.59 14.78 -14.13
CA THR B 40 -36.64 15.58 -12.87
C THR B 40 -37.70 16.69 -12.93
N GLY B 41 -38.37 16.85 -14.08
CA GLY B 41 -39.43 17.87 -14.23
C GLY B 41 -39.29 18.69 -15.50
N GLN B 42 -40.21 19.64 -15.70
CA GLN B 42 -40.31 20.42 -16.94
C GLN B 42 -39.32 21.59 -16.91
N ILE B 43 -38.85 21.96 -18.09
CA ILE B 43 -37.90 23.08 -18.28
C ILE B 43 -38.36 23.96 -19.45
N GLN B 44 -38.23 25.26 -19.29
CA GLN B 44 -38.62 26.24 -20.34
C GLN B 44 -37.35 26.86 -20.94
N GLY B 45 -37.23 26.76 -22.24
CA GLY B 45 -36.07 27.32 -22.97
C GLY B 45 -36.48 28.52 -23.81
N SER B 46 -35.67 28.84 -24.81
CA SER B 46 -35.75 30.09 -25.60
C SER B 46 -35.68 29.73 -27.08
N LEU B 47 -36.34 30.53 -27.90
CA LEU B 47 -36.19 30.51 -29.36
C LEU B 47 -35.20 31.60 -29.74
N ILE B 48 -34.15 31.24 -30.47
CA ILE B 48 -33.22 32.25 -31.02
C ILE B 48 -33.13 32.09 -32.55
N HIS B 49 -32.69 33.14 -33.20
CA HIS B 49 -32.45 33.18 -34.67
C HIS B 49 -30.97 33.48 -34.88
N VAL B 50 -30.36 32.93 -35.92
CA VAL B 50 -28.91 33.13 -36.19
C VAL B 50 -28.68 33.61 -37.61
N LYS B 51 -27.51 34.24 -37.82
CA LYS B 51 -27.10 35.11 -38.97
C LYS B 51 -27.55 34.56 -40.33
N ASP B 52 -28.38 35.35 -41.05
CA ASP B 52 -28.80 35.13 -42.47
C ASP B 52 -29.45 33.74 -42.64
N THR B 53 -30.26 33.29 -41.67
CA THR B 53 -30.89 31.95 -41.65
C THR B 53 -32.35 32.06 -41.20
N LYS B 54 -33.26 31.47 -41.94
CA LYS B 54 -34.71 31.51 -41.62
C LYS B 54 -34.99 30.63 -40.40
N ALA B 55 -34.49 29.38 -40.39
CA ALA B 55 -34.80 28.34 -39.37
C ALA B 55 -34.24 28.79 -38.01
N GLY B 56 -35.01 28.59 -36.95
CA GLY B 56 -34.63 28.95 -35.58
C GLY B 56 -33.92 27.82 -34.83
N VAL B 57 -33.46 28.14 -33.61
CA VAL B 57 -32.83 27.19 -32.66
C VAL B 57 -33.53 27.34 -31.32
N HIS B 58 -33.82 26.22 -30.68
CA HIS B 58 -34.26 26.17 -29.27
C HIS B 58 -33.04 25.95 -28.38
N THR B 59 -32.93 26.72 -27.30
CA THR B 59 -31.88 26.53 -26.28
C THR B 59 -32.52 26.20 -24.94
N PHE B 60 -31.90 25.27 -24.22
CA PHE B 60 -32.29 24.88 -22.84
C PHE B 60 -31.01 24.82 -22.03
N LEU B 61 -30.81 25.80 -21.14
CA LEU B 61 -29.50 26.04 -20.50
C LEU B 61 -29.57 25.71 -19.01
N GLY B 62 -28.44 25.24 -18.47
CA GLY B 62 -28.25 25.09 -17.01
C GLY B 62 -29.07 23.95 -16.47
N ILE B 63 -29.18 22.85 -17.20
CA ILE B 63 -29.95 21.65 -16.75
C ILE B 63 -29.06 20.84 -15.81
N PRO B 64 -29.49 20.53 -14.58
CA PRO B 64 -28.70 19.68 -13.68
C PRO B 64 -28.75 18.21 -14.08
N PHE B 65 -27.58 17.58 -14.21
CA PHE B 65 -27.48 16.14 -14.55
C PHE B 65 -27.01 15.36 -13.33
N ALA B 66 -26.64 16.04 -12.26
CA ALA B 66 -26.25 15.40 -10.99
C ALA B 66 -26.52 16.37 -9.84
N LYS B 67 -26.62 15.79 -8.66
CA LYS B 67 -26.71 16.51 -7.35
C LYS B 67 -25.44 17.36 -7.21
N PRO B 68 -25.50 18.59 -6.68
CA PRO B 68 -24.28 19.37 -6.44
C PRO B 68 -23.26 18.62 -5.60
N PRO B 69 -22.00 18.52 -6.06
CA PRO B 69 -20.98 17.68 -5.41
C PRO B 69 -20.32 18.45 -4.29
N VAL B 70 -21.12 18.79 -3.28
CA VAL B 70 -20.74 19.69 -2.16
C VAL B 70 -20.90 18.92 -0.84
N GLY B 71 -20.29 19.44 0.22
CA GLY B 71 -20.29 18.80 1.54
C GLY B 71 -19.67 17.41 1.43
N PRO B 72 -20.39 16.34 1.87
CA PRO B 72 -19.86 14.99 1.80
C PRO B 72 -19.74 14.47 0.36
N LEU B 73 -20.35 15.14 -0.64
CA LEU B 73 -20.32 14.69 -2.05
C LEU B 73 -19.08 15.25 -2.76
N ARG B 74 -18.31 16.12 -2.10
CA ARG B 74 -16.97 16.49 -2.60
C ARG B 74 -16.08 15.24 -2.55
N PHE B 75 -15.31 14.98 -3.61
CA PHE B 75 -14.47 13.77 -3.79
C PHE B 75 -15.32 12.50 -3.64
N ALA B 76 -16.56 12.53 -4.11
CA ALA B 76 -17.44 11.35 -4.22
C ALA B 76 -18.03 11.28 -5.62
N PRO B 77 -18.47 10.08 -6.06
CA PRO B 77 -19.12 9.94 -7.36
C PRO B 77 -20.38 10.81 -7.45
N PRO B 78 -20.78 11.20 -8.68
CA PRO B 78 -21.98 12.01 -8.88
C PRO B 78 -23.23 11.20 -8.52
N GLU B 79 -24.21 11.85 -7.94
CA GLU B 79 -25.49 11.23 -7.56
C GLU B 79 -26.62 11.86 -8.37
N ALA B 80 -27.77 11.20 -8.39
CA ALA B 80 -28.95 11.56 -9.21
C ALA B 80 -29.39 12.97 -8.85
N PRO B 81 -29.72 13.80 -9.86
CA PRO B 81 -30.24 15.13 -9.60
C PRO B 81 -31.64 15.04 -8.94
N GLU B 82 -31.99 16.06 -8.20
CA GLU B 82 -33.25 16.16 -7.42
C GLU B 82 -34.37 16.61 -8.33
N PRO B 83 -35.58 16.05 -8.19
CA PRO B 83 -36.73 16.57 -8.93
C PRO B 83 -37.13 17.96 -8.43
N TRP B 84 -37.80 18.71 -9.29
CA TRP B 84 -38.37 20.05 -8.93
C TRP B 84 -39.84 20.06 -9.28
N SER B 85 -40.61 20.95 -8.65
CA SER B 85 -42.01 21.22 -9.03
C SER B 85 -42.04 22.39 -10.02
N GLY B 86 -43.09 22.47 -10.81
CA GLY B 86 -43.29 23.61 -11.73
C GLY B 86 -42.32 23.52 -12.89
N VAL B 87 -42.22 24.61 -13.62
CA VAL B 87 -41.40 24.70 -14.85
C VAL B 87 -40.11 25.41 -14.46
N ARG B 88 -38.99 24.72 -14.59
CA ARG B 88 -37.66 25.28 -14.29
C ARG B 88 -37.28 26.25 -15.41
N ASP B 89 -36.69 27.37 -15.04
CA ASP B 89 -36.10 28.35 -15.98
C ASP B 89 -34.86 27.73 -16.64
N GLY B 90 -34.89 27.59 -17.97
CA GLY B 90 -33.76 27.11 -18.77
C GLY B 90 -33.21 28.19 -19.66
N THR B 91 -33.15 29.45 -19.18
CA THR B 91 -32.74 30.59 -20.00
C THR B 91 -31.35 31.11 -19.61
N ALA B 92 -30.76 30.63 -18.51
CA ALA B 92 -29.48 31.16 -17.98
C ALA B 92 -28.37 30.09 -18.04
N HIS B 93 -27.19 30.46 -18.50
CA HIS B 93 -25.99 29.61 -18.42
C HIS B 93 -25.68 29.28 -16.97
N PRO B 94 -25.19 28.05 -16.71
CA PRO B 94 -24.88 27.63 -15.36
C PRO B 94 -23.57 28.25 -14.87
N ALA B 95 -23.36 28.24 -13.57
CA ALA B 95 -22.04 28.54 -12.96
C ALA B 95 -21.00 27.60 -13.56
N MET B 96 -19.81 28.11 -13.82
CA MET B 96 -18.64 27.25 -14.14
C MET B 96 -18.11 26.61 -12.83
N CYS B 97 -17.45 25.46 -12.96
CA CYS B 97 -16.78 24.80 -11.82
C CYS B 97 -15.62 25.66 -11.30
N LEU B 98 -15.24 25.47 -10.05
CA LEU B 98 -14.14 26.28 -9.42
C LEU B 98 -12.89 26.14 -10.27
N GLN B 99 -12.27 27.28 -10.55
CA GLN B 99 -11.06 27.33 -11.39
C GLN B 99 -10.38 28.69 -11.22
N ASN B 100 -9.13 28.81 -11.64
N ASN B 100 -9.11 28.74 -11.64
CA ASN B 100 -8.37 30.06 -11.44
CA ASN B 100 -8.24 29.94 -11.66
C ASN B 100 -8.43 30.80 -12.78
C ASN B 100 -8.49 30.68 -12.99
N LEU B 101 -9.08 31.96 -12.85
N LEU B 101 -9.08 31.87 -12.93
CA LEU B 101 -9.51 32.62 -14.13
CA LEU B 101 -9.53 32.61 -14.16
C LEU B 101 -8.34 33.20 -14.94
N ASP B 102 -7.25 33.54 -14.29
CA ASP B 102 -6.16 34.32 -14.96
C ASP B 102 -5.71 33.62 -16.26
N MET B 103 -5.63 32.29 -16.27
CA MET B 103 -5.12 31.47 -17.41
C MET B 103 -5.82 31.85 -18.74
N LEU B 104 -7.09 32.25 -18.75
CA LEU B 104 -7.96 32.23 -19.97
C LEU B 104 -7.54 33.25 -21.06
N ASN B 105 -7.45 34.57 -20.79
CA ASN B 105 -7.61 35.61 -21.83
C ASN B 105 -6.31 35.86 -22.62
N GLU B 106 -5.12 35.63 -22.05
CA GLU B 106 -3.83 36.21 -22.52
C GLU B 106 -3.36 35.60 -23.86
N ALA B 107 -4.00 34.55 -24.37
CA ALA B 107 -3.78 34.02 -25.75
C ALA B 107 -5.08 34.12 -26.58
N GLY B 108 -5.97 35.06 -26.26
CA GLY B 108 -7.24 35.23 -26.99
C GLY B 108 -7.10 36.20 -28.17
N LEU B 109 -8.21 36.78 -28.58
CA LEU B 109 -8.24 37.80 -29.64
C LEU B 109 -8.46 39.12 -28.94
N PRO B 110 -7.61 40.14 -29.19
CA PRO B 110 -7.88 41.49 -28.68
C PRO B 110 -9.29 41.98 -29.07
N ASP B 111 -9.90 42.76 -28.18
CA ASP B 111 -11.24 43.39 -28.34
C ASP B 111 -12.34 42.40 -27.91
N MET B 112 -12.00 41.12 -27.76
CA MET B 112 -12.99 40.02 -27.53
C MET B 112 -12.71 39.35 -26.18
N LYS B 113 -11.92 39.98 -25.31
CA LYS B 113 -11.57 39.46 -23.97
C LYS B 113 -12.60 39.96 -22.98
N MET B 114 -13.57 39.11 -22.63
CA MET B 114 -14.55 39.41 -21.56
C MET B 114 -13.94 39.17 -20.18
N MET B 115 -14.39 39.93 -19.19
CA MET B 115 -14.01 39.76 -17.78
C MET B 115 -14.83 38.58 -17.18
N LEU B 116 -14.15 37.45 -17.01
CA LEU B 116 -14.77 36.15 -16.63
C LEU B 116 -15.13 36.16 -15.15
N SER B 117 -14.60 37.08 -14.34
CA SER B 117 -15.03 37.30 -12.93
C SER B 117 -16.48 37.81 -12.85
N SER B 118 -17.06 38.31 -13.93
CA SER B 118 -18.51 38.67 -13.98
C SER B 118 -19.41 37.41 -14.05
N PHE B 119 -18.90 36.27 -14.54
CA PHE B 119 -19.69 35.02 -14.71
C PHE B 119 -19.75 34.29 -13.38
N PRO B 120 -20.88 33.64 -13.06
CA PRO B 120 -20.94 32.83 -11.84
C PRO B 120 -19.96 31.63 -11.86
N MET B 121 -19.39 31.35 -10.70
N MET B 121 -19.37 31.36 -10.70
CA MET B 121 -18.47 30.21 -10.46
CA MET B 121 -18.46 30.22 -10.46
C MET B 121 -18.84 29.59 -9.12
C MET B 121 -18.83 29.59 -9.11
N SER B 122 -18.90 28.25 -9.04
N SER B 122 -18.91 28.26 -9.05
CA SER B 122 -19.38 27.52 -7.85
CA SER B 122 -19.38 27.52 -7.85
C SER B 122 -18.88 26.08 -7.88
N GLU B 123 -18.77 25.48 -6.71
CA GLU B 123 -18.62 24.01 -6.60
C GLU B 123 -19.90 23.35 -7.15
N ASP B 124 -21.03 24.06 -7.08
CA ASP B 124 -22.34 23.62 -7.64
C ASP B 124 -22.32 23.94 -9.14
N CYS B 125 -21.79 23.03 -9.95
CA CYS B 125 -21.48 23.29 -11.37
C CYS B 125 -21.85 22.12 -12.31
N LEU B 126 -22.54 21.09 -11.85
CA LEU B 126 -22.82 19.88 -12.67
C LEU B 126 -24.10 20.14 -13.49
N TYR B 127 -23.91 20.87 -14.59
CA TYR B 127 -24.98 21.29 -15.51
C TYR B 127 -24.57 21.05 -16.95
N LEU B 128 -25.58 20.94 -17.81
CA LEU B 128 -25.39 20.85 -19.27
C LEU B 128 -26.38 21.77 -19.98
N ASN B 129 -26.04 22.11 -21.23
CA ASN B 129 -26.83 22.99 -22.10
C ASN B 129 -27.23 22.21 -23.35
N ILE B 130 -28.41 22.50 -23.90
CA ILE B 130 -28.93 21.82 -25.12
C ILE B 130 -29.30 22.87 -26.15
N TYR B 131 -28.83 22.65 -27.38
CA TYR B 131 -29.20 23.40 -28.60
C TYR B 131 -29.93 22.41 -29.53
N THR B 132 -31.16 22.73 -29.94
CA THR B 132 -31.95 21.87 -30.89
C THR B 132 -32.50 22.70 -32.02
N PRO B 133 -32.73 22.14 -33.22
CA PRO B 133 -33.43 22.86 -34.27
C PRO B 133 -34.82 23.17 -33.72
N ALA B 134 -35.35 24.35 -34.01
CA ALA B 134 -36.65 24.80 -33.45
C ALA B 134 -37.79 23.88 -33.91
N HIS B 135 -37.66 23.20 -35.05
CA HIS B 135 -38.68 22.25 -35.57
C HIS B 135 -38.66 20.95 -34.76
N ALA B 136 -37.63 20.70 -33.95
CA ALA B 136 -37.50 19.44 -33.20
C ALA B 136 -38.57 19.41 -32.12
N HIS B 137 -39.05 18.21 -31.83
CA HIS B 137 -40.01 17.92 -30.74
C HIS B 137 -39.67 16.53 -30.19
N GLU B 138 -40.20 16.18 -29.03
CA GLU B 138 -40.18 14.77 -28.55
C GLU B 138 -40.42 13.80 -29.73
N GLY B 139 -39.48 12.88 -30.01
CA GLY B 139 -39.63 11.89 -31.11
C GLY B 139 -38.94 12.24 -32.43
N SER B 140 -38.43 13.46 -32.66
CA SER B 140 -37.77 13.84 -33.95
C SER B 140 -36.59 12.93 -34.28
N ASN B 141 -35.91 12.36 -33.29
CA ASN B 141 -34.92 11.28 -33.47
C ASN B 141 -33.69 11.80 -34.24
N LEU B 142 -33.27 13.03 -33.95
CA LEU B 142 -32.10 13.67 -34.60
C LEU B 142 -30.80 13.14 -34.01
N PRO B 143 -29.69 13.16 -34.76
CA PRO B 143 -28.39 12.83 -34.22
C PRO B 143 -28.03 13.82 -33.09
N VAL B 144 -27.26 13.34 -32.12
CA VAL B 144 -26.84 14.13 -30.94
C VAL B 144 -25.32 14.21 -30.90
N MET B 145 -24.77 15.40 -30.77
CA MET B 145 -23.33 15.59 -30.54
C MET B 145 -23.13 16.21 -29.15
N VAL B 146 -22.34 15.55 -28.30
CA VAL B 146 -22.08 15.99 -26.91
C VAL B 146 -20.64 16.48 -26.82
N TRP B 147 -20.49 17.79 -26.64
CA TRP B 147 -19.19 18.49 -26.56
C TRP B 147 -18.64 18.45 -25.13
N ILE B 148 -17.41 18.00 -25.02
CA ILE B 148 -16.62 18.00 -23.77
C ILE B 148 -15.47 18.99 -23.94
N HIS B 149 -15.52 20.10 -23.20
CA HIS B 149 -14.53 21.19 -23.30
C HIS B 149 -13.17 20.75 -22.78
N GLY B 150 -12.13 21.37 -23.34
CA GLY B 150 -10.74 21.27 -22.88
C GLY B 150 -10.41 22.32 -21.83
N GLY B 151 -9.12 22.54 -21.59
CA GLY B 151 -8.61 23.33 -20.45
C GLY B 151 -7.77 22.54 -19.46
N ALA B 152 -7.08 21.49 -19.89
CA ALA B 152 -6.04 20.77 -19.15
C ALA B 152 -6.62 20.18 -17.85
N LEU B 153 -7.94 19.90 -17.84
CA LEU B 153 -8.72 19.36 -16.69
C LEU B 153 -8.66 20.34 -15.49
N VAL B 154 -8.34 21.62 -15.71
CA VAL B 154 -8.31 22.65 -14.63
C VAL B 154 -9.13 23.90 -14.97
N ILE B 155 -9.43 24.18 -16.23
CA ILE B 155 -10.26 25.36 -16.61
C ILE B 155 -11.31 24.97 -17.65
N GLY B 156 -12.27 25.86 -17.82
CA GLY B 156 -13.25 25.81 -18.91
C GLY B 156 -14.66 25.76 -18.42
N MET B 157 -15.60 25.83 -19.36
CA MET B 157 -17.05 25.91 -19.04
C MET B 157 -17.83 25.64 -20.32
N ALA B 158 -19.09 25.23 -20.18
CA ALA B 158 -19.96 24.84 -21.32
C ALA B 158 -20.33 26.08 -22.14
N SER B 159 -20.55 27.20 -21.48
CA SER B 159 -21.09 28.45 -22.11
C SER B 159 -20.12 29.03 -23.13
N MET B 160 -18.85 28.66 -23.07
N MET B 160 -18.85 28.65 -23.07
CA MET B 160 -17.82 29.07 -24.07
CA MET B 160 -17.83 29.07 -24.07
C MET B 160 -18.22 28.51 -25.45
C MET B 160 -18.22 28.51 -25.45
N PHE B 161 -19.04 27.46 -25.51
N PHE B 161 -19.04 27.46 -25.51
CA PHE B 161 -19.32 26.74 -26.78
CA PHE B 161 -19.33 26.74 -26.78
C PHE B 161 -20.79 26.92 -27.12
N ASP B 162 -21.06 27.79 -28.10
CA ASP B 162 -22.44 28.03 -28.56
C ASP B 162 -22.74 27.06 -29.70
N GLY B 163 -23.59 26.06 -29.46
CA GLY B 163 -23.89 25.02 -30.45
C GLY B 163 -24.88 25.44 -31.51
N SER B 164 -25.41 26.67 -31.47
CA SER B 164 -26.56 27.12 -32.31
C SER B 164 -26.27 26.93 -33.81
N LEU B 165 -25.11 27.37 -34.30
CA LEU B 165 -24.81 27.33 -35.75
C LEU B 165 -24.61 25.89 -36.24
N LEU B 166 -23.97 25.04 -35.44
CA LEU B 166 -23.79 23.62 -35.79
C LEU B 166 -25.18 22.97 -35.83
N THR B 167 -26.03 23.27 -34.86
CA THR B 167 -27.40 22.72 -34.75
C THR B 167 -28.18 23.08 -36.01
N VAL B 168 -28.17 24.35 -36.39
CA VAL B 168 -29.11 24.81 -37.44
C VAL B 168 -28.54 24.46 -38.83
N ASN B 169 -27.22 24.52 -39.03
CA ASN B 169 -26.61 24.23 -40.35
C ASN B 169 -26.67 22.72 -40.65
N GLU B 170 -26.63 21.84 -39.63
CA GLU B 170 -26.47 20.39 -39.87
C GLU B 170 -27.64 19.59 -39.30
N ASP B 171 -28.64 20.26 -38.75
CA ASP B 171 -29.93 19.63 -38.32
C ASP B 171 -29.64 18.57 -37.24
N LEU B 172 -29.04 18.98 -36.15
CA LEU B 172 -28.72 18.03 -35.08
C LEU B 172 -28.82 18.69 -33.71
N VAL B 173 -28.82 17.87 -32.68
CA VAL B 173 -28.89 18.33 -31.28
C VAL B 173 -27.46 18.43 -30.74
N VAL B 174 -27.11 19.57 -30.17
CA VAL B 174 -25.77 19.76 -29.57
C VAL B 174 -25.96 19.91 -28.08
N VAL B 175 -25.20 19.14 -27.32
CA VAL B 175 -25.22 19.21 -25.84
C VAL B 175 -23.83 19.64 -25.43
N THR B 176 -23.72 20.64 -24.55
CA THR B 176 -22.41 21.03 -23.96
C THR B 176 -22.47 20.69 -22.47
N ILE B 177 -21.46 20.00 -21.96
CA ILE B 177 -21.47 19.51 -20.57
C ILE B 177 -20.39 20.21 -19.74
N GLN B 178 -20.59 20.19 -18.43
CA GLN B 178 -19.57 20.55 -17.44
C GLN B 178 -19.25 19.34 -16.58
N TYR B 179 -18.14 19.41 -15.86
CA TYR B 179 -17.56 18.32 -15.06
C TYR B 179 -16.57 18.94 -14.08
N ARG B 180 -16.33 18.29 -12.96
CA ARG B 180 -15.42 18.84 -11.94
C ARG B 180 -14.00 18.98 -12.51
N LEU B 181 -13.36 20.10 -12.15
CA LEU B 181 -12.03 20.49 -12.63
C LEU B 181 -11.04 20.55 -11.48
N GLY B 182 -9.76 20.47 -11.81
CA GLY B 182 -8.67 20.70 -10.85
C GLY B 182 -8.74 19.69 -9.71
N VAL B 183 -8.39 20.16 -8.52
CA VAL B 183 -8.35 19.35 -7.29
C VAL B 183 -9.71 18.70 -7.06
N LEU B 184 -10.81 19.43 -7.25
CA LEU B 184 -12.16 18.86 -7.02
C LEU B 184 -12.48 17.75 -8.04
N GLY B 185 -11.93 17.80 -9.24
CA GLY B 185 -12.17 16.81 -10.30
C GLY B 185 -11.24 15.59 -10.21
N PHE B 186 -9.99 15.75 -9.72
CA PHE B 186 -8.94 14.75 -9.99
C PHE B 186 -8.04 14.47 -8.77
N PHE B 187 -8.37 14.97 -7.59
CA PHE B 187 -7.67 14.59 -6.36
C PHE B 187 -7.92 13.11 -6.05
N SER B 188 -6.85 12.37 -5.79
CA SER B 188 -6.88 10.93 -5.44
C SER B 188 -5.89 10.65 -4.31
N THR B 189 -6.26 9.77 -3.38
CA THR B 189 -5.35 9.21 -2.36
C THR B 189 -4.75 7.89 -2.85
N GLY B 190 -5.17 7.37 -4.00
CA GLY B 190 -4.71 6.04 -4.47
C GLY B 190 -5.34 4.92 -3.65
N ASP B 191 -6.43 5.17 -2.91
CA ASP B 191 -7.08 4.15 -2.06
C ASP B 191 -8.57 4.49 -1.92
N GLN B 192 -9.27 3.73 -1.08
CA GLN B 192 -10.74 3.76 -1.03
C GLN B 192 -11.25 5.15 -0.61
N HIS B 193 -10.46 5.93 0.13
CA HIS B 193 -10.94 7.21 0.72
C HIS B 193 -11.12 8.30 -0.35
N ALA B 194 -10.38 8.23 -1.46
CA ALA B 194 -10.53 9.14 -2.62
C ALA B 194 -9.95 8.49 -3.87
N ARG B 195 -10.72 7.62 -4.50
CA ARG B 195 -10.23 6.77 -5.62
C ARG B 195 -9.82 7.67 -6.80
N GLY B 196 -10.58 8.72 -7.08
CA GLY B 196 -10.21 9.74 -8.06
C GLY B 196 -11.13 9.82 -9.26
N ASN B 197 -10.73 10.67 -10.20
CA ASN B 197 -11.35 10.87 -11.52
C ASN B 197 -12.81 11.30 -11.40
N TRP B 198 -13.14 12.11 -10.40
CA TRP B 198 -14.50 12.66 -10.17
C TRP B 198 -15.03 13.32 -11.44
N GLY B 199 -14.18 14.08 -12.13
CA GLY B 199 -14.56 14.80 -13.35
C GLY B 199 -14.96 13.85 -14.46
N TYR B 200 -14.25 12.73 -14.61
CA TYR B 200 -14.61 11.74 -15.63
C TYR B 200 -15.90 11.04 -15.23
N LEU B 201 -16.08 10.74 -13.94
CA LEU B 201 -17.37 10.15 -13.48
C LEU B 201 -18.53 11.13 -13.75
N ASP B 202 -18.32 12.45 -13.56
CA ASP B 202 -19.32 13.50 -13.89
C ASP B 202 -19.65 13.44 -15.39
N GLN B 203 -18.63 13.34 -16.24
CA GLN B 203 -18.87 13.32 -17.69
C GLN B 203 -19.77 12.11 -18.02
N ALA B 204 -19.49 10.95 -17.42
CA ALA B 204 -20.29 9.73 -17.65
C ALA B 204 -21.71 9.95 -17.15
N ALA B 205 -21.89 10.60 -16.02
CA ALA B 205 -23.23 10.94 -15.49
C ALA B 205 -23.98 11.82 -16.50
N ALA B 206 -23.33 12.79 -17.13
CA ALA B 206 -23.96 13.67 -18.13
C ALA B 206 -24.40 12.80 -19.32
N LEU B 207 -23.55 11.85 -19.74
CA LEU B 207 -23.89 10.98 -20.88
C LEU B 207 -25.08 10.06 -20.53
N ARG B 208 -25.18 9.60 -19.28
CA ARG B 208 -26.36 8.82 -18.82
C ARG B 208 -27.60 9.72 -18.85
N TRP B 209 -27.47 10.99 -18.44
CA TRP B 209 -28.61 11.94 -18.50
C TRP B 209 -29.08 12.04 -19.96
N VAL B 210 -28.15 12.11 -20.91
CA VAL B 210 -28.51 12.24 -22.35
C VAL B 210 -29.27 10.98 -22.81
N GLN B 211 -28.81 9.79 -22.44
CA GLN B 211 -29.56 8.52 -22.72
C GLN B 211 -30.98 8.60 -22.15
N GLN B 212 -31.13 9.09 -20.92
CA GLN B 212 -32.41 9.11 -20.19
C GLN B 212 -33.36 10.16 -20.80
N ASN B 213 -32.85 11.29 -21.30
CA ASN B 213 -33.69 12.50 -21.49
C ASN B 213 -33.67 13.04 -22.91
N ILE B 214 -32.68 12.73 -23.75
CA ILE B 214 -32.50 13.52 -25.00
C ILE B 214 -33.67 13.34 -25.97
N ALA B 215 -34.38 12.21 -25.93
CA ALA B 215 -35.58 11.99 -26.79
C ALA B 215 -36.63 13.07 -26.48
N HIS B 216 -36.73 13.55 -25.23
CA HIS B 216 -37.67 14.64 -24.87
C HIS B 216 -37.36 15.93 -25.64
N PHE B 217 -36.13 16.07 -26.14
CA PHE B 217 -35.64 17.28 -26.86
C PHE B 217 -35.55 17.02 -28.37
N GLY B 218 -35.93 15.82 -28.83
CA GLY B 218 -35.89 15.46 -30.26
C GLY B 218 -34.61 14.76 -30.69
N GLY B 219 -33.77 14.34 -29.73
CA GLY B 219 -32.53 13.61 -30.06
C GLY B 219 -32.77 12.11 -30.04
N ASN B 220 -31.96 11.39 -30.77
CA ASN B 220 -31.96 9.90 -30.76
C ASN B 220 -30.84 9.42 -29.84
N PRO B 221 -31.14 8.81 -28.68
CA PRO B 221 -30.11 8.33 -27.76
C PRO B 221 -29.26 7.20 -28.33
N ASP B 222 -29.70 6.57 -29.43
CA ASP B 222 -28.90 5.51 -30.12
C ASP B 222 -27.98 6.15 -31.15
N ARG B 223 -27.92 7.49 -31.27
CA ARG B 223 -27.05 8.16 -32.27
C ARG B 223 -26.40 9.35 -31.58
N VAL B 224 -25.63 9.05 -30.54
CA VAL B 224 -24.89 10.05 -29.75
C VAL B 224 -23.42 9.96 -30.14
N THR B 225 -22.85 11.06 -30.54
CA THR B 225 -21.41 11.21 -30.80
C THR B 225 -20.81 12.14 -29.74
N ILE B 226 -19.75 11.70 -29.08
CA ILE B 226 -19.00 12.54 -28.11
C ILE B 226 -17.86 13.18 -28.86
N PHE B 227 -17.64 14.47 -28.66
CA PHE B 227 -16.54 15.21 -29.33
C PHE B 227 -15.99 16.22 -28.34
N GLY B 228 -14.71 16.51 -28.52
CA GLY B 228 -14.01 17.43 -27.60
C GLY B 228 -12.65 17.77 -28.11
N GLU B 229 -12.09 18.85 -27.59
CA GLU B 229 -10.77 19.36 -28.01
C GLU B 229 -9.85 19.42 -26.80
N SER B 230 -8.61 19.02 -27.04
CA SER B 230 -7.49 18.98 -26.08
C SER B 230 -7.84 18.09 -24.89
N ALA B 231 -7.93 18.61 -23.65
CA ALA B 231 -8.37 17.77 -22.50
C ALA B 231 -9.75 17.17 -22.76
N GLY B 232 -10.57 17.83 -23.59
CA GLY B 232 -11.88 17.31 -24.02
C GLY B 232 -11.71 16.14 -24.99
N GLY B 233 -10.71 16.18 -25.85
CA GLY B 233 -10.35 15.02 -26.69
C GLY B 233 -9.81 13.88 -25.85
N THR B 234 -8.95 14.21 -24.89
CA THR B 234 -8.45 13.22 -23.90
C THR B 234 -9.66 12.60 -23.17
N SER B 235 -10.62 13.42 -22.77
CA SER B 235 -11.85 12.96 -22.10
C SER B 235 -12.59 11.96 -23.01
N VAL B 236 -12.86 12.36 -24.25
CA VAL B 236 -13.58 11.52 -25.23
C VAL B 236 -12.83 10.19 -25.36
N SER B 237 -11.54 10.26 -25.62
CA SER B 237 -10.65 9.08 -25.80
C SER B 237 -10.73 8.16 -24.57
N SER B 238 -10.79 8.77 -23.38
CA SER B 238 -10.91 8.06 -22.09
C SER B 238 -12.26 7.33 -22.02
N HIS B 239 -13.36 7.97 -22.43
CA HIS B 239 -14.68 7.29 -22.48
C HIS B 239 -14.61 6.10 -23.45
N VAL B 240 -13.94 6.27 -24.59
CA VAL B 240 -13.85 5.22 -25.64
C VAL B 240 -13.26 3.94 -25.00
N VAL B 241 -12.40 4.06 -23.99
CA VAL B 241 -11.75 2.88 -23.35
C VAL B 241 -12.44 2.46 -22.04
N SER B 242 -13.23 3.32 -21.41
CA SER B 242 -13.79 3.06 -20.07
C SER B 242 -14.95 2.07 -20.20
N PRO B 243 -14.88 0.89 -19.57
CA PRO B 243 -15.98 -0.08 -19.63
C PRO B 243 -17.34 0.48 -19.20
N MET B 244 -17.41 1.31 -18.16
CA MET B 244 -18.73 1.79 -17.67
C MET B 244 -19.26 2.95 -18.53
N SER B 245 -18.49 3.45 -19.51
CA SER B 245 -19.02 4.42 -20.51
C SER B 245 -19.59 3.72 -21.76
N GLN B 246 -19.41 2.40 -21.91
CA GLN B 246 -19.85 1.71 -23.15
C GLN B 246 -21.38 1.71 -23.21
N GLY B 247 -21.94 1.89 -24.41
CA GLY B 247 -23.39 2.06 -24.59
C GLY B 247 -23.88 3.50 -24.38
N LEU B 248 -23.05 4.45 -23.94
CA LEU B 248 -23.48 5.85 -23.73
C LEU B 248 -23.20 6.71 -24.97
N PHE B 249 -22.61 6.14 -26.02
CA PHE B 249 -22.33 6.89 -27.27
C PHE B 249 -22.02 5.87 -28.35
N HIS B 250 -22.16 6.27 -29.60
N HIS B 250 -22.19 6.26 -29.60
CA HIS B 250 -22.07 5.37 -30.79
CA HIS B 250 -22.06 5.36 -30.79
C HIS B 250 -20.89 5.80 -31.68
C HIS B 250 -20.88 5.80 -31.67
N GLY B 251 -20.29 6.97 -31.42
N GLY B 251 -20.29 6.97 -31.40
CA GLY B 251 -19.13 7.48 -32.17
CA GLY B 251 -19.14 7.48 -32.16
C GLY B 251 -18.36 8.51 -31.36
N ALA B 252 -17.13 8.79 -31.73
CA ALA B 252 -16.23 9.66 -30.95
C ALA B 252 -15.37 10.51 -31.88
N ILE B 253 -15.17 11.78 -31.53
CA ILE B 253 -14.27 12.73 -32.26
C ILE B 253 -13.29 13.32 -31.26
N MET B 254 -12.00 13.07 -31.48
CA MET B 254 -10.90 13.45 -30.58
C MET B 254 -10.05 14.51 -31.30
N GLU B 255 -10.29 15.79 -31.00
CA GLU B 255 -9.58 16.93 -31.61
C GLU B 255 -8.40 17.33 -30.71
N SER B 256 -7.17 17.12 -31.17
CA SER B 256 -5.94 17.56 -30.48
C SER B 256 -5.89 17.04 -29.04
N GLY B 257 -6.29 15.81 -28.81
CA GLY B 257 -6.13 15.19 -27.47
C GLY B 257 -6.65 13.77 -27.49
N VAL B 258 -5.91 12.87 -26.87
CA VAL B 258 -6.32 11.46 -26.66
C VAL B 258 -5.90 10.99 -25.27
N ALA B 259 -6.31 9.78 -24.90
CA ALA B 259 -6.17 9.22 -23.53
C ALA B 259 -4.70 9.13 -23.08
N LEU B 260 -3.74 9.11 -24.02
CA LEU B 260 -2.29 8.98 -23.68
C LEU B 260 -1.59 10.35 -23.69
N LEU B 261 -2.31 11.47 -23.77
CA LEU B 261 -1.67 12.82 -23.60
C LEU B 261 -0.93 12.79 -22.27
N PRO B 262 0.43 12.82 -22.27
CA PRO B 262 1.22 12.47 -21.09
C PRO B 262 0.87 13.23 -19.80
N ASP B 263 0.65 14.54 -19.85
CA ASP B 263 0.37 15.36 -18.64
C ASP B 263 -1.02 15.04 -18.05
N LEU B 264 -1.93 14.35 -18.76
CA LEU B 264 -3.32 14.19 -18.25
C LEU B 264 -3.60 12.77 -17.78
N ILE B 265 -2.60 11.92 -17.75
CA ILE B 265 -2.74 10.54 -17.23
C ILE B 265 -1.47 10.19 -16.42
N SER B 266 -1.66 9.59 -15.26
CA SER B 266 -0.57 9.27 -14.32
C SER B 266 -0.80 7.88 -13.74
N GLU B 267 0.29 7.15 -13.56
CA GLU B 267 0.31 5.82 -12.91
C GLU B 267 0.40 5.99 -11.38
N THR B 268 0.55 7.21 -10.86
CA THR B 268 0.53 7.46 -9.40
C THR B 268 -0.42 8.62 -9.06
N SER B 269 -0.97 8.59 -7.86
CA SER B 269 -1.72 9.71 -7.24
C SER B 269 -0.83 10.56 -6.29
N GLU B 270 0.39 10.12 -5.99
CA GLU B 270 1.15 10.60 -4.80
C GLU B 270 1.72 12.02 -5.01
N MET B 271 2.02 12.46 -6.24
CA MET B 271 2.62 13.81 -6.41
C MET B 271 1.53 14.86 -6.17
N VAL B 272 0.36 14.68 -6.78
CA VAL B 272 -0.78 15.61 -6.59
C VAL B 272 -1.20 15.59 -5.13
N SER B 273 -1.37 14.41 -4.54
CA SER B 273 -1.88 14.32 -3.15
C SER B 273 -0.89 14.95 -2.18
N THR B 274 0.42 14.78 -2.35
CA THR B 274 1.44 15.40 -1.46
C THR B 274 1.40 16.92 -1.60
N THR B 275 1.31 17.43 -2.81
CA THR B 275 1.17 18.88 -3.09
C THR B 275 -0.10 19.42 -2.39
N VAL B 276 -1.23 18.75 -2.58
CA VAL B 276 -2.52 19.24 -2.02
C VAL B 276 -2.44 19.19 -0.49
N ALA B 277 -1.89 18.12 0.10
CA ALA B 277 -1.80 17.98 1.57
C ALA B 277 -0.93 19.14 2.13
N LYS B 278 0.17 19.44 1.47
CA LYS B 278 1.11 20.50 1.94
C LYS B 278 0.42 21.87 1.84
N LEU B 279 -0.10 22.23 0.68
CA LEU B 279 -0.68 23.59 0.47
C LEU B 279 -1.94 23.78 1.31
N SER B 280 -2.70 22.72 1.61
CA SER B 280 -3.97 22.82 2.37
C SER B 280 -3.71 22.97 3.87
N GLY B 281 -2.49 22.68 4.33
CA GLY B 281 -2.21 22.55 5.78
C GLY B 281 -2.78 21.24 6.35
N CYS B 282 -3.04 20.24 5.50
CA CYS B 282 -3.56 18.91 5.90
C CYS B 282 -2.37 17.94 5.91
N GLU B 283 -1.26 18.33 6.57
CA GLU B 283 0.03 17.61 6.58
C GLU B 283 0.01 16.57 7.72
N ALA B 284 0.85 15.55 7.60
CA ALA B 284 1.05 14.49 8.62
C ALA B 284 -0.28 13.75 8.84
N MET B 285 -1.06 13.57 7.77
CA MET B 285 -2.38 12.91 7.85
C MET B 285 -2.40 11.74 6.87
N ASP B 286 -2.95 10.62 7.32
CA ASP B 286 -3.25 9.45 6.46
C ASP B 286 -4.44 9.80 5.56
N SER B 287 -4.73 8.95 4.58
CA SER B 287 -5.79 9.17 3.57
C SER B 287 -7.13 9.56 4.21
N GLN B 288 -7.59 8.80 5.20
N GLN B 288 -7.60 8.80 5.19
CA GLN B 288 -8.91 9.06 5.82
CA GLN B 288 -8.91 9.04 5.86
C GLN B 288 -8.93 10.49 6.40
C GLN B 288 -8.93 10.49 6.40
N ALA B 289 -7.89 10.87 7.14
N ALA B 289 -7.91 10.88 7.15
CA ALA B 289 -7.83 12.20 7.79
CA ALA B 289 -7.83 12.21 7.80
C ALA B 289 -7.64 13.29 6.73
N LEU B 290 -6.85 13.01 5.70
CA LEU B 290 -6.61 13.99 4.62
C LEU B 290 -7.92 14.36 3.91
N VAL B 291 -8.70 13.36 3.51
CA VAL B 291 -9.97 13.60 2.78
C VAL B 291 -10.93 14.39 3.70
N ARG B 292 -10.98 14.01 4.99
CA ARG B 292 -11.83 14.72 5.97
C ARG B 292 -11.41 16.20 6.06
N CYS B 293 -10.11 16.45 6.20
CA CYS B 293 -9.53 17.82 6.28
C CYS B 293 -9.92 18.60 5.01
N LEU B 294 -9.75 18.00 3.82
CA LEU B 294 -10.02 18.72 2.55
C LEU B 294 -11.54 19.00 2.40
N ARG B 295 -12.40 18.13 2.93
CA ARG B 295 -13.87 18.35 2.85
C ARG B 295 -14.31 19.53 3.73
N GLY B 296 -13.52 19.90 4.73
CA GLY B 296 -13.83 21.06 5.59
C GLY B 296 -13.38 22.38 4.97
N LYS B 297 -12.63 22.36 3.86
CA LYS B 297 -12.11 23.61 3.26
C LYS B 297 -13.23 24.38 2.54
N SER B 298 -13.20 25.72 2.66
CA SER B 298 -14.11 26.64 1.95
C SER B 298 -13.79 26.67 0.46
N GLU B 299 -14.69 27.24 -0.36
CA GLU B 299 -14.42 27.43 -1.82
C GLU B 299 -13.14 28.26 -1.99
N ALA B 300 -12.96 29.29 -1.17
CA ALA B 300 -11.79 30.19 -1.26
C ALA B 300 -10.51 29.42 -0.93
N GLU B 301 -10.53 28.60 0.11
CA GLU B 301 -9.35 27.78 0.48
C GLU B 301 -9.07 26.77 -0.64
N ILE B 302 -10.09 26.15 -1.21
CA ILE B 302 -9.89 25.19 -2.34
C ILE B 302 -9.27 25.95 -3.52
N LEU B 303 -9.77 27.15 -3.84
CA LEU B 303 -9.23 27.93 -4.99
C LEU B 303 -7.75 28.24 -4.78
N ALA B 304 -7.35 28.58 -3.54
CA ALA B 304 -5.93 28.91 -3.23
C ALA B 304 -5.08 27.66 -3.43
N ILE B 305 -5.54 26.48 -3.02
CA ILE B 305 -4.80 25.21 -3.25
C ILE B 305 -4.75 24.92 -4.76
N ASN B 306 -5.86 25.12 -5.44
CA ASN B 306 -6.08 24.79 -6.87
C ASN B 306 -5.16 25.60 -7.78
N LYS B 307 -4.77 26.81 -7.35
CA LYS B 307 -4.12 27.82 -8.21
C LYS B 307 -2.78 27.31 -8.76
N VAL B 308 -2.09 26.41 -8.07
CA VAL B 308 -0.74 25.95 -8.49
C VAL B 308 -0.85 24.96 -9.67
N PHE B 309 -2.03 24.43 -10.00
CA PHE B 309 -2.19 23.39 -11.03
C PHE B 309 -2.51 24.08 -12.37
N LYS B 310 -1.54 24.07 -13.28
CA LYS B 310 -1.75 24.52 -14.67
C LYS B 310 -2.36 23.37 -15.49
N MET B 311 -2.28 22.17 -14.96
CA MET B 311 -2.87 20.92 -15.50
C MET B 311 -2.98 19.93 -14.35
N ILE B 312 -3.80 18.89 -14.49
CA ILE B 312 -3.89 17.85 -13.43
C ILE B 312 -4.22 16.54 -14.13
N PRO B 313 -3.62 15.41 -13.70
CA PRO B 313 -3.88 14.14 -14.35
C PRO B 313 -5.01 13.31 -13.74
N ALA B 314 -5.61 12.50 -14.60
CA ALA B 314 -6.41 11.34 -14.21
C ALA B 314 -5.48 10.22 -13.75
N VAL B 315 -6.00 9.30 -12.95
CA VAL B 315 -5.23 8.17 -12.38
C VAL B 315 -5.97 6.88 -12.73
N VAL B 316 -5.43 5.73 -12.37
CA VAL B 316 -6.17 4.44 -12.43
C VAL B 316 -7.03 4.31 -11.18
N ASP B 317 -8.30 4.74 -11.24
CA ASP B 317 -9.16 4.96 -10.04
C ASP B 317 -9.88 3.67 -9.65
N GLY B 318 -10.03 2.73 -10.60
CA GLY B 318 -10.80 1.50 -10.39
C GLY B 318 -12.23 1.55 -10.93
N GLU B 319 -12.95 2.67 -10.84
CA GLU B 319 -14.37 2.79 -11.30
C GLU B 319 -14.37 3.20 -12.78
N PHE B 320 -13.75 4.32 -13.12
CA PHE B 320 -13.71 4.84 -14.51
C PHE B 320 -12.67 4.06 -15.31
N PHE B 321 -11.45 3.97 -14.79
CA PHE B 321 -10.32 3.18 -15.37
C PHE B 321 -10.00 2.03 -14.43
N PRO B 322 -10.42 0.79 -14.72
CA PRO B 322 -10.01 -0.36 -13.91
C PRO B 322 -8.54 -0.73 -14.12
N ARG B 323 -8.00 -0.36 -15.27
N ARG B 323 -8.00 -0.35 -15.27
CA ARG B 323 -6.56 -0.49 -15.64
CA ARG B 323 -6.58 -0.52 -15.69
C ARG B 323 -6.15 0.78 -16.38
C ARG B 323 -6.15 0.77 -16.40
N HIS B 324 -4.85 1.02 -16.54
N HIS B 324 -4.86 1.01 -16.55
CA HIS B 324 -4.31 2.19 -17.27
CA HIS B 324 -4.31 2.19 -17.27
C HIS B 324 -4.88 2.18 -18.69
N PRO B 325 -5.22 3.35 -19.27
CA PRO B 325 -5.66 3.42 -20.66
C PRO B 325 -4.76 2.67 -21.65
N LYS B 326 -3.45 2.68 -21.48
CA LYS B 326 -2.48 1.97 -22.38
C LYS B 326 -2.82 0.46 -22.41
N GLU B 327 -3.20 -0.13 -21.29
CA GLU B 327 -3.58 -1.57 -21.21
C GLU B 327 -4.94 -1.76 -21.87
N LEU B 328 -5.89 -0.85 -21.63
CA LEU B 328 -7.25 -0.96 -22.20
C LEU B 328 -7.15 -0.87 -23.73
N LEU B 329 -6.31 0.04 -24.23
CA LEU B 329 -6.12 0.26 -25.69
C LEU B 329 -5.50 -0.98 -26.35
N ALA B 330 -4.59 -1.68 -25.66
CA ALA B 330 -3.81 -2.81 -26.24
C ALA B 330 -4.58 -4.12 -26.10
N SER B 331 -5.69 -4.13 -25.35
CA SER B 331 -6.46 -5.35 -25.04
C SER B 331 -7.01 -5.98 -26.31
N GLU B 332 -6.98 -7.32 -26.40
CA GLU B 332 -7.56 -8.06 -27.53
C GLU B 332 -9.08 -7.96 -27.47
N ASP B 333 -9.66 -7.63 -26.30
CA ASP B 333 -11.12 -7.44 -26.10
C ASP B 333 -11.55 -5.97 -26.31
N PHE B 334 -10.68 -5.09 -26.79
CA PHE B 334 -11.01 -3.65 -26.97
C PHE B 334 -11.98 -3.53 -28.14
N HIS B 335 -13.15 -2.93 -27.93
CA HIS B 335 -14.19 -2.76 -28.99
C HIS B 335 -14.56 -1.28 -29.14
N PRO B 336 -13.68 -0.41 -29.67
CA PRO B 336 -13.98 1.01 -29.78
C PRO B 336 -15.11 1.30 -30.77
N VAL B 337 -15.88 2.34 -30.51
CA VAL B 337 -16.80 2.95 -31.50
C VAL B 337 -16.00 3.49 -32.68
N PRO B 338 -16.63 3.65 -33.86
CA PRO B 338 -16.07 4.45 -34.94
C PRO B 338 -15.61 5.81 -34.41
N SER B 339 -14.49 6.29 -34.91
CA SER B 339 -13.80 7.51 -34.37
C SER B 339 -13.25 8.40 -35.48
N ILE B 340 -13.27 9.70 -35.22
CA ILE B 340 -12.37 10.68 -35.85
C ILE B 340 -11.30 11.02 -34.82
N ILE B 341 -10.05 11.07 -35.24
CA ILE B 341 -8.90 11.47 -34.41
C ILE B 341 -8.10 12.46 -35.24
N GLY B 342 -7.69 13.57 -34.66
CA GLY B 342 -6.81 14.46 -35.42
C GLY B 342 -6.06 15.45 -34.57
N VAL B 343 -5.16 16.18 -35.23
CA VAL B 343 -4.26 17.16 -34.60
C VAL B 343 -4.09 18.34 -35.52
N ASN B 344 -3.53 19.42 -35.00
CA ASN B 344 -3.17 20.62 -35.78
C ASN B 344 -1.68 20.49 -36.10
N ASN B 345 -1.21 21.23 -37.09
CA ASN B 345 0.21 21.12 -37.50
C ASN B 345 1.11 21.99 -36.61
N ASP B 346 0.58 22.74 -35.66
CA ASP B 346 1.44 23.57 -34.75
C ASP B 346 0.88 23.63 -33.32
N GLU B 347 0.65 22.48 -32.70
CA GLU B 347 -0.14 22.37 -31.43
C GLU B 347 0.51 23.19 -30.31
N PHE B 348 1.83 23.30 -30.30
CA PHE B 348 2.57 24.03 -29.23
C PHE B 348 3.14 25.35 -29.77
N GLY B 349 2.56 25.87 -30.85
CA GLY B 349 3.12 27.02 -31.59
C GLY B 349 3.13 28.32 -30.78
N TRP B 350 2.07 28.62 -30.02
CA TRP B 350 1.88 29.94 -29.39
C TRP B 350 1.00 29.85 -28.13
N SER B 351 -0.28 29.49 -28.22
CA SER B 351 -1.24 29.66 -27.11
C SER B 351 -0.83 28.81 -25.89
N ILE B 352 -0.35 27.58 -26.07
CA ILE B 352 -0.05 26.76 -24.87
C ILE B 352 1.13 27.36 -24.12
N PRO B 353 2.31 27.59 -24.73
CA PRO B 353 3.43 28.18 -23.98
C PRO B 353 3.09 29.58 -23.40
N VAL B 354 2.30 30.40 -24.07
CA VAL B 354 1.84 31.71 -23.51
C VAL B 354 1.00 31.47 -22.24
N VAL B 355 -0.03 30.63 -22.30
CA VAL B 355 -0.93 30.33 -21.13
C VAL B 355 -0.15 29.64 -20.00
N MET B 356 0.80 28.76 -20.33
N MET B 356 0.80 28.76 -20.33
CA MET B 356 1.56 27.95 -19.33
CA MET B 356 1.56 27.95 -19.33
C MET B 356 2.73 28.76 -18.76
C MET B 356 2.73 28.77 -18.75
N GLY B 357 3.06 29.90 -19.37
N GLY B 357 3.05 29.91 -19.36
CA GLY B 357 4.15 30.78 -18.91
CA GLY B 357 4.16 30.79 -18.92
C GLY B 357 5.55 30.29 -19.30
N SER B 358 5.68 29.41 -20.30
CA SER B 358 6.99 28.92 -20.83
C SER B 358 7.43 29.73 -22.07
N ALA B 359 6.66 30.73 -22.49
CA ALA B 359 6.94 31.53 -23.71
C ALA B 359 8.25 32.29 -23.56
N GLN B 360 8.51 32.88 -22.40
CA GLN B 360 9.72 33.70 -22.18
C GLN B 360 10.94 32.77 -22.24
N MET B 361 10.89 31.61 -21.56
CA MET B 361 11.98 30.61 -21.64
C MET B 361 12.24 30.27 -23.11
N ILE B 362 11.19 30.07 -23.91
CA ILE B 362 11.37 29.64 -25.33
C ILE B 362 12.09 30.76 -26.09
N LYS B 363 11.66 32.02 -25.93
CA LYS B 363 12.30 33.18 -26.62
C LYS B 363 13.76 33.31 -26.21
N GLY B 364 14.14 32.74 -25.06
CA GLY B 364 15.53 32.71 -24.55
C GLY B 364 16.37 31.59 -25.13
N ILE B 365 15.79 30.66 -25.92
CA ILE B 365 16.57 29.52 -26.47
C ILE B 365 17.57 30.06 -27.49
N THR B 366 18.80 29.57 -27.40
CA THR B 366 19.95 29.80 -28.32
C THR B 366 20.74 28.49 -28.41
N ARG B 367 21.68 28.38 -29.34
CA ARG B 367 22.51 27.14 -29.47
C ARG B 367 23.31 26.90 -28.19
N GLU B 368 23.62 27.97 -27.44
CA GLU B 368 24.47 27.91 -26.21
C GLU B 368 23.70 27.22 -25.09
N ASN B 369 22.41 27.53 -24.88
CA ASN B 369 21.65 26.95 -23.74
C ASN B 369 20.80 25.74 -24.21
N LEU B 370 20.80 25.41 -25.49
CA LEU B 370 19.92 24.34 -26.05
C LEU B 370 20.06 23.04 -25.25
N GLN B 371 21.30 22.58 -25.00
CA GLN B 371 21.55 21.29 -24.31
C GLN B 371 20.93 21.33 -22.90
N ALA B 372 21.07 22.43 -22.17
CA ALA B 372 20.50 22.62 -20.81
C ALA B 372 18.96 22.59 -20.84
N VAL B 373 18.38 23.32 -21.79
CA VAL B 373 16.89 23.37 -22.01
C VAL B 373 16.41 21.94 -22.29
N LEU B 374 17.10 21.19 -23.15
CA LEU B 374 16.67 19.82 -23.53
C LEU B 374 16.81 18.85 -22.35
N LYS B 375 17.78 19.05 -21.44
CA LYS B 375 17.90 18.20 -20.24
C LYS B 375 16.71 18.45 -19.32
N ASP B 376 16.32 19.71 -19.10
CA ASP B 376 15.11 20.08 -18.31
C ASP B 376 13.88 19.48 -18.99
N THR B 377 13.80 19.61 -20.32
CA THR B 377 12.65 19.15 -21.12
C THR B 377 12.56 17.63 -21.00
N ALA B 378 13.68 16.92 -21.12
CA ALA B 378 13.74 15.45 -21.00
C ALA B 378 13.11 15.03 -19.67
N VAL B 379 13.40 15.74 -18.58
CA VAL B 379 12.84 15.40 -17.23
C VAL B 379 11.32 15.57 -17.27
N GLN B 380 10.80 16.68 -17.80
CA GLN B 380 9.33 16.92 -17.96
C GLN B 380 8.70 15.80 -18.81
N MET B 381 9.41 15.29 -19.82
CA MET B 381 8.94 14.21 -20.72
C MET B 381 9.06 12.84 -20.03
N MET B 382 9.55 12.79 -18.78
CA MET B 382 9.86 11.53 -18.04
C MET B 382 10.85 10.68 -18.84
N LEU B 383 11.84 11.33 -19.44
CA LEU B 383 12.99 10.67 -20.12
C LEU B 383 14.27 10.86 -19.31
N PRO B 384 15.28 9.97 -19.46
CA PRO B 384 16.61 10.23 -18.90
C PRO B 384 17.21 11.46 -19.55
N PRO B 385 17.81 12.42 -18.80
CA PRO B 385 18.46 13.59 -19.39
C PRO B 385 19.63 13.30 -20.34
N GLU B 386 20.14 12.07 -20.33
CA GLU B 386 21.12 11.55 -21.34
C GLU B 386 20.52 11.60 -22.76
N CYS B 387 19.19 11.46 -22.88
N CYS B 387 19.20 11.47 -22.89
CA CYS B 387 18.44 11.46 -24.17
CA CYS B 387 18.48 11.42 -24.18
C CYS B 387 18.45 12.85 -24.81
C CYS B 387 18.44 12.83 -24.80
N SER B 388 18.86 13.90 -24.09
N SER B 388 18.86 13.88 -24.09
CA SER B 388 18.81 15.30 -24.59
CA SER B 388 18.81 15.28 -24.59
C SER B 388 19.55 15.39 -25.93
N ASP B 389 20.65 14.65 -26.10
CA ASP B 389 21.44 14.69 -27.36
C ASP B 389 20.62 14.03 -28.48
N LEU B 390 19.84 12.99 -28.20
CA LEU B 390 19.00 12.31 -29.24
C LEU B 390 17.87 13.25 -29.67
N LEU B 391 17.22 13.92 -28.71
CA LEU B 391 16.21 14.97 -28.98
C LEU B 391 16.83 16.04 -29.88
N MET B 392 18.02 16.54 -29.51
CA MET B 392 18.72 17.63 -30.25
C MET B 392 19.01 17.19 -31.68
N GLU B 393 19.53 15.99 -31.87
CA GLU B 393 19.87 15.45 -33.22
C GLU B 393 18.56 15.35 -34.04
N GLU B 394 17.51 14.74 -33.48
CA GLU B 394 16.24 14.50 -34.19
C GLU B 394 15.61 15.82 -34.65
N TYR B 395 15.54 16.85 -33.79
CA TYR B 395 14.70 18.05 -34.07
C TYR B 395 15.54 19.27 -34.48
N MET B 396 16.78 19.39 -34.04
CA MET B 396 17.59 20.62 -34.26
C MET B 396 18.80 20.34 -35.17
N GLY B 397 19.37 19.11 -35.15
CA GLY B 397 20.55 18.76 -35.97
C GLY B 397 21.66 19.79 -35.78
N ASP B 398 22.09 20.44 -36.88
CA ASP B 398 23.24 21.40 -36.92
C ASP B 398 22.74 22.84 -36.91
N THR B 399 21.45 23.08 -36.67
CA THR B 399 20.82 24.43 -36.71
C THR B 399 21.53 25.37 -35.72
N GLU B 400 21.81 26.61 -36.13
CA GLU B 400 22.50 27.63 -35.31
C GLU B 400 21.53 28.79 -35.01
N ASP B 401 20.69 29.15 -35.96
CA ASP B 401 19.72 30.28 -35.86
C ASP B 401 18.76 30.07 -34.67
N ALA B 402 18.70 31.02 -33.74
CA ALA B 402 17.89 30.97 -32.50
C ALA B 402 16.40 30.83 -32.83
N GLN B 403 15.87 31.62 -33.78
CA GLN B 403 14.43 31.59 -34.16
C GLN B 403 14.09 30.19 -34.65
N THR B 404 14.94 29.61 -35.52
CA THR B 404 14.72 28.25 -36.08
C THR B 404 14.74 27.23 -34.94
N LEU B 405 15.65 27.38 -33.98
CA LEU B 405 15.75 26.44 -32.84
C LEU B 405 14.44 26.49 -32.05
N GLN B 406 13.88 27.68 -31.86
CA GLN B 406 12.65 27.90 -31.05
C GLN B 406 11.45 27.24 -31.74
N ILE B 407 11.37 27.33 -33.07
CA ILE B 407 10.31 26.69 -33.89
C ILE B 407 10.48 25.16 -33.81
N GLN B 408 11.71 24.66 -33.92
CA GLN B 408 12.00 23.22 -33.79
C GLN B 408 11.61 22.74 -32.38
N PHE B 409 11.83 23.56 -31.36
CA PHE B 409 11.50 23.23 -29.94
C PHE B 409 9.98 23.07 -29.83
N THR B 410 9.20 24.03 -30.30
CA THR B 410 7.71 23.96 -30.21
C THR B 410 7.22 22.79 -31.07
N GLU B 411 7.84 22.52 -32.22
CA GLU B 411 7.48 21.37 -33.08
C GLU B 411 7.65 20.08 -32.26
N MET B 412 8.77 19.94 -31.57
CA MET B 412 9.11 18.75 -30.74
C MET B 412 8.08 18.60 -29.64
N MET B 413 7.73 19.69 -28.95
CA MET B 413 6.75 19.64 -27.83
C MET B 413 5.36 19.21 -28.36
N GLY B 414 4.93 19.78 -29.49
CA GLY B 414 3.66 19.44 -30.16
C GLY B 414 3.61 17.98 -30.53
N ASP B 415 4.72 17.44 -31.05
CA ASP B 415 4.78 16.03 -31.50
C ASP B 415 4.68 15.13 -30.27
N PHE B 416 5.42 15.46 -29.21
CA PHE B 416 5.47 14.64 -27.99
C PHE B 416 4.10 14.62 -27.31
N MET B 417 3.46 15.78 -27.15
CA MET B 417 2.22 15.93 -26.32
C MET B 417 0.97 15.51 -27.11
N PHE B 418 0.92 15.75 -28.43
CA PHE B 418 -0.32 15.64 -29.24
C PHE B 418 -0.19 14.65 -30.38
N VAL B 419 0.82 14.77 -31.23
CA VAL B 419 0.83 14.06 -32.54
C VAL B 419 1.10 12.57 -32.28
N ILE B 420 2.16 12.26 -31.54
CA ILE B 420 2.53 10.84 -31.33
C ILE B 420 1.41 10.13 -30.56
N PRO B 421 0.91 10.68 -29.42
CA PRO B 421 -0.23 10.05 -28.74
C PRO B 421 -1.41 9.81 -29.67
N ALA B 422 -1.76 10.77 -30.50
CA ALA B 422 -2.92 10.63 -31.42
C ALA B 422 -2.65 9.47 -32.40
N LEU B 423 -1.44 9.40 -32.94
CA LEU B 423 -1.09 8.34 -33.92
C LEU B 423 -1.10 6.97 -33.22
N GLN B 424 -0.66 6.90 -31.97
CA GLN B 424 -0.62 5.62 -31.22
C GLN B 424 -2.05 5.17 -30.95
N VAL B 425 -2.92 6.09 -30.53
CA VAL B 425 -4.32 5.72 -30.20
C VAL B 425 -5.02 5.31 -31.50
N ALA B 426 -4.82 6.06 -32.57
CA ALA B 426 -5.42 5.72 -33.89
C ALA B 426 -5.00 4.29 -34.31
N HIS B 427 -3.74 3.94 -34.12
CA HIS B 427 -3.22 2.58 -34.44
C HIS B 427 -3.90 1.52 -33.56
N PHE B 428 -4.07 1.76 -32.27
CA PHE B 428 -4.75 0.80 -31.36
C PHE B 428 -6.22 0.62 -31.79
N GLN B 429 -6.90 1.69 -32.22
CA GLN B 429 -8.34 1.61 -32.53
C GLN B 429 -8.59 1.00 -33.93
N ARG B 430 -7.79 1.37 -34.93
CA ARG B 430 -8.20 1.26 -36.34
C ARG B 430 -8.30 -0.21 -36.83
N SER B 431 -7.69 -1.16 -36.14
CA SER B 431 -7.79 -2.61 -36.42
C SER B 431 -9.12 -3.16 -35.89
N HIS B 432 -9.83 -2.45 -35.00
CA HIS B 432 -11.10 -2.94 -34.41
C HIS B 432 -12.29 -2.25 -35.07
N ALA B 433 -12.12 -1.00 -35.50
CA ALA B 433 -13.24 -0.12 -35.91
C ALA B 433 -12.72 0.99 -36.82
N PRO B 434 -13.59 1.61 -37.62
CA PRO B 434 -13.17 2.74 -38.44
C PRO B 434 -12.52 3.85 -37.60
N VAL B 435 -11.39 4.33 -38.08
CA VAL B 435 -10.73 5.57 -37.60
C VAL B 435 -10.53 6.45 -38.82
N TYR B 436 -11.02 7.68 -38.78
CA TYR B 436 -10.73 8.73 -39.76
C TYR B 436 -9.77 9.72 -39.12
N PHE B 437 -8.58 9.88 -39.71
CA PHE B 437 -7.51 10.71 -39.14
C PHE B 437 -7.40 12.01 -39.91
N TYR B 438 -7.18 13.14 -39.22
CA TYR B 438 -6.96 14.45 -39.88
C TYR B 438 -5.75 15.17 -39.28
N GLU B 439 -5.11 15.99 -40.11
CA GLU B 439 -4.18 17.06 -39.67
C GLU B 439 -4.77 18.38 -40.16
N PHE B 440 -5.12 19.27 -39.24
CA PHE B 440 -5.65 20.60 -39.56
C PHE B 440 -4.47 21.56 -39.71
N GLN B 441 -4.43 22.30 -40.82
CA GLN B 441 -3.22 23.01 -41.27
C GLN B 441 -3.48 24.50 -41.48
N HIS B 442 -4.70 24.98 -41.36
CA HIS B 442 -5.04 26.36 -41.76
C HIS B 442 -4.70 27.35 -40.66
N PRO B 443 -3.79 28.32 -40.89
CA PRO B 443 -3.58 29.43 -39.95
C PRO B 443 -4.74 30.40 -40.11
N PRO B 444 -5.54 30.65 -39.07
CA PRO B 444 -6.70 31.51 -39.22
C PRO B 444 -6.34 32.97 -39.53
N SER B 445 -7.10 33.57 -40.46
CA SER B 445 -6.95 34.97 -40.94
C SER B 445 -6.93 35.97 -39.78
N TYR B 446 -7.82 35.82 -38.80
CA TYR B 446 -8.03 36.77 -37.67
C TYR B 446 -6.88 36.69 -36.66
N PHE B 447 -5.97 35.72 -36.76
CA PHE B 447 -4.82 35.61 -35.85
C PHE B 447 -3.52 36.06 -36.52
N LYS B 448 -3.53 36.43 -37.81
CA LYS B 448 -2.29 36.71 -38.59
C LYS B 448 -1.53 37.88 -37.95
N ASP B 449 -2.23 38.94 -37.48
CA ASP B 449 -1.56 40.14 -36.91
C ASP B 449 -1.35 40.01 -35.40
N VAL B 450 -1.92 39.00 -34.75
CA VAL B 450 -1.98 38.87 -33.25
C VAL B 450 -0.79 38.05 -32.75
N ARG B 451 -0.22 37.21 -33.59
CA ARG B 451 0.82 36.26 -33.13
C ARG B 451 1.89 36.15 -34.21
N PRO B 452 3.10 35.63 -33.86
CA PRO B 452 4.20 35.60 -34.81
C PRO B 452 3.85 34.87 -36.11
N PRO B 453 4.36 35.33 -37.27
CA PRO B 453 3.94 34.79 -38.57
C PRO B 453 4.42 33.36 -38.86
N HIS B 454 5.38 32.83 -38.10
CA HIS B 454 5.81 31.42 -38.22
C HIS B 454 4.75 30.44 -37.64
N VAL B 455 3.80 30.91 -36.83
CA VAL B 455 2.75 30.04 -36.22
C VAL B 455 1.82 29.57 -37.33
N LYS B 456 1.58 28.26 -37.43
CA LYS B 456 0.66 27.71 -38.45
C LYS B 456 -0.70 27.50 -37.75
N ALA B 457 -1.26 26.28 -37.77
CA ALA B 457 -2.51 26.00 -37.05
C ALA B 457 -2.16 25.68 -35.60
N ASP B 458 -2.34 26.67 -34.75
CA ASP B 458 -2.06 26.57 -33.30
C ASP B 458 -3.11 25.67 -32.64
N HIS B 459 -2.84 25.28 -31.41
CA HIS B 459 -3.83 24.67 -30.48
C HIS B 459 -5.14 25.43 -30.54
N ALA B 460 -6.25 24.72 -30.72
CA ALA B 460 -7.66 25.21 -30.68
C ALA B 460 -8.07 25.99 -31.94
N ASP B 461 -7.19 26.16 -32.94
CA ASP B 461 -7.55 26.98 -34.14
C ASP B 461 -8.68 26.34 -34.95
N GLU B 462 -8.92 25.02 -34.82
CA GLU B 462 -9.97 24.33 -35.60
C GLU B 462 -11.35 24.50 -34.96
N ILE B 463 -11.43 24.86 -33.69
CA ILE B 463 -12.73 24.91 -32.98
C ILE B 463 -13.69 25.87 -33.69
N PRO B 464 -13.29 27.10 -34.08
CA PRO B 464 -14.22 27.99 -34.75
C PRO B 464 -14.74 27.48 -36.09
N PHE B 465 -14.00 26.60 -36.73
CA PHE B 465 -14.44 26.01 -38.02
C PHE B 465 -15.55 24.99 -37.76
N VAL B 466 -15.51 24.31 -36.62
CA VAL B 466 -16.56 23.33 -36.21
C VAL B 466 -17.79 24.08 -35.69
N PHE B 467 -17.62 25.16 -34.93
CA PHE B 467 -18.76 25.86 -34.26
C PHE B 467 -19.21 27.08 -35.09
N ALA B 468 -18.45 27.47 -36.11
CA ALA B 468 -18.73 28.61 -37.04
C ALA B 468 -18.79 29.93 -36.26
N SER B 469 -18.16 29.99 -35.10
CA SER B 469 -18.09 31.19 -34.20
C SER B 469 -16.86 31.04 -33.32
N PHE B 470 -16.44 32.13 -32.67
CA PHE B 470 -15.41 32.11 -31.61
C PHE B 470 -16.11 31.67 -30.31
N PHE B 471 -15.35 31.61 -29.22
CA PHE B 471 -15.88 31.30 -27.88
C PHE B 471 -17.04 32.26 -27.58
N TRP B 472 -17.98 31.78 -26.75
CA TRP B 472 -19.22 32.48 -26.33
C TRP B 472 -20.03 32.90 -27.56
N GLY B 473 -19.85 32.20 -28.68
CA GLY B 473 -20.64 32.44 -29.90
C GLY B 473 -20.32 33.79 -30.54
N MET B 474 -19.19 34.40 -30.21
CA MET B 474 -18.81 35.73 -30.76
C MET B 474 -18.50 35.57 -32.24
N LYS B 475 -18.95 36.51 -33.06
CA LYS B 475 -18.83 36.49 -34.54
C LYS B 475 -17.37 36.66 -34.96
N LEU B 476 -16.98 36.04 -36.06
CA LEU B 476 -15.61 36.12 -36.63
C LEU B 476 -15.69 36.62 -38.07
N ASP B 477 -14.69 37.38 -38.51
CA ASP B 477 -14.58 37.84 -39.92
C ASP B 477 -13.81 36.76 -40.69
N PHE B 478 -14.47 35.65 -41.01
CA PHE B 478 -13.91 34.58 -41.87
C PHE B 478 -13.72 35.11 -43.30
N THR B 479 -12.63 34.76 -43.96
CA THR B 479 -12.51 34.90 -45.44
C THR B 479 -13.56 33.99 -46.10
N GLU B 480 -13.88 34.23 -47.37
CA GLU B 480 -14.79 33.37 -48.16
C GLU B 480 -14.29 31.92 -48.15
N GLU B 481 -12.97 31.74 -48.29
CA GLU B 481 -12.30 30.41 -48.29
C GLU B 481 -12.48 29.75 -46.91
N GLU B 482 -12.39 30.54 -45.83
CA GLU B 482 -12.56 30.04 -44.44
C GLU B 482 -14.00 29.65 -44.19
N GLU B 483 -14.97 30.37 -44.76
CA GLU B 483 -16.41 29.98 -44.65
C GLU B 483 -16.62 28.63 -45.31
N LEU B 484 -15.98 28.37 -46.45
CA LEU B 484 -16.08 27.05 -47.11
C LEU B 484 -15.43 25.98 -46.22
N LEU B 485 -14.25 26.23 -45.66
CA LEU B 485 -13.57 25.24 -44.78
C LEU B 485 -14.47 24.93 -43.57
N SER B 486 -15.14 25.93 -43.01
CA SER B 486 -16.07 25.77 -41.86
C SER B 486 -17.27 24.93 -42.29
N ARG B 487 -17.89 25.23 -43.43
CA ARG B 487 -19.04 24.44 -43.94
C ARG B 487 -18.62 22.98 -44.12
N ARG B 488 -17.45 22.75 -44.70
CA ARG B 488 -16.92 21.39 -44.93
C ARG B 488 -16.72 20.67 -43.58
N MET B 489 -16.00 21.29 -42.63
CA MET B 489 -15.71 20.63 -41.34
C MET B 489 -16.99 20.35 -40.58
N MET B 490 -17.94 21.28 -40.59
CA MET B 490 -19.26 21.05 -39.96
C MET B 490 -19.96 19.86 -40.63
N LYS B 491 -19.91 19.76 -41.96
CA LYS B 491 -20.57 18.67 -42.67
C LYS B 491 -19.83 17.34 -42.43
N TYR B 492 -18.49 17.32 -42.43
CA TYR B 492 -17.73 16.08 -42.12
C TYR B 492 -18.16 15.58 -40.72
N TRP B 493 -18.18 16.49 -39.73
CA TRP B 493 -18.50 16.17 -38.33
C TRP B 493 -19.93 15.67 -38.25
N ALA B 494 -20.87 16.36 -38.89
CA ALA B 494 -22.29 16.00 -38.84
C ALA B 494 -22.55 14.69 -39.61
N ASN B 495 -21.93 14.48 -40.77
CA ASN B 495 -22.02 13.19 -41.50
C ASN B 495 -21.56 12.05 -40.60
N PHE B 496 -20.47 12.29 -39.88
CA PHE B 496 -19.93 11.30 -38.94
C PHE B 496 -20.93 11.05 -37.80
N ALA B 497 -21.56 12.10 -37.28
CA ALA B 497 -22.59 11.98 -36.24
C ALA B 497 -23.78 11.17 -36.78
N ARG B 498 -24.11 11.32 -38.06
CA ARG B 498 -25.27 10.61 -38.66
C ARG B 498 -24.94 9.14 -38.93
N HIS B 499 -23.73 8.81 -39.41
CA HIS B 499 -23.47 7.51 -40.08
C HIS B 499 -22.16 6.87 -39.64
N GLY B 500 -21.33 7.50 -38.79
CA GLY B 500 -20.01 6.94 -38.41
C GLY B 500 -19.02 6.96 -39.57
N ASN B 501 -19.25 7.84 -40.54
CA ASN B 501 -18.42 8.02 -41.74
C ASN B 501 -18.59 9.48 -42.14
N PRO B 502 -17.51 10.29 -42.26
CA PRO B 502 -17.64 11.72 -42.53
C PRO B 502 -17.96 12.07 -44.00
N ASN B 503 -17.94 11.08 -44.90
CA ASN B 503 -18.03 11.34 -46.36
C ASN B 503 -19.47 11.57 -46.84
N SER B 504 -19.61 12.41 -47.85
CA SER B 504 -20.87 12.61 -48.62
C SER B 504 -20.55 13.35 -49.93
N GLU B 505 -21.52 13.38 -50.85
CA GLU B 505 -21.37 14.10 -52.14
C GLU B 505 -20.98 15.57 -51.87
N GLY B 506 -20.04 16.10 -52.63
CA GLY B 506 -19.66 17.52 -52.52
C GLY B 506 -18.49 17.72 -51.57
N LEU B 507 -18.13 16.73 -50.74
CA LEU B 507 -16.95 16.85 -49.86
C LEU B 507 -15.78 16.08 -50.46
N PRO B 508 -14.54 16.60 -50.38
CA PRO B 508 -13.36 15.80 -50.69
C PRO B 508 -13.33 14.50 -49.88
N TYR B 509 -12.99 13.41 -50.55
CA TYR B 509 -13.08 12.05 -49.98
C TYR B 509 -12.01 11.87 -48.92
N TRP B 510 -12.44 11.45 -47.74
CA TRP B 510 -11.60 11.19 -46.56
C TRP B 510 -11.48 9.69 -46.35
N PRO B 511 -10.36 9.04 -46.73
CA PRO B 511 -10.26 7.59 -46.57
C PRO B 511 -10.10 7.19 -45.10
N VAL B 512 -10.69 6.07 -44.76
CA VAL B 512 -10.53 5.44 -43.43
C VAL B 512 -9.05 5.07 -43.25
N MET B 513 -8.58 5.15 -42.02
CA MET B 513 -7.17 4.88 -41.66
C MET B 513 -7.02 3.37 -41.47
N ASP B 514 -6.09 2.79 -42.23
CA ASP B 514 -5.71 1.36 -42.11
C ASP B 514 -4.19 1.28 -42.34
N HIS B 515 -3.68 0.11 -42.71
CA HIS B 515 -2.22 -0.10 -42.93
C HIS B 515 -1.68 0.83 -44.00
N ASP B 516 -2.49 1.42 -44.89
CA ASP B 516 -2.03 2.45 -45.87
C ASP B 516 -1.87 3.83 -45.20
N GLU B 517 -2.24 3.99 -43.93
CA GLU B 517 -1.83 5.20 -43.14
C GLU B 517 -2.38 6.49 -43.73
N GLN B 518 -3.55 6.45 -44.38
CA GLN B 518 -4.11 7.68 -45.02
C GLN B 518 -4.68 8.60 -43.92
N TYR B 519 -4.59 9.91 -44.16
CA TYR B 519 -5.19 10.95 -43.30
C TYR B 519 -5.61 12.11 -44.20
N LEU B 520 -6.59 12.89 -43.77
CA LEU B 520 -7.03 14.10 -44.50
C LEU B 520 -6.29 15.31 -43.95
N GLN B 521 -5.65 16.07 -44.85
CA GLN B 521 -5.08 17.39 -44.54
C GLN B 521 -6.21 18.40 -44.69
N LEU B 522 -6.66 18.99 -43.59
CA LEU B 522 -7.74 19.99 -43.60
C LEU B 522 -7.12 21.38 -43.77
N ASP B 523 -7.48 22.04 -44.88
CA ASP B 523 -7.09 23.42 -45.22
C ASP B 523 -8.00 23.90 -46.35
N ILE B 524 -7.71 25.06 -46.90
CA ILE B 524 -8.52 25.69 -47.98
C ILE B 524 -8.68 24.68 -49.14
N GLN B 525 -7.65 23.91 -49.46
CA GLN B 525 -7.75 22.79 -50.45
C GLN B 525 -7.47 21.48 -49.72
N PRO B 526 -8.49 20.76 -49.20
CA PRO B 526 -8.23 19.51 -48.48
C PRO B 526 -7.58 18.48 -49.42
N ALA B 527 -6.64 17.70 -48.88
CA ALA B 527 -5.89 16.70 -49.67
C ALA B 527 -5.55 15.53 -48.77
N VAL B 528 -5.57 14.34 -49.32
CA VAL B 528 -5.20 13.10 -48.60
C VAL B 528 -3.68 13.04 -48.50
N GLY B 529 -3.19 12.61 -47.34
CA GLY B 529 -1.77 12.36 -47.11
C GLY B 529 -1.59 10.93 -46.65
N ARG B 530 -0.34 10.52 -46.59
CA ARG B 530 0.06 9.18 -46.15
C ARG B 530 1.07 9.28 -45.00
N ALA B 531 0.85 8.47 -43.97
CA ALA B 531 1.80 8.23 -42.85
C ALA B 531 2.28 9.58 -42.27
N LEU B 532 1.38 10.30 -41.61
CA LEU B 532 1.74 11.58 -40.94
C LEU B 532 2.96 11.37 -40.02
N LYS B 533 3.98 12.18 -40.22
CA LYS B 533 5.20 12.26 -39.38
C LYS B 533 5.71 10.86 -39.06
N ALA B 534 5.81 10.00 -40.07
CA ALA B 534 6.29 8.61 -39.97
C ALA B 534 7.67 8.56 -39.28
N GLY B 535 8.59 9.46 -39.63
CA GLY B 535 9.94 9.56 -39.07
C GLY B 535 9.86 9.86 -37.58
N ARG B 536 9.09 10.88 -37.20
CA ARG B 536 8.89 11.23 -35.77
C ARG B 536 8.28 10.05 -35.03
N LEU B 537 7.30 9.37 -35.63
CA LEU B 537 6.62 8.24 -34.95
C LEU B 537 7.66 7.15 -34.66
N GLN B 538 8.54 6.87 -35.64
CA GLN B 538 9.62 5.85 -35.49
C GLN B 538 10.56 6.30 -34.35
N PHE B 539 10.97 7.56 -34.35
CA PHE B 539 11.89 8.11 -33.32
C PHE B 539 11.30 7.91 -31.93
N TRP B 540 10.10 8.44 -31.68
CA TRP B 540 9.51 8.49 -30.32
C TRP B 540 9.12 7.10 -29.85
N THR B 541 8.65 6.22 -30.73
CA THR B 541 8.00 4.96 -30.26
C THR B 541 8.95 3.77 -30.39
N LYS B 542 10.00 3.85 -31.21
CA LYS B 542 10.91 2.69 -31.44
C LYS B 542 12.34 3.11 -31.10
N THR B 543 12.93 4.06 -31.83
CA THR B 543 14.36 4.42 -31.73
C THR B 543 14.71 4.85 -30.31
N LEU B 544 13.97 5.83 -29.78
CA LEU B 544 14.32 6.45 -28.48
C LEU B 544 14.13 5.41 -27.36
N PRO B 545 13.00 4.67 -27.23
CA PRO B 545 12.91 3.62 -26.21
C PRO B 545 13.98 2.53 -26.29
N GLN B 546 14.41 2.15 -27.50
CA GLN B 546 15.45 1.11 -27.72
C GLN B 546 16.78 1.63 -27.16
N LYS B 547 17.14 2.89 -27.43
CA LYS B 547 18.42 3.49 -26.95
C LYS B 547 18.37 3.61 -25.43
N ILE B 548 17.20 3.90 -24.85
CA ILE B 548 17.04 3.99 -23.36
C ILE B 548 17.21 2.60 -22.75
N GLN B 549 16.59 1.56 -23.34
CA GLN B 549 16.69 0.18 -22.80
C GLN B 549 18.14 -0.33 -22.95
N GLU B 550 18.88 0.07 -23.99
CA GLU B 550 20.31 -0.30 -24.17
C GLU B 550 21.13 0.28 -23.02
N LEU B 551 21.03 1.59 -22.81
CA LEU B 551 21.80 2.32 -21.75
C LEU B 551 21.43 1.81 -20.35
N LYS B 552 20.13 1.59 -20.08
CA LYS B 552 19.66 1.00 -18.78
C LYS B 552 20.28 -0.39 -18.58
N ALA B 553 20.18 -1.29 -19.58
CA ALA B 553 20.66 -2.70 -19.50
C ALA B 553 22.19 -2.72 -19.32
N SER B 554 22.93 -1.81 -19.98
CA SER B 554 24.41 -1.69 -19.89
C SER B 554 24.81 -1.35 -18.45
N GLN B 555 24.10 -0.43 -17.81
CA GLN B 555 24.39 0.03 -16.43
C GLN B 555 23.94 -1.03 -15.41
N ASP B 556 22.91 -1.84 -15.72
CA ASP B 556 22.51 -3.03 -14.92
C ASP B 556 23.61 -4.09 -14.99
N LYS B 557 24.16 -4.36 -16.18
CA LYS B 557 25.27 -5.33 -16.42
C LYS B 557 26.50 -4.92 -15.60
N HIS B 558 26.82 -3.63 -15.57
CA HIS B 558 27.95 -3.06 -14.80
C HIS B 558 27.70 -3.19 -13.29
N ARG B 559 26.47 -2.94 -12.83
CA ARG B 559 26.05 -3.15 -11.40
C ARG B 559 26.26 -4.61 -11.01
N GLU B 560 25.85 -5.55 -11.87
CA GLU B 560 25.93 -7.02 -11.64
C GLU B 560 27.39 -7.45 -11.49
N GLU C 31 -7.09 -19.74 3.64
CA GLU C 31 -7.04 -19.14 5.00
C GLU C 31 -8.41 -19.48 5.63
N ALA C 32 -8.43 -19.62 6.94
CA ALA C 32 -9.65 -19.83 7.74
C ALA C 32 -10.50 -18.56 7.80
N ASN C 33 -9.86 -17.38 7.67
CA ASN C 33 -10.49 -16.06 7.88
C ASN C 33 -10.00 -15.14 6.76
N PRO C 34 -10.35 -15.43 5.49
CA PRO C 34 -9.74 -14.78 4.35
C PRO C 34 -10.08 -13.28 4.31
N ILE C 35 -9.13 -12.47 3.87
CA ILE C 35 -9.30 -11.00 3.68
C ILE C 35 -9.23 -10.69 2.19
N ARG C 36 -10.17 -9.88 1.73
CA ARG C 36 -10.33 -9.52 0.29
C ARG C 36 -10.46 -8.00 0.17
N ASN C 37 -10.08 -7.48 -0.98
CA ASN C 37 -10.17 -6.05 -1.33
C ASN C 37 -11.55 -5.76 -1.93
N THR C 38 -12.06 -4.57 -1.66
CA THR C 38 -13.20 -3.97 -2.40
C THR C 38 -12.82 -2.52 -2.72
N HIS C 39 -13.57 -1.91 -3.62
CA HIS C 39 -13.37 -0.49 -4.00
C HIS C 39 -13.51 0.39 -2.75
N THR C 40 -14.29 -0.04 -1.76
CA THR C 40 -14.62 0.72 -0.53
C THR C 40 -13.77 0.27 0.67
N GLY C 41 -12.91 -0.73 0.51
CA GLY C 41 -12.03 -1.19 1.59
C GLY C 41 -12.03 -2.71 1.76
N GLN C 42 -11.26 -3.18 2.74
CA GLN C 42 -11.02 -4.65 2.93
C GLN C 42 -12.14 -5.27 3.74
N ILE C 43 -12.43 -6.54 3.45
CA ILE C 43 -13.46 -7.32 4.17
C ILE C 43 -12.91 -8.70 4.54
N GLN C 44 -13.28 -9.19 5.72
CA GLN C 44 -12.87 -10.52 6.22
C GLN C 44 -14.07 -11.46 6.19
N GLY C 45 -13.92 -12.61 5.54
CA GLY C 45 -14.95 -13.65 5.49
C GLY C 45 -14.59 -14.85 6.33
N SER C 46 -15.19 -15.99 6.03
CA SER C 46 -15.09 -17.25 6.82
C SER C 46 -14.83 -18.41 5.86
N LEU C 47 -14.06 -19.40 6.32
CA LEU C 47 -13.97 -20.74 5.68
C LEU C 47 -14.99 -21.67 6.33
N ILE C 48 -15.85 -22.27 5.53
CA ILE C 48 -16.85 -23.26 6.02
C ILE C 48 -16.71 -24.55 5.20
N HIS C 49 -17.22 -25.65 5.75
CA HIS C 49 -17.30 -26.97 5.07
C HIS C 49 -18.78 -27.38 4.99
N VAL C 50 -19.16 -28.10 3.94
CA VAL C 50 -20.58 -28.49 3.68
C VAL C 50 -20.70 -29.96 3.25
N ALA C 55 -11.59 -28.63 -1.49
CA ALA C 55 -12.64 -28.70 -0.44
C ALA C 55 -12.78 -27.32 0.23
N GLY C 56 -13.98 -27.03 0.74
CA GLY C 56 -14.25 -25.81 1.51
C GLY C 56 -14.84 -24.68 0.66
N VAL C 57 -15.57 -23.80 1.32
CA VAL C 57 -16.21 -22.59 0.74
C VAL C 57 -15.77 -21.38 1.57
N HIS C 58 -15.48 -20.28 0.90
CA HIS C 58 -15.32 -18.96 1.54
C HIS C 58 -16.65 -18.22 1.45
N THR C 59 -17.11 -17.64 2.55
CA THR C 59 -18.29 -16.77 2.59
C THR C 59 -17.86 -15.37 2.96
N PHE C 60 -18.45 -14.37 2.30
CA PHE C 60 -18.29 -12.93 2.60
C PHE C 60 -19.69 -12.35 2.65
N LEU C 61 -20.17 -12.00 3.85
CA LEU C 61 -21.59 -11.69 4.07
C LEU C 61 -21.78 -10.22 4.40
N GLY C 62 -22.92 -9.66 4.00
CA GLY C 62 -23.35 -8.33 4.43
C GLY C 62 -22.50 -7.23 3.82
N ILE C 63 -22.12 -7.37 2.54
CA ILE C 63 -21.28 -6.36 1.84
C ILE C 63 -22.19 -5.25 1.32
N PRO C 64 -21.95 -3.97 1.68
CA PRO C 64 -22.79 -2.87 1.17
C PRO C 64 -22.47 -2.53 -0.29
N PHE C 65 -23.50 -2.51 -1.14
CA PHE C 65 -23.33 -2.18 -2.58
C PHE C 65 -23.92 -0.79 -2.84
N ALA C 66 -24.56 -0.21 -1.86
CA ALA C 66 -25.11 1.16 -1.94
C ALA C 66 -25.19 1.77 -0.56
N LYS C 67 -25.25 3.09 -0.55
CA LYS C 67 -25.56 3.92 0.64
C LYS C 67 -26.94 3.49 1.17
N PRO C 68 -27.16 3.42 2.50
CA PRO C 68 -28.49 3.13 3.03
C PRO C 68 -29.55 4.10 2.52
N PRO C 69 -30.67 3.57 1.96
CA PRO C 69 -31.67 4.38 1.29
C PRO C 69 -32.67 4.93 2.33
N VAL C 70 -32.13 5.76 3.23
CA VAL C 70 -32.86 6.30 4.41
C VAL C 70 -32.88 7.83 4.33
N GLY C 71 -33.78 8.45 5.10
CA GLY C 71 -33.96 9.91 5.11
C GLY C 71 -34.31 10.39 3.71
N PRO C 72 -33.57 11.36 3.15
CA PRO C 72 -33.86 11.85 1.79
C PRO C 72 -33.57 10.81 0.70
N LEU C 73 -32.88 9.70 0.99
CA LEU C 73 -32.58 8.65 -0.02
C LEU C 73 -33.70 7.62 -0.09
N ARG C 74 -34.71 7.71 0.78
CA ARG C 74 -35.97 6.93 0.61
C ARG C 74 -36.67 7.45 -0.64
N PHE C 75 -37.16 6.55 -1.50
CA PHE C 75 -37.76 6.87 -2.82
C PHE C 75 -36.78 7.68 -3.67
N ALA C 76 -35.49 7.38 -3.58
CA ALA C 76 -34.45 7.95 -4.48
C ALA C 76 -33.58 6.82 -5.01
N PRO C 77 -32.93 7.02 -6.18
CA PRO C 77 -32.00 6.04 -6.72
C PRO C 77 -30.89 5.68 -5.72
N PRO C 78 -30.34 4.45 -5.82
CA PRO C 78 -29.24 4.04 -4.94
C PRO C 78 -28.00 4.88 -5.26
N GLU C 79 -27.24 5.22 -4.23
N GLU C 79 -27.26 5.24 -4.20
CA GLU C 79 -25.95 5.95 -4.41
CA GLU C 79 -25.99 6.01 -4.27
C GLU C 79 -24.80 5.08 -3.93
C GLU C 79 -24.81 5.09 -3.91
N ALA C 80 -23.58 5.46 -4.31
N ALA C 80 -23.60 5.48 -4.29
CA ALA C 80 -22.35 4.71 -4.08
CA ALA C 80 -22.36 4.72 -4.08
C ALA C 80 -22.15 4.45 -2.58
N PRO C 81 -21.73 3.24 -2.20
CA PRO C 81 -21.48 2.95 -0.79
C PRO C 81 -20.26 3.77 -0.31
N GLU C 82 -20.21 4.03 0.99
CA GLU C 82 -19.13 4.81 1.63
C GLU C 82 -17.89 3.94 1.86
N PRO C 83 -16.70 4.48 1.66
CA PRO C 83 -15.49 3.76 2.01
C PRO C 83 -15.33 3.64 3.53
N TRP C 84 -14.57 2.65 3.96
CA TRP C 84 -14.22 2.43 5.38
C TRP C 84 -12.71 2.23 5.49
N SER C 85 -12.17 2.56 6.64
CA SER C 85 -10.81 2.17 7.12
C SER C 85 -10.90 0.82 7.82
N GLY C 86 -9.76 0.16 7.97
CA GLY C 86 -9.66 -1.11 8.67
C GLY C 86 -10.35 -2.20 7.89
N VAL C 87 -10.52 -3.35 8.50
CA VAL C 87 -11.04 -4.57 7.82
C VAL C 87 -12.47 -4.75 8.30
N ARG C 88 -13.42 -4.68 7.38
CA ARG C 88 -14.86 -4.84 7.67
C ARG C 88 -15.14 -6.32 8.02
N ASP C 89 -15.96 -6.53 9.04
CA ASP C 89 -16.45 -7.87 9.41
C ASP C 89 -17.44 -8.37 8.34
N GLY C 90 -17.12 -9.45 7.63
CA GLY C 90 -18.01 -10.10 6.65
C GLY C 90 -18.50 -11.46 7.12
N THR C 91 -18.77 -11.62 8.41
CA THR C 91 -19.12 -12.93 9.00
C THR C 91 -20.61 -12.96 9.41
N ALA C 92 -21.35 -11.86 9.31
CA ALA C 92 -22.77 -11.79 9.74
C ALA C 92 -23.68 -11.51 8.52
N HIS C 93 -24.79 -12.23 8.43
CA HIS C 93 -25.84 -11.97 7.43
C HIS C 93 -26.39 -10.57 7.64
N PRO C 94 -26.74 -9.85 6.57
CA PRO C 94 -27.32 -8.52 6.70
C PRO C 94 -28.78 -8.57 7.13
N ALA C 95 -29.26 -7.46 7.65
CA ALA C 95 -30.69 -7.18 7.84
C ALA C 95 -31.41 -7.39 6.51
N MET C 96 -32.61 -7.93 6.58
CA MET C 96 -33.55 -7.97 5.44
C MET C 96 -34.23 -6.60 5.31
N CYS C 97 -34.69 -6.25 4.11
CA CYS C 97 -35.46 -5.00 3.87
C CYS C 97 -36.82 -5.10 4.59
N LEU C 98 -37.42 -3.96 4.89
CA LEU C 98 -38.72 -3.87 5.56
C LEU C 98 -39.74 -4.70 4.79
N GLN C 99 -40.46 -5.53 5.53
CA GLN C 99 -41.49 -6.41 4.97
C GLN C 99 -42.36 -6.92 6.13
N ASN C 100 -43.51 -7.48 5.79
N ASN C 100 -43.55 -7.44 5.77
CA ASN C 100 -44.49 -7.97 6.80
CA ASN C 100 -44.56 -8.06 6.67
C ASN C 100 -44.19 -9.45 7.06
C ASN C 100 -44.15 -9.50 7.01
N LEU C 101 -43.75 -9.76 8.30
N LEU C 101 -43.77 -9.77 8.26
CA LEU C 101 -43.27 -11.10 8.72
CA LEU C 101 -43.27 -11.10 8.72
C LEU C 101 -44.39 -12.14 8.68
N ASP C 102 -45.64 -11.74 8.93
CA ASP C 102 -46.77 -12.71 8.89
C ASP C 102 -46.78 -13.39 7.51
N MET C 103 -46.59 -12.63 6.44
CA MET C 103 -46.59 -13.14 5.05
C MET C 103 -45.42 -14.13 4.85
N LEU C 104 -44.23 -13.87 5.42
CA LEU C 104 -43.22 -14.95 5.69
C LEU C 104 -43.81 -15.93 6.73
N SER C 118 -36.53 -12.94 15.28
CA SER C 118 -35.15 -12.81 15.79
C SER C 118 -34.24 -12.20 14.70
N PHE C 119 -34.58 -12.38 13.40
CA PHE C 119 -33.70 -11.98 12.27
C PHE C 119 -33.80 -10.46 12.06
N PRO C 120 -32.67 -9.74 11.95
CA PRO C 120 -32.73 -8.29 11.84
C PRO C 120 -33.43 -7.84 10.54
N MET C 121 -34.19 -6.75 10.66
CA MET C 121 -34.95 -6.13 9.55
C MET C 121 -34.75 -4.61 9.64
N SER C 122 -34.46 -3.94 8.53
CA SER C 122 -34.13 -2.49 8.52
C SER C 122 -34.39 -1.91 7.13
N GLU C 123 -34.67 -0.63 7.06
CA GLU C 123 -34.62 0.15 5.80
C GLU C 123 -33.16 0.13 5.28
N ASP C 124 -32.19 0.00 6.19
CA ASP C 124 -30.76 -0.14 5.86
C ASP C 124 -30.50 -1.61 5.48
N CYS C 125 -30.73 -1.97 4.22
CA CYS C 125 -30.79 -3.39 3.78
C CYS C 125 -30.07 -3.62 2.43
N LEU C 126 -29.35 -2.64 1.88
CA LEU C 126 -28.74 -2.79 0.54
C LEU C 126 -27.38 -3.48 0.69
N TYR C 127 -27.44 -4.80 0.83
CA TYR C 127 -26.28 -5.69 1.03
C TYR C 127 -26.35 -6.89 0.09
N LEU C 128 -25.19 -7.50 -0.14
CA LEU C 128 -25.09 -8.76 -0.88
C LEU C 128 -24.13 -9.71 -0.17
N ASN C 129 -24.27 -10.98 -0.45
CA ASN C 129 -23.45 -12.08 0.11
C ASN C 129 -22.73 -12.78 -1.04
N ILE C 130 -21.52 -13.25 -0.77
CA ILE C 130 -20.67 -13.94 -1.77
C ILE C 130 -20.22 -15.30 -1.19
N TYR C 131 -20.38 -16.33 -2.00
CA TYR C 131 -19.90 -17.72 -1.78
C TYR C 131 -18.86 -17.99 -2.87
N THR C 132 -17.64 -18.36 -2.49
CA THR C 132 -16.56 -18.72 -3.44
C THR C 132 -15.96 -20.07 -3.05
N PRO C 133 -15.42 -20.85 -4.00
CA PRO C 133 -14.63 -22.03 -3.65
C PRO C 133 -13.43 -21.51 -2.82
N ALA C 134 -13.04 -22.25 -1.80
CA ALA C 134 -11.95 -21.83 -0.88
C ALA C 134 -10.62 -21.64 -1.65
N HIS C 135 -10.43 -22.29 -2.80
CA HIS C 135 -9.20 -22.12 -3.63
C HIS C 135 -9.22 -20.79 -4.39
N ALA C 136 -10.37 -20.11 -4.46
CA ALA C 136 -10.47 -18.85 -5.24
C ALA C 136 -9.67 -17.73 -4.55
N HIS C 137 -9.07 -16.86 -5.35
CA HIS C 137 -8.34 -15.64 -4.91
C HIS C 137 -8.49 -14.58 -6.02
N GLU C 138 -8.08 -13.34 -5.77
CA GLU C 138 -7.92 -12.31 -6.84
C GLU C 138 -7.37 -12.97 -8.12
N GLY C 139 -8.11 -12.87 -9.23
CA GLY C 139 -7.70 -13.34 -10.58
C GLY C 139 -8.06 -14.80 -10.92
N SER C 140 -8.70 -15.59 -10.04
CA SER C 140 -9.09 -17.01 -10.36
C SER C 140 -10.01 -17.05 -11.59
N ASN C 141 -10.78 -15.98 -11.86
CA ASN C 141 -11.53 -15.81 -13.12
C ASN C 141 -12.63 -16.88 -13.27
N LEU C 142 -13.30 -17.24 -12.18
CA LEU C 142 -14.40 -18.23 -12.18
C LEU C 142 -15.70 -17.60 -12.71
N PRO C 143 -16.61 -18.39 -13.28
CA PRO C 143 -17.93 -17.87 -13.61
C PRO C 143 -18.68 -17.40 -12.35
N VAL C 144 -19.56 -16.44 -12.54
CA VAL C 144 -20.32 -15.78 -11.45
C VAL C 144 -21.81 -15.98 -11.72
N MET C 145 -22.54 -16.43 -10.72
CA MET C 145 -24.00 -16.52 -10.78
C MET C 145 -24.57 -15.60 -9.69
N VAL C 146 -25.43 -14.67 -10.10
CA VAL C 146 -26.04 -13.66 -9.19
C VAL C 146 -27.51 -13.99 -9.03
N TRP C 147 -27.89 -14.42 -7.82
CA TRP C 147 -29.28 -14.81 -7.46
C TRP C 147 -30.10 -13.60 -7.03
N ILE C 148 -31.25 -13.46 -7.65
CA ILE C 148 -32.27 -12.43 -7.28
C ILE C 148 -33.49 -13.18 -6.73
N HIS C 149 -33.76 -13.02 -5.46
CA HIS C 149 -34.87 -13.70 -4.76
C HIS C 149 -36.21 -13.18 -5.21
N GLY C 150 -37.21 -14.06 -5.13
CA GLY C 150 -38.62 -13.75 -5.33
C GLY C 150 -39.31 -13.36 -4.03
N GLY C 151 -40.65 -13.36 -4.04
CA GLY C 151 -41.48 -12.78 -2.96
C GLY C 151 -42.40 -11.66 -3.42
N ALA C 152 -42.83 -11.66 -4.69
CA ALA C 152 -43.88 -10.78 -5.24
C ALA C 152 -43.51 -9.30 -5.05
N LEU C 153 -42.20 -9.01 -4.98
CA LEU C 153 -41.61 -7.67 -4.77
C LEU C 153 -42.04 -7.09 -3.42
N VAL C 154 -42.47 -7.92 -2.45
CA VAL C 154 -42.87 -7.44 -1.09
C VAL C 154 -42.19 -8.21 0.03
N ILE C 155 -41.68 -9.43 -0.20
CA ILE C 155 -40.97 -10.20 0.85
C ILE C 155 -39.69 -10.82 0.29
N GLY C 156 -38.86 -11.32 1.20
CA GLY C 156 -37.69 -12.18 0.91
C GLY C 156 -36.40 -11.54 1.39
N MET C 157 -35.30 -12.29 1.28
CA MET C 157 -33.97 -11.83 1.75
C MET C 157 -32.92 -12.73 1.11
N ALA C 158 -31.68 -12.27 1.05
CA ALA C 158 -30.55 -12.99 0.45
C ALA C 158 -30.20 -14.23 1.28
N SER C 159 -30.21 -14.12 2.61
CA SER C 159 -29.65 -15.15 3.54
C SER C 159 -30.42 -16.46 3.46
N MET C 160 -31.66 -16.42 2.96
CA MET C 160 -32.49 -17.63 2.70
C MET C 160 -31.80 -18.54 1.69
N PHE C 161 -30.91 -18.01 0.85
CA PHE C 161 -30.32 -18.76 -0.27
C PHE C 161 -28.84 -18.95 0.04
N ASP C 162 -28.49 -20.16 0.44
CA ASP C 162 -27.11 -20.52 0.78
C ASP C 162 -26.50 -21.06 -0.51
N GLY C 163 -25.56 -20.31 -1.09
CA GLY C 163 -24.93 -20.66 -2.36
C GLY C 163 -23.82 -21.69 -2.20
N SER C 164 -23.53 -22.17 -0.99
CA SER C 164 -22.31 -22.98 -0.69
C SER C 164 -22.25 -24.25 -1.56
N LEU C 165 -23.34 -25.00 -1.67
CA LEU C 165 -23.31 -26.31 -2.39
C LEU C 165 -23.22 -26.08 -3.90
N LEU C 166 -23.88 -25.07 -4.44
CA LEU C 166 -23.74 -24.72 -5.88
C LEU C 166 -22.28 -24.31 -6.13
N THR C 167 -21.71 -23.50 -5.26
CA THR C 167 -20.31 -23.00 -5.39
C THR C 167 -19.35 -24.19 -5.42
N VAL C 168 -19.48 -25.10 -4.46
CA VAL C 168 -18.47 -26.17 -4.28
C VAL C 168 -18.71 -27.29 -5.31
N ASN C 169 -19.94 -27.62 -5.67
CA ASN C 169 -20.22 -28.72 -6.65
C ASN C 169 -19.88 -28.27 -8.07
N GLU C 170 -19.97 -26.97 -8.41
CA GLU C 170 -19.83 -26.54 -9.82
C GLU C 170 -18.68 -25.55 -10.00
N ASP C 171 -17.92 -25.26 -8.95
CA ASP C 171 -16.67 -24.44 -9.04
C ASP C 171 -16.99 -23.03 -9.57
N LEU C 172 -17.90 -22.34 -8.91
CA LEU C 172 -18.27 -21.00 -9.37
C LEU C 172 -18.53 -20.10 -8.18
N VAL C 173 -18.63 -18.81 -8.45
CA VAL C 173 -18.89 -17.79 -7.43
C VAL C 173 -20.38 -17.51 -7.45
N VAL C 174 -21.03 -17.58 -6.28
CA VAL C 174 -22.47 -17.26 -6.16
C VAL C 174 -22.59 -15.98 -5.35
N VAL C 175 -23.35 -15.05 -5.88
CA VAL C 175 -23.68 -13.77 -5.20
C VAL C 175 -25.18 -13.80 -4.94
N THR C 176 -25.62 -13.50 -3.74
CA THR C 176 -27.05 -13.30 -3.42
C THR C 176 -27.26 -11.83 -3.08
N ILE C 177 -28.23 -11.18 -3.71
CA ILE C 177 -28.43 -9.72 -3.53
C ILE C 177 -29.72 -9.43 -2.79
N GLN C 178 -29.78 -8.24 -2.20
CA GLN C 178 -31.04 -7.67 -1.68
C GLN C 178 -31.36 -6.40 -2.45
N TYR C 179 -32.60 -5.96 -2.32
CA TYR C 179 -33.18 -4.81 -3.04
C TYR C 179 -34.42 -4.37 -2.28
N ARG C 180 -34.76 -3.09 -2.39
CA ARG C 180 -35.91 -2.54 -1.68
C ARG C 180 -37.21 -3.26 -2.11
N LEU C 181 -38.07 -3.55 -1.13
CA LEU C 181 -39.33 -4.30 -1.29
C LEU C 181 -40.52 -3.40 -0.95
N GLY C 182 -41.69 -3.77 -1.47
CA GLY C 182 -42.96 -3.16 -1.09
C GLY C 182 -42.98 -1.69 -1.44
N VAL C 183 -43.60 -0.89 -0.59
CA VAL C 183 -43.76 0.57 -0.80
C VAL C 183 -42.37 1.20 -0.96
N LEU C 184 -41.39 0.83 -0.16
CA LEU C 184 -40.03 1.43 -0.25
C LEU C 184 -39.36 1.06 -1.59
N GLY C 185 -39.71 -0.08 -2.18
CA GLY C 185 -39.11 -0.52 -3.46
C GLY C 185 -39.83 0.00 -4.67
N PHE C 186 -41.16 0.22 -4.60
CA PHE C 186 -41.98 0.33 -5.83
C PHE C 186 -43.10 1.39 -5.72
N PHE C 187 -43.08 2.24 -4.70
CA PHE C 187 -43.99 3.41 -4.66
C PHE C 187 -43.62 4.38 -5.78
N SER C 188 -44.62 4.79 -6.54
CA SER C 188 -44.50 5.73 -7.67
C SER C 188 -45.63 6.76 -7.62
N THR C 189 -45.33 8.02 -7.90
CA THR C 189 -46.34 9.08 -8.12
C THR C 189 -46.66 9.20 -9.61
N GLY C 190 -45.95 8.50 -10.50
CA GLY C 190 -46.08 8.68 -11.96
C GLY C 190 -45.58 10.05 -12.42
N ASP C 191 -44.72 10.69 -11.64
CA ASP C 191 -44.09 11.98 -12.01
C ASP C 191 -42.72 12.08 -11.37
N GLN C 192 -42.10 13.24 -11.50
CA GLN C 192 -40.67 13.43 -11.15
C GLN C 192 -40.44 13.20 -9.67
N HIS C 193 -41.46 13.38 -8.81
CA HIS C 193 -41.25 13.35 -7.33
C HIS C 193 -41.03 11.91 -6.85
N ALA C 194 -41.53 10.91 -7.56
CA ALA C 194 -41.27 9.48 -7.24
C ALA C 194 -41.49 8.63 -8.49
N ARG C 195 -40.49 8.59 -9.35
CA ARG C 195 -40.63 7.92 -10.69
C ARG C 195 -40.89 6.43 -10.47
N GLY C 196 -40.22 5.82 -9.51
CA GLY C 196 -40.51 4.44 -9.08
C GLY C 196 -39.38 3.45 -9.34
N ASN C 197 -39.67 2.18 -9.09
CA ASN C 197 -38.80 1.02 -9.38
C ASN C 197 -37.46 1.12 -8.64
N TRP C 198 -37.46 1.66 -7.43
CA TRP C 198 -36.28 1.77 -6.56
C TRP C 198 -35.62 0.40 -6.41
N GLY C 199 -36.40 -0.66 -6.21
CA GLY C 199 -35.89 -2.03 -6.04
C GLY C 199 -35.14 -2.52 -7.27
N TYR C 200 -35.64 -2.22 -8.47
CA TYR C 200 -34.93 -2.61 -9.71
C TYR C 200 -33.65 -1.77 -9.87
N LEU C 201 -33.70 -0.49 -9.54
CA LEU C 201 -32.47 0.35 -9.52
C LEU C 201 -31.45 -0.22 -8.53
N ASP C 202 -31.88 -0.68 -7.35
CA ASP C 202 -30.99 -1.36 -6.35
C ASP C 202 -30.33 -2.58 -6.97
N GLN C 203 -31.13 -3.43 -7.64
CA GLN C 203 -30.61 -4.66 -8.26
C GLN C 203 -29.51 -4.28 -9.25
N ALA C 204 -29.73 -3.28 -10.08
CA ALA C 204 -28.74 -2.84 -11.08
C ALA C 204 -27.50 -2.31 -10.36
N ALA C 205 -27.65 -1.57 -9.25
CA ALA C 205 -26.48 -1.10 -8.45
C ALA C 205 -25.69 -2.32 -7.92
N ALA C 206 -26.34 -3.38 -7.49
CA ALA C 206 -25.65 -4.59 -7.02
C ALA C 206 -24.87 -5.20 -8.20
N LEU C 207 -25.46 -5.25 -9.39
CA LEU C 207 -24.77 -5.80 -10.57
C LEU C 207 -23.57 -4.92 -10.98
N ARG C 208 -23.66 -3.60 -10.83
N ARG C 208 -23.65 -3.60 -10.82
CA ARG C 208 -22.50 -2.69 -11.05
CA ARG C 208 -22.50 -2.70 -11.06
C ARG C 208 -21.42 -3.01 -10.01
C ARG C 208 -21.42 -3.00 -10.02
N TRP C 209 -21.81 -3.23 -8.75
N TRP C 209 -21.79 -3.23 -8.75
CA TRP C 209 -20.83 -3.62 -7.69
CA TRP C 209 -20.82 -3.62 -7.69
C TRP C 209 -20.09 -4.89 -8.14
N VAL C 210 -20.81 -5.87 -8.68
CA VAL C 210 -20.19 -7.14 -9.12
C VAL C 210 -19.17 -6.84 -10.24
N GLN C 211 -19.53 -6.03 -11.24
CA GLN C 211 -18.56 -5.62 -12.30
C GLN C 211 -17.31 -4.97 -11.68
N GLN C 212 -17.50 -4.10 -10.70
CA GLN C 212 -16.41 -3.32 -10.08
C GLN C 212 -15.51 -4.24 -9.21
N ASN C 213 -16.05 -5.27 -8.54
CA ASN C 213 -15.36 -5.89 -7.38
C ASN C 213 -15.17 -7.39 -7.52
N ILE C 214 -15.92 -8.12 -8.37
CA ILE C 214 -15.96 -9.60 -8.22
C ILE C 214 -14.61 -10.24 -8.54
N ALA C 215 -13.77 -9.61 -9.36
CA ALA C 215 -12.40 -10.13 -9.64
C ALA C 215 -11.61 -10.22 -8.34
N HIS C 216 -11.83 -9.31 -7.38
CA HIS C 216 -11.14 -9.37 -6.06
C HIS C 216 -11.49 -10.64 -5.29
N PHE C 217 -12.60 -11.31 -5.63
CA PHE C 217 -13.08 -12.55 -4.96
C PHE C 217 -12.83 -13.78 -5.83
N GLY C 218 -12.25 -13.60 -7.02
CA GLY C 218 -11.92 -14.70 -7.93
C GLY C 218 -12.96 -14.93 -8.99
N GLY C 219 -13.94 -14.01 -9.16
CA GLY C 219 -14.94 -14.10 -10.23
C GLY C 219 -14.48 -13.39 -11.48
N ASN C 220 -14.97 -13.82 -12.63
CA ASN C 220 -14.77 -13.12 -13.92
C ASN C 220 -15.98 -12.21 -14.19
N PRO C 221 -15.84 -10.88 -14.15
CA PRO C 221 -16.94 -9.96 -14.44
C PRO C 221 -17.45 -10.04 -15.89
N ASP C 222 -16.67 -10.67 -16.79
CA ASP C 222 -17.14 -10.89 -18.19
C ASP C 222 -17.96 -12.18 -18.28
N ARG C 223 -18.21 -12.88 -17.18
CA ARG C 223 -18.90 -14.19 -17.18
C ARG C 223 -19.88 -14.22 -16.02
N VAL C 224 -20.82 -13.28 -16.06
CA VAL C 224 -21.85 -13.11 -15.01
C VAL C 224 -23.16 -13.61 -15.58
N THR C 225 -23.80 -14.52 -14.89
CA THR C 225 -25.18 -14.98 -15.17
C THR C 225 -26.11 -14.54 -14.04
N ILE C 226 -27.20 -13.84 -14.38
CA ILE C 226 -28.25 -13.47 -13.40
C ILE C 226 -29.31 -14.56 -13.41
N PHE C 227 -29.76 -14.98 -12.23
CA PHE C 227 -30.77 -16.05 -12.12
C PHE C 227 -31.67 -15.72 -10.95
N GLY C 228 -32.93 -16.16 -11.05
CA GLY C 228 -33.93 -15.82 -10.03
C GLY C 228 -35.20 -16.59 -10.23
N GLU C 229 -36.01 -16.68 -9.19
CA GLU C 229 -37.27 -17.43 -9.22
C GLU C 229 -38.43 -16.48 -8.86
N SER C 230 -39.49 -16.64 -9.62
CA SER C 230 -40.77 -15.91 -9.51
C SER C 230 -40.55 -14.40 -9.68
N ALA C 231 -40.79 -13.55 -8.68
CA ALA C 231 -40.48 -12.10 -8.79
C ALA C 231 -38.99 -11.90 -9.11
N GLY C 232 -38.14 -12.83 -8.71
CA GLY C 232 -36.71 -12.86 -9.06
C GLY C 232 -36.50 -13.18 -10.54
N GLY C 233 -37.31 -14.08 -11.11
CA GLY C 233 -37.31 -14.35 -12.56
C GLY C 233 -37.80 -13.14 -13.33
N THR C 234 -38.88 -12.54 -12.84
CA THR C 234 -39.40 -11.26 -13.38
C THR C 234 -38.31 -10.21 -13.34
N SER C 235 -37.60 -10.11 -12.22
CA SER C 235 -36.46 -9.17 -12.06
C SER C 235 -35.42 -9.44 -13.16
N VAL C 236 -34.97 -10.69 -13.27
CA VAL C 236 -33.93 -11.08 -14.27
C VAL C 236 -34.42 -10.65 -15.65
N SER C 237 -35.62 -11.05 -16.00
CA SER C 237 -36.24 -10.78 -17.33
C SER C 237 -36.31 -9.27 -17.57
N SER C 238 -36.58 -8.50 -16.51
CA SER C 238 -36.61 -7.02 -16.56
C SER C 238 -35.21 -6.48 -16.84
N HIS C 239 -34.15 -7.02 -16.23
CA HIS C 239 -32.76 -6.59 -16.54
C HIS C 239 -32.46 -6.92 -18.01
N VAL C 240 -32.90 -8.07 -18.50
CA VAL C 240 -32.65 -8.52 -19.90
C VAL C 240 -33.16 -7.45 -20.88
N VAL C 241 -34.24 -6.71 -20.55
CA VAL C 241 -34.80 -5.67 -21.45
C VAL C 241 -34.34 -4.25 -21.08
N SER C 242 -33.84 -4.01 -19.88
CA SER C 242 -33.52 -2.64 -19.39
C SER C 242 -32.25 -2.16 -20.07
N PRO C 243 -32.28 -1.06 -20.86
CA PRO C 243 -31.06 -0.56 -21.51
C PRO C 243 -29.91 -0.29 -20.53
N MET C 244 -30.18 0.25 -19.33
CA MET C 244 -29.09 0.60 -18.39
C MET C 244 -28.55 -0.62 -17.66
N SER C 245 -29.16 -1.81 -17.80
CA SER C 245 -28.58 -3.07 -17.23
C SER C 245 -27.70 -3.79 -18.26
N GLN C 246 -27.65 -3.34 -19.52
CA GLN C 246 -26.88 -4.06 -20.57
C GLN C 246 -25.38 -3.94 -20.27
N GLY C 247 -24.63 -5.02 -20.47
CA GLY C 247 -23.20 -5.09 -20.10
C GLY C 247 -22.98 -5.51 -18.65
N LEU C 248 -24.03 -5.66 -17.81
CA LEU C 248 -23.83 -6.04 -16.38
C LEU C 248 -23.96 -7.56 -16.20
N PHE C 249 -24.19 -8.31 -17.28
CA PHE C 249 -24.33 -9.79 -17.24
C PHE C 249 -24.24 -10.30 -18.68
N HIS C 250 -23.92 -11.57 -18.84
N HIS C 250 -23.84 -11.55 -18.86
CA HIS C 250 -23.66 -12.21 -20.15
CA HIS C 250 -23.64 -12.23 -20.18
C HIS C 250 -24.67 -13.33 -20.43
C HIS C 250 -24.69 -13.32 -20.43
N GLY C 251 -25.49 -13.69 -19.43
N GLY C 251 -25.49 -13.66 -19.42
CA GLY C 251 -26.54 -14.71 -19.55
CA GLY C 251 -26.53 -14.71 -19.54
C GLY C 251 -27.59 -14.54 -18.48
N ALA C 252 -28.76 -15.14 -18.67
CA ALA C 252 -29.90 -14.97 -17.75
C ALA C 252 -30.67 -16.29 -17.60
N ILE C 253 -31.16 -16.57 -16.38
CA ILE C 253 -32.01 -17.74 -16.07
C ILE C 253 -33.26 -17.24 -15.34
N MET C 254 -34.43 -17.45 -15.95
CA MET C 254 -35.73 -16.97 -15.46
C MET C 254 -36.58 -18.17 -15.04
N GLU C 255 -36.60 -18.46 -13.75
CA GLU C 255 -37.34 -19.61 -13.16
C GLU C 255 -38.72 -19.13 -12.70
N SER C 256 -39.78 -19.57 -13.39
CA SER C 256 -41.18 -19.30 -12.98
C SER C 256 -41.43 -17.79 -12.80
N GLY C 257 -40.89 -16.97 -13.69
CA GLY C 257 -41.25 -15.54 -13.73
C GLY C 257 -40.51 -14.86 -14.85
N VAL C 258 -41.20 -13.98 -15.57
CA VAL C 258 -40.63 -13.11 -16.62
C VAL C 258 -41.26 -11.71 -16.52
N ALA C 259 -40.80 -10.79 -17.37
CA ALA C 259 -41.11 -9.34 -17.27
C ALA C 259 -42.59 -9.07 -17.56
N LEU C 260 -43.31 -10.02 -18.18
CA LEU C 260 -44.76 -9.86 -18.45
C LEU C 260 -45.64 -10.52 -17.38
N LEU C 261 -45.09 -10.98 -16.25
CA LEU C 261 -45.93 -11.51 -15.14
C LEU C 261 -46.94 -10.42 -14.78
N PRO C 262 -48.26 -10.59 -15.07
CA PRO C 262 -49.20 -9.48 -15.07
C PRO C 262 -49.26 -8.64 -13.78
N ASP C 263 -49.25 -9.28 -12.61
CA ASP C 263 -49.36 -8.56 -11.31
C ASP C 263 -48.10 -7.72 -10.99
N LEU C 264 -46.96 -7.93 -11.67
CA LEU C 264 -45.71 -7.25 -11.25
C LEU C 264 -45.33 -6.14 -12.23
N ILE C 265 -46.17 -5.85 -13.22
CA ILE C 265 -45.91 -4.73 -14.16
C ILE C 265 -47.22 -3.98 -14.41
N SER C 266 -47.18 -2.66 -14.39
CA SER C 266 -48.36 -1.79 -14.48
C SER C 266 -48.07 -0.59 -15.38
N GLU C 267 -49.07 -0.18 -16.16
N GLU C 267 -49.07 -0.19 -16.17
CA GLU C 267 -49.04 1.04 -17.01
CA GLU C 267 -49.02 1.03 -17.02
C GLU C 267 -49.42 2.26 -16.17
C GLU C 267 -49.47 2.25 -16.20
N THR C 268 -49.90 2.08 -14.93
N THR C 268 -49.89 2.08 -14.94
CA THR C 268 -50.33 3.23 -14.08
CA THR C 268 -50.33 3.22 -14.08
C THR C 268 -49.73 3.12 -12.68
N SER C 269 -49.49 4.27 -12.05
CA SER C 269 -49.05 4.37 -10.64
C SER C 269 -50.23 4.72 -9.71
N GLU C 270 -51.41 5.01 -10.23
CA GLU C 270 -52.43 5.83 -9.49
C GLU C 270 -53.12 5.00 -8.39
N MET C 271 -53.30 3.69 -8.59
CA MET C 271 -53.96 2.80 -7.61
C MET C 271 -53.08 2.69 -6.36
N VAL C 272 -51.80 2.38 -6.53
CA VAL C 272 -50.87 2.21 -5.38
C VAL C 272 -50.73 3.57 -4.68
N SER C 273 -50.49 4.63 -5.43
CA SER C 273 -50.19 5.98 -4.88
C SER C 273 -51.38 6.49 -4.05
N THR C 274 -52.60 6.37 -4.57
CA THR C 274 -53.81 6.87 -3.85
C THR C 274 -54.05 6.00 -2.60
N THR C 275 -53.84 4.69 -2.68
CA THR C 275 -53.92 3.78 -1.51
C THR C 275 -52.92 4.23 -0.44
N VAL C 276 -51.66 4.46 -0.81
CA VAL C 276 -50.61 4.85 0.16
C VAL C 276 -50.98 6.21 0.79
N ALA C 277 -51.42 7.19 0.00
CA ALA C 277 -51.79 8.52 0.51
C ALA C 277 -52.90 8.39 1.56
N LYS C 278 -53.91 7.55 1.29
CA LYS C 278 -55.03 7.36 2.26
C LYS C 278 -54.51 6.73 3.55
N LEU C 279 -53.82 5.58 3.46
CA LEU C 279 -53.38 4.82 4.67
C LEU C 279 -52.36 5.63 5.48
N SER C 280 -51.55 6.49 4.86
CA SER C 280 -50.44 7.22 5.53
C SER C 280 -50.98 8.47 6.20
N GLY C 281 -52.19 8.91 5.86
CA GLY C 281 -52.70 10.24 6.27
C GLY C 281 -52.00 11.38 5.55
N CYS C 282 -51.42 11.13 4.36
CA CYS C 282 -50.72 12.17 3.57
C CYS C 282 -51.59 12.71 2.43
N GLU C 283 -51.28 13.91 1.94
N GLU C 283 -51.32 13.93 1.94
CA GLU C 283 -52.00 14.58 0.80
CA GLU C 283 -52.08 14.59 0.84
C GLU C 283 -51.75 13.81 -0.50
C GLU C 283 -51.81 13.86 -0.50
N ALA C 284 -52.82 13.47 -1.24
N ALA C 284 -52.86 13.44 -1.22
CA ALA C 284 -52.76 12.64 -2.46
CA ALA C 284 -52.76 12.64 -2.47
C ALA C 284 -52.33 13.54 -3.63
N MET C 285 -52.97 14.70 -3.74
CA MET C 285 -53.07 15.44 -5.02
C MET C 285 -51.84 16.32 -5.30
N ASP C 286 -51.01 16.58 -4.28
CA ASP C 286 -49.65 17.14 -4.48
C ASP C 286 -48.60 16.02 -4.26
N SER C 287 -47.99 15.55 -5.35
CA SER C 287 -46.91 14.52 -5.33
C SER C 287 -45.75 14.99 -4.46
N GLN C 288 -45.32 16.23 -4.60
CA GLN C 288 -44.15 16.76 -3.85
C GLN C 288 -44.44 16.65 -2.35
N ALA C 289 -45.63 17.06 -1.92
CA ALA C 289 -46.04 17.07 -0.50
C ALA C 289 -46.23 15.62 -0.06
N LEU C 290 -46.78 14.77 -0.91
CA LEU C 290 -46.97 13.34 -0.54
C LEU C 290 -45.62 12.68 -0.25
N VAL C 291 -44.65 12.82 -1.13
CA VAL C 291 -43.32 12.18 -0.95
C VAL C 291 -42.65 12.79 0.28
N ARG C 292 -42.77 14.10 0.50
CA ARG C 292 -42.20 14.78 1.70
C ARG C 292 -42.83 14.17 2.96
N CYS C 293 -44.14 14.05 2.99
CA CYS C 293 -44.89 13.43 4.11
C CYS C 293 -44.41 11.98 4.32
N LEU C 294 -44.30 11.18 3.26
CA LEU C 294 -43.91 9.75 3.40
C LEU C 294 -42.46 9.65 3.88
N ARG C 295 -41.58 10.59 3.53
CA ARG C 295 -40.16 10.56 3.99
C ARG C 295 -40.07 10.85 5.48
N GLY C 296 -41.08 11.51 6.07
CA GLY C 296 -41.14 11.74 7.53
C GLY C 296 -41.66 10.56 8.32
N LYS C 297 -42.18 9.51 7.68
CA LYS C 297 -42.76 8.32 8.37
C LYS C 297 -41.65 7.45 8.97
N SER C 298 -41.90 6.91 10.16
CA SER C 298 -41.00 5.94 10.83
C SER C 298 -41.06 4.58 10.13
N GLU C 299 -40.13 3.69 10.44
CA GLU C 299 -40.14 2.28 9.94
C GLU C 299 -41.46 1.61 10.33
N ALA C 300 -41.94 1.83 11.55
CA ALA C 300 -43.20 1.20 12.02
C ALA C 300 -44.39 1.72 11.21
N GLU C 301 -44.45 3.02 10.94
CA GLU C 301 -45.54 3.62 10.14
C GLU C 301 -45.48 3.08 8.70
N ILE C 302 -44.27 2.98 8.12
CA ILE C 302 -44.10 2.42 6.75
C ILE C 302 -44.59 0.96 6.76
N LEU C 303 -44.23 0.17 7.78
CA LEU C 303 -44.65 -1.26 7.86
C LEU C 303 -46.16 -1.37 7.88
N ALA C 304 -46.84 -0.49 8.61
CA ALA C 304 -48.32 -0.53 8.72
C ALA C 304 -48.95 -0.19 7.37
N ILE C 305 -48.39 0.77 6.62
CA ILE C 305 -48.87 1.10 5.25
C ILE C 305 -48.60 -0.09 4.33
N ASN C 306 -47.41 -0.67 4.46
CA ASN C 306 -46.88 -1.75 3.59
C ASN C 306 -47.72 -3.03 3.71
N LYS C 307 -48.35 -3.24 4.87
CA LYS C 307 -48.99 -4.52 5.22
C LYS C 307 -50.13 -4.89 4.26
N VAL C 308 -50.80 -3.93 3.64
CA VAL C 308 -51.95 -4.23 2.73
C VAL C 308 -51.46 -4.78 1.37
N PHE C 309 -50.18 -4.72 1.04
CA PHE C 309 -49.65 -5.15 -0.29
C PHE C 309 -49.17 -6.60 -0.21
N LYS C 310 -49.92 -7.51 -0.82
CA LYS C 310 -49.49 -8.94 -0.97
C LYS C 310 -48.61 -9.06 -2.22
N MET C 311 -48.62 -8.03 -3.06
CA MET C 311 -47.74 -7.90 -4.23
C MET C 311 -47.68 -6.41 -4.55
N ILE C 312 -46.69 -5.97 -5.31
CA ILE C 312 -46.62 -4.56 -5.76
C ILE C 312 -45.99 -4.55 -7.13
N PRO C 313 -46.50 -3.76 -8.08
CA PRO C 313 -45.95 -3.74 -9.43
C PRO C 313 -44.86 -2.69 -9.66
N ALA C 314 -43.97 -3.04 -10.58
CA ALA C 314 -43.09 -2.10 -11.27
C ALA C 314 -43.93 -1.26 -12.24
N VAL C 315 -43.46 -0.07 -12.56
CA VAL C 315 -44.13 0.87 -13.49
C VAL C 315 -43.15 1.21 -14.61
N VAL C 316 -43.59 1.98 -15.59
CA VAL C 316 -42.68 2.58 -16.60
C VAL C 316 -42.10 3.87 -15.99
N ASP C 317 -40.93 3.78 -15.35
CA ASP C 317 -40.39 4.83 -14.44
C ASP C 317 -39.57 5.83 -15.26
N GLY C 318 -39.09 5.44 -16.45
CA GLY C 318 -38.21 6.28 -17.28
C GLY C 318 -36.71 5.97 -17.13
N GLU C 319 -36.21 5.59 -15.95
CA GLU C 319 -34.76 5.31 -15.72
C GLU C 319 -34.51 3.81 -15.97
N PHE C 320 -35.23 2.92 -15.28
CA PHE C 320 -35.04 1.46 -15.44
C PHE C 320 -35.77 0.99 -16.71
N PHE C 321 -37.04 1.35 -16.86
CA PHE C 321 -37.87 1.07 -18.07
C PHE C 321 -38.23 2.39 -18.74
N PRO C 322 -37.58 2.74 -19.86
CA PRO C 322 -37.95 3.93 -20.63
C PRO C 322 -39.31 3.76 -21.35
N ARG C 323 -39.68 2.52 -21.62
CA ARG C 323 -40.94 2.08 -22.27
C ARG C 323 -41.39 0.82 -21.55
N HIS C 324 -42.65 0.42 -21.70
CA HIS C 324 -43.20 -0.84 -21.14
C HIS C 324 -42.33 -2.01 -21.62
N PRO C 325 -42.06 -3.01 -20.76
CA PRO C 325 -41.33 -4.20 -21.19
C PRO C 325 -41.87 -4.87 -22.46
N LYS C 326 -43.18 -4.87 -22.69
CA LYS C 326 -43.79 -5.49 -23.90
C LYS C 326 -43.27 -4.78 -25.16
N GLU C 327 -43.07 -3.45 -25.11
CA GLU C 327 -42.52 -2.68 -26.26
C GLU C 327 -41.03 -3.02 -26.41
N LEU C 328 -40.29 -3.10 -25.30
CA LEU C 328 -38.83 -3.40 -25.34
C LEU C 328 -38.62 -4.78 -25.94
N LEU C 329 -39.46 -5.73 -25.55
CA LEU C 329 -39.37 -7.14 -26.05
C LEU C 329 -39.64 -7.21 -27.54
N ALA C 330 -40.56 -6.39 -28.08
CA ALA C 330 -41.04 -6.45 -29.48
C ALA C 330 -40.11 -5.63 -30.39
N SER C 331 -39.22 -4.82 -29.83
CA SER C 331 -38.34 -3.92 -30.59
C SER C 331 -37.42 -4.70 -31.55
N GLU C 332 -37.21 -4.15 -32.73
CA GLU C 332 -36.29 -4.70 -33.77
C GLU C 332 -34.85 -4.58 -33.28
N ASP C 333 -34.58 -3.66 -32.34
CA ASP C 333 -33.23 -3.38 -31.79
C ASP C 333 -32.99 -4.20 -30.49
N PHE C 334 -33.87 -5.11 -30.12
CA PHE C 334 -33.73 -5.90 -28.88
C PHE C 334 -32.58 -6.89 -29.05
N HIS C 335 -31.57 -6.84 -28.18
CA HIS C 335 -30.39 -7.75 -28.22
C HIS C 335 -30.25 -8.50 -26.90
N PRO C 336 -31.15 -9.45 -26.57
CA PRO C 336 -31.06 -10.19 -25.31
C PRO C 336 -29.80 -11.09 -25.24
N VAL C 337 -29.29 -11.28 -24.04
CA VAL C 337 -28.26 -12.31 -23.76
C VAL C 337 -28.87 -13.69 -23.98
N PRO C 338 -28.03 -14.73 -24.17
CA PRO C 338 -28.50 -16.11 -24.08
C PRO C 338 -29.24 -16.33 -22.75
N SER C 339 -30.32 -17.12 -22.79
CA SER C 339 -31.25 -17.28 -21.66
C SER C 339 -31.70 -18.72 -21.47
N ILE C 340 -31.90 -19.09 -20.21
CA ILE C 340 -32.80 -20.21 -19.81
C ILE C 340 -34.10 -19.60 -19.29
N ILE C 341 -35.22 -20.12 -19.78
CA ILE C 341 -36.58 -19.69 -19.35
C ILE C 341 -37.35 -20.95 -19.02
N GLY C 342 -38.02 -20.99 -17.88
CA GLY C 342 -38.84 -22.17 -17.58
C GLY C 342 -39.91 -21.92 -16.54
N VAL C 343 -40.75 -22.96 -16.37
CA VAL C 343 -41.94 -22.93 -15.47
C VAL C 343 -42.10 -24.31 -14.86
N ASN C 344 -42.91 -24.38 -13.81
CA ASN C 344 -43.29 -25.65 -13.17
C ASN C 344 -44.64 -26.05 -13.74
N ASN C 345 -45.02 -27.31 -13.63
CA ASN C 345 -46.28 -27.78 -14.24
C ASN C 345 -47.44 -27.50 -13.29
N ASP C 346 -47.23 -26.96 -12.08
CA ASP C 346 -48.38 -26.62 -11.18
C ASP C 346 -48.14 -25.32 -10.38
N GLU C 347 -47.88 -24.22 -11.07
CA GLU C 347 -47.36 -22.96 -10.46
C GLU C 347 -48.36 -22.42 -9.44
N PHE C 348 -49.66 -22.59 -9.68
CA PHE C 348 -50.71 -22.07 -8.76
C PHE C 348 -51.35 -23.21 -7.95
N GLY C 349 -50.62 -24.32 -7.78
CA GLY C 349 -51.19 -25.57 -7.23
C GLY C 349 -51.55 -25.46 -5.78
N TRP C 350 -50.72 -24.82 -4.96
CA TRP C 350 -50.88 -24.85 -3.49
C TRP C 350 -50.30 -23.60 -2.82
N SER C 351 -48.99 -23.37 -2.84
CA SER C 351 -48.35 -22.33 -1.97
C SER C 351 -48.88 -20.93 -2.31
N ILE C 352 -49.10 -20.57 -3.57
CA ILE C 352 -49.50 -19.18 -3.90
C ILE C 352 -50.91 -18.92 -3.36
N PRO C 353 -51.96 -19.70 -3.71
CA PRO C 353 -53.29 -19.43 -3.17
C PRO C 353 -53.35 -19.48 -1.64
N VAL C 354 -52.58 -20.36 -0.99
CA VAL C 354 -52.51 -20.40 0.50
C VAL C 354 -51.94 -19.08 1.03
N VAL C 355 -50.77 -18.65 0.54
CA VAL C 355 -50.09 -17.39 0.98
C VAL C 355 -50.95 -16.16 0.65
N MET C 356 -51.62 -16.14 -0.51
CA MET C 356 -52.38 -14.97 -1.01
C MET C 356 -53.78 -14.95 -0.39
N GLY C 357 -54.20 -16.03 0.30
CA GLY C 357 -55.52 -16.12 0.94
C GLY C 357 -56.67 -16.36 -0.04
N SER C 358 -56.44 -16.91 -1.24
CA SER C 358 -57.51 -17.33 -2.19
C SER C 358 -57.85 -18.82 -2.02
N ALA C 359 -57.17 -19.56 -1.14
CA ALA C 359 -57.36 -21.02 -0.97
C ALA C 359 -58.80 -21.34 -0.54
N GLN C 360 -59.37 -20.58 0.39
CA GLN C 360 -60.76 -20.76 0.90
C GLN C 360 -61.73 -20.65 -0.27
N MET C 361 -61.64 -19.55 -1.02
CA MET C 361 -62.50 -19.30 -2.20
C MET C 361 -62.38 -20.50 -3.16
N ILE C 362 -61.17 -21.01 -3.40
CA ILE C 362 -60.96 -22.10 -4.38
C ILE C 362 -61.67 -23.36 -3.87
N LYS C 363 -61.51 -23.72 -2.59
CA LYS C 363 -62.15 -24.93 -2.01
C LYS C 363 -63.68 -24.80 -2.09
N GLY C 364 -64.20 -23.58 -2.20
CA GLY C 364 -65.63 -23.27 -2.37
C GLY C 364 -66.14 -23.43 -3.79
N ILE C 365 -65.27 -23.62 -4.78
CA ILE C 365 -65.71 -23.71 -6.20
C ILE C 365 -66.52 -25.00 -6.38
N THR C 366 -67.66 -24.88 -7.06
CA THR C 366 -68.60 -25.97 -7.46
C THR C 366 -69.13 -25.61 -8.84
N ARG C 367 -69.80 -26.52 -9.56
CA ARG C 367 -70.38 -26.21 -10.89
C ARG C 367 -71.44 -25.11 -10.75
N GLU C 368 -72.06 -25.00 -9.57
CA GLU C 368 -73.15 -24.03 -9.24
C GLU C 368 -72.59 -22.61 -9.26
N ASN C 369 -71.44 -22.33 -8.63
CA ASN C 369 -70.92 -20.94 -8.49
C ASN C 369 -69.82 -20.66 -9.54
N LEU C 370 -69.46 -21.65 -10.36
CA LEU C 370 -68.28 -21.56 -11.27
C LEU C 370 -68.37 -20.27 -12.11
N GLN C 371 -69.53 -20.00 -12.72
CA GLN C 371 -69.72 -18.84 -13.65
C GLN C 371 -69.42 -17.55 -12.89
N ALA C 372 -69.91 -17.40 -11.66
CA ALA C 372 -69.72 -16.18 -10.83
C ALA C 372 -68.24 -16.02 -10.45
N VAL C 373 -67.59 -17.10 -10.04
CA VAL C 373 -66.14 -17.12 -9.70
C VAL C 373 -65.33 -16.68 -10.94
N LEU C 374 -65.67 -17.20 -12.12
CA LEU C 374 -64.92 -16.88 -13.35
C LEU C 374 -65.17 -15.42 -13.78
N LYS C 375 -66.33 -14.83 -13.47
CA LYS C 375 -66.60 -13.39 -13.76
C LYS C 375 -65.68 -12.53 -12.88
N ASP C 376 -65.58 -12.85 -11.58
CA ASP C 376 -64.67 -12.16 -10.64
C ASP C 376 -63.22 -12.33 -11.13
N THR C 377 -62.86 -13.55 -11.53
CA THR C 377 -61.49 -13.89 -11.99
C THR C 377 -61.18 -13.09 -13.26
N ALA C 378 -62.12 -13.05 -14.21
CA ALA C 378 -61.94 -12.33 -15.49
C ALA C 378 -61.61 -10.85 -15.18
N VAL C 379 -62.27 -10.28 -14.18
CA VAL C 379 -62.04 -8.86 -13.77
C VAL C 379 -60.61 -8.71 -13.25
N GLN C 380 -60.14 -9.60 -12.38
CA GLN C 380 -58.73 -9.61 -11.87
C GLN C 380 -57.75 -9.76 -13.05
N MET C 381 -58.10 -10.52 -14.08
CA MET C 381 -57.25 -10.72 -15.30
C MET C 381 -57.35 -9.51 -16.23
N MET C 382 -58.08 -8.46 -15.84
CA MET C 382 -58.35 -7.24 -16.65
C MET C 382 -59.00 -7.64 -17.97
N LEU C 383 -59.94 -8.60 -17.92
CA LEU C 383 -60.77 -9.02 -19.08
C LEU C 383 -62.20 -8.53 -18.88
N PRO C 384 -62.96 -8.30 -19.98
CA PRO C 384 -64.40 -8.10 -19.92
C PRO C 384 -65.09 -9.31 -19.29
N PRO C 385 -66.02 -9.12 -18.31
CA PRO C 385 -66.65 -10.23 -17.61
C PRO C 385 -67.43 -11.24 -18.47
N GLU C 386 -67.76 -10.83 -19.71
CA GLU C 386 -68.38 -11.69 -20.76
C GLU C 386 -67.46 -12.87 -21.11
N CYS C 387 -66.15 -12.70 -20.94
CA CYS C 387 -65.12 -13.73 -21.25
C CYS C 387 -65.21 -14.91 -20.28
N SER C 388 -65.97 -14.80 -19.19
CA SER C 388 -66.15 -15.90 -18.19
C SER C 388 -66.57 -17.19 -18.89
N ASP C 389 -67.43 -17.10 -19.90
CA ASP C 389 -67.92 -18.26 -20.71
C ASP C 389 -66.73 -18.92 -21.41
N LEU C 390 -65.84 -18.10 -21.99
CA LEU C 390 -64.70 -18.57 -22.82
C LEU C 390 -63.69 -19.27 -21.90
N LEU C 391 -63.39 -18.68 -20.74
CA LEU C 391 -62.53 -19.29 -19.70
C LEU C 391 -63.12 -20.64 -19.33
N MET C 392 -64.42 -20.69 -19.03
CA MET C 392 -65.12 -21.93 -18.58
C MET C 392 -64.99 -23.02 -19.65
N GLU C 393 -65.27 -22.68 -20.90
CA GLU C 393 -65.21 -23.62 -22.04
C GLU C 393 -63.77 -24.15 -22.17
N GLU C 394 -62.77 -23.26 -22.19
CA GLU C 394 -61.36 -23.64 -22.42
C GLU C 394 -60.88 -24.59 -21.31
N TYR C 395 -61.14 -24.32 -20.03
CA TYR C 395 -60.45 -24.98 -18.89
C TYR C 395 -61.35 -25.99 -18.18
N MET C 396 -62.66 -25.81 -18.18
CA MET C 396 -63.57 -26.71 -17.40
C MET C 396 -64.50 -27.51 -18.32
N GLY C 397 -64.84 -27.00 -19.52
CA GLY C 397 -65.77 -27.66 -20.46
C GLY C 397 -67.04 -28.10 -19.74
N ASP C 398 -67.35 -29.41 -19.77
CA ASP C 398 -68.59 -30.00 -19.19
C ASP C 398 -68.27 -30.71 -17.86
N THR C 399 -67.12 -30.45 -17.25
CA THR C 399 -66.70 -31.08 -15.96
C THR C 399 -67.75 -30.76 -14.88
N GLU C 400 -68.10 -31.74 -14.03
CA GLU C 400 -69.10 -31.61 -12.94
C GLU C 400 -68.43 -31.66 -11.56
N ASP C 401 -67.43 -32.53 -11.39
CA ASP C 401 -66.80 -32.83 -10.09
C ASP C 401 -66.09 -31.56 -9.56
N ALA C 402 -66.41 -31.13 -8.35
CA ALA C 402 -65.87 -29.91 -7.69
C ALA C 402 -64.34 -29.97 -7.58
N GLN C 403 -63.76 -31.09 -7.14
CA GLN C 403 -62.28 -31.26 -6.98
C GLN C 403 -61.61 -31.01 -8.34
N THR C 404 -62.14 -31.61 -9.42
CA THR C 404 -61.58 -31.48 -10.80
C THR C 404 -61.70 -30.02 -11.23
N LEU C 405 -62.82 -29.36 -10.93
CA LEU C 405 -63.03 -27.94 -11.30
C LEU C 405 -61.96 -27.08 -10.61
N GLN C 406 -61.65 -27.38 -9.35
CA GLN C 406 -60.71 -26.58 -8.53
C GLN C 406 -59.29 -26.73 -9.08
N ILE C 407 -58.92 -27.93 -9.52
CA ILE C 407 -57.62 -28.23 -10.17
C ILE C 407 -57.56 -27.49 -11.51
N GLN C 408 -58.64 -27.54 -12.30
CA GLN C 408 -58.71 -26.81 -13.59
C GLN C 408 -58.57 -25.30 -13.35
N PHE C 409 -59.13 -24.79 -12.25
CA PHE C 409 -59.07 -23.35 -11.91
C PHE C 409 -57.61 -22.96 -11.63
N THR C 410 -56.90 -23.72 -10.78
CA THR C 410 -55.48 -23.42 -10.45
C THR C 410 -54.63 -23.60 -11.71
N GLU C 411 -54.96 -24.57 -12.58
CA GLU C 411 -54.24 -24.77 -13.86
C GLU C 411 -54.35 -23.48 -14.68
N MET C 412 -55.57 -22.95 -14.79
CA MET C 412 -55.89 -21.72 -15.56
C MET C 412 -55.07 -20.55 -14.99
N MET C 413 -55.06 -20.39 -13.67
CA MET C 413 -54.34 -19.25 -13.00
C MET C 413 -52.82 -19.38 -13.27
N GLY C 414 -52.26 -20.58 -13.15
CA GLY C 414 -50.84 -20.87 -13.43
C GLY C 414 -50.48 -20.54 -14.87
N ASP C 415 -51.36 -20.88 -15.81
CA ASP C 415 -51.12 -20.62 -17.26
C ASP C 415 -51.12 -19.12 -17.49
N PHE C 416 -52.11 -18.42 -16.92
CA PHE C 416 -52.27 -16.97 -17.14
C PHE C 416 -51.07 -16.20 -16.54
N MET C 417 -50.67 -16.53 -15.31
CA MET C 417 -49.65 -15.76 -14.54
C MET C 417 -48.21 -16.13 -14.95
N PHE C 418 -47.93 -17.39 -15.27
CA PHE C 418 -46.56 -17.92 -15.45
C PHE C 418 -46.31 -18.49 -16.84
N VAL C 419 -47.15 -19.39 -17.33
CA VAL C 419 -46.78 -20.20 -18.53
C VAL C 419 -46.86 -19.34 -19.78
N ILE C 420 -47.98 -18.64 -19.99
CA ILE C 420 -48.16 -17.85 -21.23
C ILE C 420 -47.12 -16.73 -21.25
N PRO C 421 -46.94 -15.94 -20.18
CA PRO C 421 -45.86 -14.94 -20.18
C PRO C 421 -44.49 -15.52 -20.53
N ALA C 422 -44.13 -16.66 -19.93
CA ALA C 422 -42.84 -17.32 -20.20
C ALA C 422 -42.74 -17.68 -21.68
N LEU C 423 -43.80 -18.25 -22.26
CA LEU C 423 -43.76 -18.68 -23.68
C LEU C 423 -43.67 -17.44 -24.58
N GLN C 424 -44.34 -16.35 -24.22
CA GLN C 424 -44.30 -15.11 -25.03
C GLN C 424 -42.90 -14.50 -24.98
N VAL C 425 -42.30 -14.45 -23.80
CA VAL C 425 -40.95 -13.85 -23.65
C VAL C 425 -39.94 -14.72 -24.39
N ALA C 426 -40.04 -16.04 -24.28
CA ALA C 426 -39.15 -16.97 -24.99
C ALA C 426 -39.26 -16.74 -26.51
N HIS C 427 -40.48 -16.53 -27.01
CA HIS C 427 -40.74 -16.26 -28.45
C HIS C 427 -40.07 -14.91 -28.85
N PHE C 428 -40.20 -13.86 -28.03
CA PHE C 428 -39.57 -12.56 -28.33
C PHE C 428 -38.04 -12.71 -28.34
N GLN C 429 -37.46 -13.51 -27.45
CA GLN C 429 -35.98 -13.57 -27.31
C GLN C 429 -35.37 -14.50 -28.38
N ARG C 430 -36.01 -15.62 -28.71
CA ARG C 430 -35.29 -16.77 -29.31
C ARG C 430 -34.88 -16.51 -30.77
N SER C 431 -35.48 -15.54 -31.43
CA SER C 431 -35.10 -15.10 -32.80
C SER C 431 -33.83 -14.24 -32.75
N HIS C 432 -33.45 -13.70 -31.58
CA HIS C 432 -32.26 -12.82 -31.46
C HIS C 432 -31.08 -13.59 -30.87
N ALA C 433 -31.34 -14.58 -30.01
CA ALA C 433 -30.31 -15.20 -29.15
C ALA C 433 -30.79 -16.57 -28.70
N PRO C 434 -29.86 -17.44 -28.26
CA PRO C 434 -30.24 -18.74 -27.73
C PRO C 434 -31.21 -18.60 -26.56
N VAL C 435 -32.27 -19.39 -26.61
CA VAL C 435 -33.21 -19.64 -25.49
C VAL C 435 -33.26 -21.15 -25.27
N TYR C 436 -33.03 -21.59 -24.03
CA TYR C 436 -33.25 -22.98 -23.61
C TYR C 436 -34.47 -22.97 -22.70
N PHE C 437 -35.52 -23.68 -23.07
CA PHE C 437 -36.80 -23.67 -22.32
C PHE C 437 -36.96 -24.96 -21.51
N TYR C 438 -37.49 -24.86 -20.28
CA TYR C 438 -37.78 -26.08 -19.46
C TYR C 438 -39.18 -25.99 -18.84
N GLU C 439 -39.77 -27.17 -18.61
CA GLU C 439 -40.94 -27.35 -17.70
C GLU C 439 -40.50 -28.33 -16.63
N PHE C 440 -40.47 -27.88 -15.38
CA PHE C 440 -40.11 -28.72 -14.23
C PHE C 440 -41.37 -29.42 -13.72
N GLN C 441 -41.29 -30.72 -13.53
CA GLN C 441 -42.51 -31.58 -13.36
C GLN C 441 -42.46 -32.40 -12.07
N HIS C 442 -41.37 -32.40 -11.33
CA HIS C 442 -41.15 -33.35 -10.22
C HIS C 442 -41.86 -32.87 -8.95
N PRO C 443 -42.84 -33.63 -8.41
CA PRO C 443 -43.40 -33.36 -7.08
C PRO C 443 -42.38 -33.81 -6.05
N PRO C 444 -41.85 -32.92 -5.18
CA PRO C 444 -40.81 -33.34 -4.24
C PRO C 444 -41.32 -34.34 -3.18
N SER C 445 -40.50 -35.35 -2.90
CA SER C 445 -40.76 -36.46 -1.94
C SER C 445 -41.10 -35.90 -0.55
N TYR C 446 -40.36 -34.89 -0.09
CA TYR C 446 -40.47 -34.32 1.29
C TYR C 446 -41.77 -33.52 1.44
N PHE C 447 -42.54 -33.24 0.38
CA PHE C 447 -43.83 -32.51 0.51
C PHE C 447 -45.04 -33.44 0.36
N LYS C 448 -44.87 -34.74 0.16
CA LYS C 448 -46.00 -35.66 -0.19
C LYS C 448 -47.08 -35.65 0.92
N ASP C 449 -46.71 -35.63 2.20
CA ASP C 449 -47.67 -35.73 3.32
C ASP C 449 -48.05 -34.33 3.84
N VAL C 450 -47.44 -33.27 3.31
CA VAL C 450 -47.64 -31.87 3.76
C VAL C 450 -48.81 -31.24 2.98
N ARG C 451 -49.13 -31.74 1.78
CA ARG C 451 -50.07 -31.01 0.88
C ARG C 451 -50.87 -32.03 0.08
N PRO C 452 -52.00 -31.63 -0.53
CA PRO C 452 -52.87 -32.56 -1.26
C PRO C 452 -52.15 -33.35 -2.35
N PRO C 453 -52.54 -34.63 -2.56
CA PRO C 453 -51.86 -35.51 -3.52
C PRO C 453 -51.96 -35.10 -5.00
N HIS C 454 -52.94 -34.29 -5.37
CA HIS C 454 -53.11 -33.81 -6.76
C HIS C 454 -52.07 -32.73 -7.11
N VAL C 455 -51.39 -32.12 -6.13
CA VAL C 455 -50.38 -31.04 -6.40
C VAL C 455 -49.15 -31.67 -7.07
N LYS C 456 -48.71 -31.15 -8.21
CA LYS C 456 -47.53 -31.70 -8.92
C LYS C 456 -46.31 -30.85 -8.53
N ALA C 457 -45.60 -30.22 -9.46
CA ALA C 457 -44.47 -29.32 -9.13
C ALA C 457 -45.05 -27.93 -8.87
N ASP C 458 -45.20 -27.63 -7.59
CA ASP C 458 -45.76 -26.34 -7.12
C ASP C 458 -44.73 -25.23 -7.39
N HIS C 459 -45.19 -23.99 -7.30
CA HIS C 459 -44.33 -22.80 -7.19
C HIS C 459 -43.16 -23.06 -6.23
N ALA C 460 -41.93 -22.77 -6.68
CA ALA C 460 -40.66 -22.79 -5.93
C ALA C 460 -40.13 -24.21 -5.69
N ASP C 461 -40.79 -25.27 -6.17
CA ASP C 461 -40.35 -26.66 -5.88
C ASP C 461 -38.99 -26.95 -6.52
N GLU C 462 -38.60 -26.21 -7.58
CA GLU C 462 -37.31 -26.47 -8.28
C GLU C 462 -36.12 -25.84 -7.55
N ILE C 463 -36.35 -24.86 -6.67
CA ILE C 463 -35.23 -24.11 -6.04
C ILE C 463 -34.30 -25.05 -5.29
N PRO C 464 -34.77 -26.00 -4.46
CA PRO C 464 -33.83 -26.89 -3.75
C PRO C 464 -32.99 -27.79 -4.67
N PHE C 465 -33.48 -28.04 -5.88
CA PHE C 465 -32.71 -28.86 -6.85
C PHE C 465 -31.56 -28.03 -7.40
N VAL C 466 -31.74 -26.71 -7.51
CA VAL C 466 -30.69 -25.77 -7.99
C VAL C 466 -29.68 -25.51 -6.86
N PHE C 467 -30.13 -25.35 -5.62
CA PHE C 467 -29.25 -25.00 -4.47
C PHE C 467 -28.78 -26.25 -3.69
N ALA C 468 -29.34 -27.42 -3.96
CA ALA C 468 -29.05 -28.73 -3.30
C ALA C 468 -29.34 -28.66 -1.80
N SER C 469 -30.18 -27.73 -1.38
CA SER C 469 -30.56 -27.48 0.03
C SER C 469 -31.90 -26.77 0.04
N PHE C 470 -32.58 -26.78 1.18
CA PHE C 470 -33.79 -25.97 1.43
C PHE C 470 -33.31 -24.57 1.84
N PHE C 471 -34.24 -23.69 2.17
CA PHE C 471 -33.93 -22.30 2.58
C PHE C 471 -32.96 -22.35 3.78
N TRP C 472 -32.13 -21.31 3.90
CA TRP C 472 -31.08 -21.14 4.94
C TRP C 472 -30.11 -22.31 4.89
N GLY C 473 -30.01 -23.00 3.75
CA GLY C 473 -29.05 -24.09 3.56
C GLY C 473 -29.40 -25.34 4.38
N MET C 474 -30.64 -25.45 4.85
CA MET C 474 -31.08 -26.62 5.67
C MET C 474 -31.10 -27.87 4.79
N LYS C 475 -30.63 -29.00 5.32
CA LYS C 475 -30.46 -30.25 4.55
C LYS C 475 -31.83 -30.85 4.21
N LEU C 476 -31.93 -31.52 3.06
CA LEU C 476 -33.18 -32.20 2.63
C LEU C 476 -32.97 -33.70 2.53
N ASP C 477 -34.02 -34.45 2.85
CA ASP C 477 -34.06 -35.93 2.67
C ASP C 477 -34.46 -36.21 1.21
N PHE C 478 -33.55 -35.96 0.28
CA PHE C 478 -33.76 -36.24 -1.16
C PHE C 478 -33.76 -37.78 -1.34
N THR C 479 -34.65 -38.32 -2.16
CA THR C 479 -34.49 -39.69 -2.71
C THR C 479 -33.22 -39.73 -3.57
N GLU C 480 -32.68 -40.92 -3.81
CA GLU C 480 -31.51 -41.11 -4.70
C GLU C 480 -31.78 -40.50 -6.09
N GLU C 481 -33.01 -40.68 -6.59
N GLU C 481 -32.99 -40.65 -6.64
CA GLU C 481 -33.48 -40.14 -7.90
CA GLU C 481 -33.27 -40.10 -7.99
C GLU C 481 -33.45 -38.59 -7.85
C GLU C 481 -33.42 -38.57 -7.89
N GLU C 482 -33.87 -38.01 -6.73
N GLU C 482 -33.87 -38.03 -6.75
CA GLU C 482 -33.91 -36.55 -6.53
CA GLU C 482 -33.91 -36.55 -6.53
C GLU C 482 -32.48 -36.00 -6.45
N GLU C 483 -31.55 -36.72 -5.84
CA GLU C 483 -30.13 -36.30 -5.78
C GLU C 483 -29.58 -36.22 -7.19
N LEU C 484 -29.92 -37.18 -8.05
CA LEU C 484 -29.45 -37.16 -9.46
C LEU C 484 -30.11 -35.96 -10.19
N LEU C 485 -31.41 -35.70 -10.00
CA LEU C 485 -32.08 -34.55 -10.66
C LEU C 485 -31.41 -33.25 -10.20
N SER C 486 -31.03 -33.13 -8.92
CA SER C 486 -30.33 -31.94 -8.37
C SER C 486 -28.95 -31.81 -9.01
N ARG C 487 -28.18 -32.88 -9.09
CA ARG C 487 -26.84 -32.85 -9.74
C ARG C 487 -26.99 -32.39 -11.19
N ARG C 488 -27.97 -32.93 -11.91
CA ARG C 488 -28.23 -32.59 -13.33
C ARG C 488 -28.58 -31.09 -13.46
N MET C 489 -29.55 -30.60 -12.69
CA MET C 489 -30.00 -29.21 -12.78
C MET C 489 -28.87 -28.26 -12.39
N MET C 490 -28.08 -28.59 -11.38
CA MET C 490 -26.92 -27.77 -11.00
C MET C 490 -25.91 -27.74 -12.14
N LYS C 491 -25.69 -28.89 -12.80
CA LYS C 491 -24.71 -28.93 -13.90
C LYS C 491 -25.27 -28.20 -15.12
N TYR C 492 -26.53 -28.36 -15.48
CA TYR C 492 -27.14 -27.59 -16.60
C TYR C 492 -26.96 -26.07 -16.34
N TRP C 493 -27.26 -25.64 -15.12
CA TRP C 493 -27.21 -24.20 -14.74
C TRP C 493 -25.77 -23.73 -14.82
N ALA C 494 -24.83 -24.49 -14.24
CA ALA C 494 -23.40 -24.11 -14.21
C ALA C 494 -22.80 -24.16 -15.62
N ASN C 495 -23.13 -25.17 -16.45
CA ASN C 495 -22.68 -25.22 -17.85
C ASN C 495 -23.19 -23.98 -18.59
N PHE C 496 -24.42 -23.59 -18.34
CA PHE C 496 -25.00 -22.38 -18.94
C PHE C 496 -24.23 -21.16 -18.46
N ALA C 497 -23.90 -21.09 -17.17
CA ALA C 497 -23.09 -19.97 -16.62
C ALA C 497 -21.72 -19.93 -17.31
N ARG C 498 -21.15 -21.08 -17.63
CA ARG C 498 -19.80 -21.18 -18.25
C ARG C 498 -19.86 -20.83 -19.74
N HIS C 499 -20.88 -21.25 -20.49
CA HIS C 499 -20.81 -21.30 -21.97
C HIS C 499 -22.06 -20.73 -22.64
N GLY C 500 -23.12 -20.36 -21.91
CA GLY C 500 -24.39 -19.98 -22.56
C GLY C 500 -25.08 -21.17 -23.24
N ASN C 501 -24.74 -22.38 -22.82
CA ASN C 501 -25.25 -23.66 -23.38
C ASN C 501 -25.24 -24.64 -22.22
N PRO C 502 -26.38 -25.24 -21.82
CA PRO C 502 -26.42 -26.10 -20.64
C PRO C 502 -25.84 -27.52 -20.85
N ASN C 503 -25.51 -27.90 -22.08
CA ASN C 503 -25.17 -29.31 -22.44
C ASN C 503 -23.74 -29.70 -22.02
N SER C 504 -23.57 -30.94 -21.58
CA SER C 504 -22.24 -31.57 -21.36
C SER C 504 -22.39 -33.09 -21.28
N GLU C 505 -21.27 -33.81 -21.30
CA GLU C 505 -21.23 -35.28 -21.30
C GLU C 505 -22.06 -35.85 -20.15
N GLY C 506 -22.89 -36.85 -20.44
CA GLY C 506 -23.68 -37.57 -19.43
C GLY C 506 -24.97 -36.87 -19.03
N LEU C 507 -25.23 -35.63 -19.49
CA LEU C 507 -26.54 -34.99 -19.27
C LEU C 507 -27.41 -35.22 -20.50
N PRO C 508 -28.72 -35.52 -20.31
CA PRO C 508 -29.65 -35.56 -21.44
C PRO C 508 -29.58 -34.28 -22.25
N TYR C 509 -29.62 -34.44 -23.57
CA TYR C 509 -29.40 -33.33 -24.53
C TYR C 509 -30.61 -32.41 -24.47
N TRP C 510 -30.33 -31.13 -24.27
CA TRP C 510 -31.33 -30.04 -24.14
C TRP C 510 -31.23 -29.20 -25.40
N PRO C 511 -32.11 -29.35 -26.40
CA PRO C 511 -32.01 -28.58 -27.62
C PRO C 511 -32.34 -27.10 -27.36
N VAL C 512 -31.67 -26.22 -28.09
CA VAL C 512 -32.01 -24.76 -28.11
C VAL C 512 -33.41 -24.63 -28.70
N MET C 513 -34.16 -23.66 -28.21
CA MET C 513 -35.56 -23.44 -28.63
C MET C 513 -35.53 -22.64 -29.95
N ASP C 514 -36.09 -23.24 -31.00
CA ASP C 514 -36.21 -22.61 -32.34
C ASP C 514 -37.66 -22.83 -32.82
N HIS C 515 -37.90 -22.76 -34.12
CA HIS C 515 -39.26 -22.96 -34.74
C HIS C 515 -39.87 -24.30 -34.32
N ASP C 516 -39.09 -25.32 -33.92
CA ASP C 516 -39.67 -26.60 -33.42
C ASP C 516 -40.16 -26.48 -31.96
N GLU C 517 -39.92 -25.35 -31.26
CA GLU C 517 -40.56 -25.07 -29.94
C GLU C 517 -40.16 -26.14 -28.90
N GLN C 518 -38.96 -26.71 -29.00
CA GLN C 518 -38.51 -27.79 -28.07
C GLN C 518 -38.29 -27.20 -26.67
N TYR C 519 -38.58 -28.01 -25.66
CA TYR C 519 -38.35 -27.69 -24.25
C TYR C 519 -37.96 -28.96 -23.52
N LEU C 520 -37.16 -28.83 -22.48
CA LEU C 520 -36.75 -29.98 -21.64
C LEU C 520 -37.76 -30.13 -20.50
N GLN C 521 -38.31 -31.33 -20.37
CA GLN C 521 -39.17 -31.73 -19.22
C GLN C 521 -38.23 -32.22 -18.14
N LEU C 522 -38.10 -31.46 -17.04
CA LEU C 522 -37.19 -31.81 -15.93
C LEU C 522 -37.97 -32.66 -14.93
N ASP C 523 -37.52 -33.91 -14.78
CA ASP C 523 -38.06 -34.88 -13.80
C ASP C 523 -37.03 -35.99 -13.65
N ILE C 524 -37.40 -37.04 -12.92
CA ILE C 524 -36.48 -38.19 -12.64
C ILE C 524 -35.95 -38.74 -13.96
N GLN C 525 -36.78 -38.81 -15.00
CA GLN C 525 -36.33 -39.20 -16.36
C GLN C 525 -36.57 -38.01 -17.29
N PRO C 526 -35.58 -37.13 -17.53
CA PRO C 526 -35.79 -35.96 -18.38
C PRO C 526 -36.15 -36.38 -19.81
N ALA C 527 -37.02 -35.63 -20.46
CA ALA C 527 -37.42 -35.88 -21.87
C ALA C 527 -37.66 -34.55 -22.57
N VAL C 528 -37.39 -34.51 -23.88
CA VAL C 528 -37.67 -33.31 -24.69
C VAL C 528 -39.13 -33.36 -25.14
N GLY C 529 -39.80 -32.23 -25.04
CA GLY C 529 -41.16 -32.01 -25.54
C GLY C 529 -41.16 -30.94 -26.61
N ARG C 530 -42.29 -30.75 -27.28
CA ARG C 530 -42.44 -29.67 -28.27
C ARG C 530 -43.70 -28.88 -27.98
N ALA C 531 -43.60 -27.56 -28.15
CA ALA C 531 -44.74 -26.61 -28.16
C ALA C 531 -45.55 -26.80 -26.87
N LEU C 532 -44.96 -26.48 -25.71
CA LEU C 532 -45.64 -26.60 -24.41
C LEU C 532 -46.97 -25.85 -24.47
N LYS C 533 -48.05 -26.56 -24.11
CA LYS C 533 -49.42 -25.97 -23.94
C LYS C 533 -49.78 -25.10 -25.14
N ALA C 534 -49.53 -25.61 -26.35
CA ALA C 534 -49.74 -24.85 -27.61
C ALA C 534 -51.21 -24.40 -27.74
N GLY C 535 -52.17 -25.24 -27.35
CA GLY C 535 -53.61 -24.91 -27.35
C GLY C 535 -53.89 -23.75 -26.40
N ARG C 536 -53.39 -23.80 -25.17
CA ARG C 536 -53.53 -22.68 -24.20
C ARG C 536 -52.91 -21.42 -24.78
N LEU C 537 -51.73 -21.53 -25.40
CA LEU C 537 -51.05 -20.34 -25.97
C LEU C 537 -51.94 -19.71 -27.05
N GLN C 538 -52.55 -20.54 -27.90
CA GLN C 538 -53.50 -20.11 -28.96
C GLN C 538 -54.69 -19.40 -28.33
N PHE C 539 -55.28 -19.99 -27.29
CA PHE C 539 -56.44 -19.43 -26.58
C PHE C 539 -56.11 -18.03 -26.04
N TRP C 540 -55.06 -17.91 -25.22
CA TRP C 540 -54.75 -16.66 -24.48
C TRP C 540 -54.24 -15.58 -25.44
N THR C 541 -53.51 -15.92 -26.51
CA THR C 541 -52.81 -14.90 -27.32
C THR C 541 -53.54 -14.58 -28.62
N LYS C 542 -54.44 -15.45 -29.10
CA LYS C 542 -55.14 -15.25 -30.40
C LYS C 542 -56.65 -15.29 -30.17
N THR C 543 -57.20 -16.41 -29.71
CA THR C 543 -58.67 -16.64 -29.60
C THR C 543 -59.30 -15.60 -28.67
N LEU C 544 -58.79 -15.44 -27.47
CA LEU C 544 -59.40 -14.55 -26.45
C LEU C 544 -59.30 -13.08 -26.88
N PRO C 545 -58.16 -12.54 -27.35
CA PRO C 545 -58.16 -11.19 -27.94
C PRO C 545 -59.09 -11.00 -29.15
N GLN C 546 -59.30 -12.01 -29.99
CA GLN C 546 -60.26 -11.98 -31.14
C GLN C 546 -61.69 -11.87 -30.61
N LYS C 547 -62.07 -12.58 -29.56
CA LYS C 547 -63.44 -12.48 -28.97
C LYS C 547 -63.62 -11.07 -28.36
N ILE C 548 -62.55 -10.48 -27.83
CA ILE C 548 -62.57 -9.09 -27.30
C ILE C 548 -62.69 -8.08 -28.45
N GLN C 549 -61.98 -8.28 -29.56
CA GLN C 549 -62.08 -7.51 -30.84
C GLN C 549 -63.54 -7.54 -31.35
N GLU C 550 -64.24 -8.67 -31.17
CA GLU C 550 -65.71 -8.84 -31.33
C GLU C 550 -66.44 -8.42 -30.03
N PRO D 30 32.58 -16.43 51.35
CA PRO D 30 32.12 -15.36 50.43
C PRO D 30 31.08 -14.40 51.05
N GLU D 31 30.87 -13.26 50.39
CA GLU D 31 30.00 -12.15 50.91
C GLU D 31 28.53 -12.60 50.88
N ALA D 32 27.80 -12.36 51.96
CA ALA D 32 26.38 -12.75 52.09
C ALA D 32 25.48 -11.81 51.27
N ASN D 33 25.93 -10.57 51.04
CA ASN D 33 25.11 -9.49 50.43
C ASN D 33 25.98 -8.78 49.41
N PRO D 34 26.39 -9.47 48.31
CA PRO D 34 27.32 -8.91 47.35
C PRO D 34 26.75 -7.66 46.68
N ILE D 35 27.59 -6.67 46.46
CA ILE D 35 27.23 -5.43 45.73
C ILE D 35 28.03 -5.41 44.43
N ARG D 36 27.33 -5.16 43.32
CA ARG D 36 27.96 -5.10 41.97
C ARG D 36 27.58 -3.79 41.29
N ASN D 37 28.42 -3.36 40.35
CA ASN D 37 28.22 -2.16 39.53
C ASN D 37 27.41 -2.46 38.29
N THR D 38 26.58 -1.51 37.86
CA THR D 38 25.96 -1.52 36.51
C THR D 38 26.08 -0.10 35.93
N HIS D 39 25.86 0.02 34.65
CA HIS D 39 25.85 1.32 33.96
C HIS D 39 24.83 2.26 34.60
N THR D 40 23.76 1.73 35.18
CA THR D 40 22.65 2.52 35.79
C THR D 40 22.78 2.65 37.31
N GLY D 41 23.79 2.02 37.91
CA GLY D 41 24.04 2.14 39.36
C GLY D 41 24.29 0.78 40.02
N GLN D 42 24.49 0.79 41.33
CA GLN D 42 24.89 -0.43 42.09
C GLN D 42 23.66 -1.25 42.42
N ILE D 43 23.87 -2.57 42.52
CA ILE D 43 22.81 -3.53 42.91
C ILE D 43 23.35 -4.50 43.96
N GLN D 44 22.51 -4.85 44.92
CA GLN D 44 22.85 -5.81 45.99
C GLN D 44 22.10 -7.11 45.75
N GLY D 45 22.84 -8.22 45.69
CA GLY D 45 22.26 -9.55 45.54
C GLY D 45 22.33 -10.35 46.83
N SER D 46 22.24 -11.67 46.69
CA SER D 46 22.14 -12.63 47.81
C SER D 46 23.15 -13.76 47.59
N LEU D 47 23.58 -14.36 48.69
CA LEU D 47 24.35 -15.63 48.69
C LEU D 47 23.38 -16.76 48.97
N ILE D 48 23.35 -17.76 48.11
CA ILE D 48 22.55 -18.99 48.36
C ILE D 48 23.46 -20.22 48.30
N HIS D 49 23.02 -21.30 48.95
CA HIS D 49 23.72 -22.60 48.93
C HIS D 49 22.87 -23.67 48.24
N VAL D 50 23.54 -24.53 47.47
CA VAL D 50 23.00 -25.81 46.95
C VAL D 50 23.30 -26.89 48.00
N THR D 53 26.88 -29.06 49.05
CA THR D 53 27.80 -28.40 48.08
C THR D 53 28.51 -27.26 48.81
N LYS D 54 29.84 -27.21 48.73
CA LYS D 54 30.62 -26.21 49.50
C LYS D 54 30.53 -24.87 48.81
N ALA D 55 30.66 -24.83 47.48
CA ALA D 55 30.64 -23.59 46.65
C ALA D 55 29.26 -22.94 46.72
N GLY D 56 29.20 -21.62 46.94
CA GLY D 56 27.93 -20.86 46.95
C GLY D 56 27.58 -20.33 45.56
N VAL D 57 26.42 -19.71 45.46
CA VAL D 57 25.96 -18.97 44.26
C VAL D 57 25.53 -17.57 44.69
N HIS D 58 25.93 -16.57 43.93
CA HIS D 58 25.39 -15.19 44.05
C HIS D 58 24.22 -15.04 43.07
N THR D 59 23.11 -14.51 43.55
CA THR D 59 21.95 -14.15 42.71
C THR D 59 21.75 -12.63 42.72
N PHE D 60 21.41 -12.08 41.57
CA PHE D 60 21.04 -10.66 41.40
C PHE D 60 19.78 -10.65 40.56
N LEU D 61 18.63 -10.31 41.17
CA LEU D 61 17.31 -10.49 40.53
C LEU D 61 16.67 -9.14 40.17
N GLY D 62 15.89 -9.12 39.11
CA GLY D 62 15.01 -7.98 38.78
C GLY D 62 15.81 -6.78 38.29
N ILE D 63 16.85 -6.99 37.49
CA ILE D 63 17.68 -5.88 36.93
C ILE D 63 16.99 -5.32 35.69
N PRO D 64 16.68 -4.00 35.60
CA PRO D 64 16.09 -3.44 34.39
C PRO D 64 17.12 -3.26 33.27
N PHE D 65 16.81 -3.80 32.09
CA PHE D 65 17.67 -3.65 30.88
C PHE D 65 17.01 -2.67 29.90
N ALA D 66 15.80 -2.20 30.21
CA ALA D 66 15.12 -1.18 29.39
C ALA D 66 14.12 -0.43 30.25
N LYS D 67 13.76 0.76 29.78
CA LYS D 67 12.68 1.61 30.32
C LYS D 67 11.38 0.81 30.24
N PRO D 68 10.47 0.89 31.22
CA PRO D 68 9.17 0.22 31.10
C PRO D 68 8.42 0.59 29.82
N PRO D 69 7.98 -0.40 29.03
CA PRO D 69 7.39 -0.15 27.70
C PRO D 69 5.89 0.17 27.87
N VAL D 70 5.62 1.27 28.55
CA VAL D 70 4.25 1.71 28.95
C VAL D 70 3.96 3.07 28.32
N GLY D 71 2.69 3.45 28.28
CA GLY D 71 2.23 4.70 27.68
C GLY D 71 2.61 4.74 26.22
N PRO D 72 3.31 5.81 25.78
CA PRO D 72 3.75 5.89 24.39
C PRO D 72 4.82 4.85 24.02
N LEU D 73 5.42 4.14 24.99
CA LEU D 73 6.49 3.14 24.70
C LEU D 73 5.86 1.76 24.47
N ARG D 74 4.54 1.64 24.64
CA ARG D 74 3.84 0.42 24.18
C ARG D 74 3.88 0.40 22.66
N PHE D 75 4.17 -0.76 22.06
CA PHE D 75 4.36 -0.93 20.58
C PHE D 75 5.45 -0.01 20.07
N ALA D 76 6.50 0.21 20.88
CA ALA D 76 7.69 0.97 20.45
C ALA D 76 8.95 0.18 20.81
N PRO D 77 10.08 0.42 20.12
CA PRO D 77 11.34 -0.19 20.50
C PRO D 77 11.72 0.08 21.96
N PRO D 78 12.48 -0.83 22.59
CA PRO D 78 12.90 -0.64 23.98
C PRO D 78 13.89 0.54 24.06
N GLU D 79 13.80 1.30 25.13
CA GLU D 79 14.69 2.47 25.36
C GLU D 79 15.58 2.19 26.58
N ALA D 80 16.67 2.93 26.70
CA ALA D 80 17.70 2.76 27.74
C ALA D 80 17.07 2.85 29.13
N PRO D 81 17.45 1.96 30.06
CA PRO D 81 16.92 2.03 31.41
C PRO D 81 17.46 3.29 32.13
N GLU D 82 16.72 3.75 33.12
CA GLU D 82 16.97 5.00 33.86
C GLU D 82 17.97 4.70 34.96
N PRO D 83 18.92 5.61 35.23
CA PRO D 83 19.84 5.42 36.36
C PRO D 83 19.11 5.56 37.69
N TRP D 84 19.69 5.01 38.74
CA TRP D 84 19.16 5.19 40.12
C TRP D 84 20.32 5.63 41.03
N SER D 85 19.98 6.27 42.15
CA SER D 85 20.94 6.59 43.22
C SER D 85 20.95 5.46 44.24
N GLY D 86 22.08 5.28 44.91
CA GLY D 86 22.19 4.32 46.01
C GLY D 86 22.20 2.90 45.48
N VAL D 87 22.03 1.94 46.37
CA VAL D 87 22.18 0.50 46.05
C VAL D 87 20.78 -0.07 45.84
N ARG D 88 20.51 -0.53 44.62
CA ARG D 88 19.22 -1.15 44.28
C ARG D 88 19.13 -2.53 44.94
N ASP D 89 17.96 -2.87 45.45
CA ASP D 89 17.64 -4.21 45.97
C ASP D 89 17.55 -5.19 44.79
N GLY D 90 18.42 -6.22 44.77
CA GLY D 90 18.39 -7.30 43.77
C GLY D 90 18.02 -8.62 44.37
N THR D 91 17.10 -8.65 45.35
CA THR D 91 16.79 -9.88 46.13
C THR D 91 15.39 -10.41 45.77
N ALA D 92 14.61 -9.69 44.96
CA ALA D 92 13.22 -10.04 44.58
C ALA D 92 13.09 -10.29 43.08
N HIS D 93 12.42 -11.37 42.71
CA HIS D 93 12.12 -11.70 41.30
C HIS D 93 11.28 -10.57 40.70
N PRO D 94 11.46 -10.26 39.41
CA PRO D 94 10.64 -9.24 38.74
C PRO D 94 9.24 -9.75 38.42
N ALA D 95 8.32 -8.82 38.20
CA ALA D 95 7.00 -9.12 37.61
C ALA D 95 7.21 -9.82 36.26
N MET D 96 6.37 -10.77 35.92
CA MET D 96 6.26 -11.34 34.57
C MET D 96 5.50 -10.40 33.64
N CYS D 97 5.74 -10.48 32.33
CA CYS D 97 4.99 -9.71 31.32
C CYS D 97 3.54 -10.18 31.28
N LEU D 98 2.64 -9.31 30.82
CA LEU D 98 1.20 -9.61 30.73
C LEU D 98 1.01 -10.89 29.91
N GLN D 99 0.20 -11.78 30.48
CA GLN D 99 -0.09 -13.07 29.87
C GLN D 99 -1.31 -13.67 30.59
N ASN D 100 -1.95 -14.64 29.95
CA ASN D 100 -3.16 -15.30 30.49
C ASN D 100 -2.71 -16.52 31.32
N LEU D 101 -2.92 -16.48 32.63
CA LEU D 101 -2.42 -17.48 33.61
C LEU D 101 -3.08 -18.84 33.38
N ASP D 102 -4.37 -18.87 32.97
CA ASP D 102 -5.09 -20.14 32.68
C ASP D 102 -4.19 -21.05 31.83
N MET D 103 -3.52 -20.46 30.84
CA MET D 103 -2.61 -21.17 29.93
C MET D 103 -1.29 -21.47 30.67
N LEU D 116 1.13 -18.88 38.70
CA LEU D 116 0.42 -18.65 40.00
C LEU D 116 -0.12 -17.21 40.07
N SER D 117 -1.38 -17.08 40.50
CA SER D 117 -2.12 -15.78 40.59
C SER D 117 -1.51 -14.87 41.67
N SER D 118 -0.73 -15.42 42.59
CA SER D 118 0.01 -14.67 43.63
C SER D 118 1.20 -13.92 43.02
N PHE D 119 1.77 -14.40 41.89
CA PHE D 119 3.04 -13.85 41.32
C PHE D 119 2.74 -12.55 40.59
N PRO D 120 3.50 -11.48 40.82
CA PRO D 120 3.23 -10.19 40.17
C PRO D 120 3.39 -10.27 38.64
N MET D 121 2.48 -9.57 37.95
CA MET D 121 2.39 -9.48 36.49
C MET D 121 2.15 -8.02 36.12
N SER D 122 2.86 -7.51 35.11
CA SER D 122 2.83 -6.07 34.76
C SER D 122 3.27 -5.88 33.31
N GLU D 123 2.81 -4.80 32.67
CA GLU D 123 3.41 -4.30 31.43
C GLU D 123 4.86 -3.89 31.71
N ASP D 124 5.15 -3.49 32.95
CA ASP D 124 6.51 -3.14 33.42
C ASP D 124 7.24 -4.44 33.76
N CYS D 125 7.85 -5.09 32.77
CA CYS D 125 8.38 -6.46 32.93
C CYS D 125 9.78 -6.65 32.28
N LEU D 126 10.45 -5.60 31.81
CA LEU D 126 11.72 -5.74 31.05
C LEU D 126 12.87 -5.81 32.06
N TYR D 127 13.03 -7.01 32.62
CA TYR D 127 14.02 -7.32 33.67
C TYR D 127 14.76 -8.61 33.34
N LEU D 128 15.96 -8.73 33.90
CA LEU D 128 16.74 -9.98 33.82
C LEU D 128 17.30 -10.35 35.19
N ASN D 129 17.63 -11.63 35.33
CA ASN D 129 18.19 -12.21 36.59
C ASN D 129 19.58 -12.79 36.28
N ILE D 130 20.48 -12.69 37.24
CA ILE D 130 21.87 -13.20 37.08
C ILE D 130 22.18 -14.18 38.21
N TYR D 131 22.73 -15.33 37.83
CA TYR D 131 23.32 -16.36 38.71
C TYR D 131 24.82 -16.42 38.43
N THR D 132 25.67 -16.22 39.43
CA THR D 132 27.14 -16.34 39.31
C THR D 132 27.70 -17.25 40.41
N PRO D 133 28.84 -17.92 40.16
CA PRO D 133 29.56 -18.61 41.23
C PRO D 133 29.94 -17.56 42.28
N ALA D 134 29.82 -17.89 43.57
CA ALA D 134 30.05 -16.92 44.66
C ALA D 134 31.51 -16.42 44.66
N HIS D 135 32.47 -17.16 44.08
CA HIS D 135 33.87 -16.69 43.92
C HIS D 135 33.99 -15.64 42.83
N ALA D 136 32.99 -15.47 41.96
CA ALA D 136 33.08 -14.53 40.82
C ALA D 136 33.09 -13.09 41.36
N HIS D 137 33.81 -12.23 40.67
CA HIS D 137 33.88 -10.76 40.92
C HIS D 137 34.14 -10.07 39.59
N GLU D 138 34.04 -8.74 39.54
CA GLU D 138 34.56 -7.90 38.42
C GLU D 138 35.85 -8.52 37.85
N GLY D 139 35.84 -8.92 36.56
CA GLY D 139 37.03 -9.42 35.84
C GLY D 139 37.26 -10.93 35.87
N SER D 140 36.47 -11.76 36.59
CA SER D 140 36.67 -13.25 36.62
C SER D 140 36.63 -13.84 35.18
N ASN D 141 35.93 -13.21 34.23
CA ASN D 141 35.99 -13.57 32.79
C ASN D 141 35.40 -14.98 32.55
N LEU D 142 34.33 -15.33 33.24
CA LEU D 142 33.65 -16.64 33.11
C LEU D 142 32.75 -16.66 31.89
N PRO D 143 32.52 -17.84 31.27
CA PRO D 143 31.59 -17.92 30.15
C PRO D 143 30.17 -17.58 30.64
N VAL D 144 29.37 -17.04 29.73
CA VAL D 144 28.02 -16.52 30.04
C VAL D 144 27.01 -17.26 29.19
N MET D 145 25.97 -17.78 29.82
CA MET D 145 24.85 -18.42 29.09
C MET D 145 23.60 -17.60 29.39
N VAL D 146 22.95 -17.11 28.34
CA VAL D 146 21.72 -16.27 28.44
C VAL D 146 20.54 -17.10 27.98
N TRP D 147 19.66 -17.44 28.93
CA TRP D 147 18.44 -18.25 28.71
C TRP D 147 17.27 -17.37 28.25
N ILE D 148 16.68 -17.79 27.15
CA ILE D 148 15.44 -17.18 26.60
C ILE D 148 14.32 -18.22 26.72
N HIS D 149 13.35 -17.95 27.57
CA HIS D 149 12.24 -18.88 27.85
C HIS D 149 11.31 -19.01 26.65
N GLY D 150 10.67 -20.17 26.55
CA GLY D 150 9.59 -20.45 25.59
C GLY D 150 8.22 -20.16 26.18
N GLY D 151 7.17 -20.70 25.55
CA GLY D 151 5.77 -20.30 25.80
C GLY D 151 5.06 -19.70 24.61
N ALA D 152 5.40 -20.11 23.39
CA ALA D 152 4.69 -19.79 22.14
C ALA D 152 4.57 -18.26 21.94
N LEU D 153 5.53 -17.49 22.48
CA LEU D 153 5.59 -16.01 22.45
C LEU D 153 4.35 -15.38 23.12
N VAL D 154 3.64 -16.12 23.97
CA VAL D 154 2.44 -15.59 24.69
C VAL D 154 2.52 -15.83 26.21
N ILE D 155 3.32 -16.79 26.69
CA ILE D 155 3.46 -17.05 28.15
C ILE D 155 4.94 -17.23 28.53
N GLY D 156 5.19 -17.20 29.83
CA GLY D 156 6.47 -17.56 30.46
C GLY D 156 7.07 -16.42 31.24
N MET D 157 8.16 -16.70 31.94
CA MET D 157 8.85 -15.72 32.79
C MET D 157 10.24 -16.26 33.12
N ALA D 158 11.16 -15.36 33.46
CA ALA D 158 12.56 -15.69 33.78
C ALA D 158 12.64 -16.51 35.07
N SER D 159 11.85 -16.18 36.08
CA SER D 159 12.02 -16.71 37.47
C SER D 159 11.74 -18.21 37.53
N MET D 160 11.03 -18.74 36.54
CA MET D 160 10.77 -20.20 36.40
C MET D 160 12.10 -20.95 36.23
N PHE D 161 13.15 -20.28 35.77
CA PHE D 161 14.44 -20.96 35.41
C PHE D 161 15.50 -20.51 36.41
N ASP D 162 15.81 -21.40 37.33
CA ASP D 162 16.78 -21.14 38.39
C ASP D 162 18.14 -21.62 37.86
N GLY D 163 19.03 -20.70 37.55
CA GLY D 163 20.34 -21.04 36.97
C GLY D 163 21.36 -21.52 37.98
N SER D 164 21.03 -21.62 39.27
CA SER D 164 22.01 -21.85 40.37
C SER D 164 22.85 -23.10 40.14
N LEU D 165 22.23 -24.23 39.82
CA LEU D 165 22.94 -25.52 39.70
C LEU D 165 23.84 -25.54 38.47
N LEU D 166 23.39 -24.97 37.36
CA LEU D 166 24.22 -24.86 36.14
C LEU D 166 25.42 -23.97 36.46
N THR D 167 25.22 -22.85 37.17
CA THR D 167 26.36 -21.97 37.52
C THR D 167 27.37 -22.69 38.40
N VAL D 168 26.89 -23.39 39.44
CA VAL D 168 27.82 -23.99 40.45
C VAL D 168 28.49 -25.26 39.87
N ASN D 169 27.78 -26.09 39.10
CA ASN D 169 28.34 -27.35 38.56
C ASN D 169 29.32 -27.07 37.40
N GLU D 170 29.15 -25.98 36.64
CA GLU D 170 29.95 -25.80 35.39
C GLU D 170 30.75 -24.48 35.42
N ASP D 171 30.70 -23.75 36.54
CA ASP D 171 31.54 -22.53 36.75
C ASP D 171 31.23 -21.48 35.67
N LEU D 172 29.98 -21.10 35.54
CA LEU D 172 29.63 -20.10 34.52
C LEU D 172 28.54 -19.15 35.05
N VAL D 173 28.36 -18.06 34.33
CA VAL D 173 27.33 -17.04 34.65
C VAL D 173 26.08 -17.34 33.85
N VAL D 174 24.94 -17.45 34.52
CA VAL D 174 23.65 -17.71 33.83
C VAL D 174 22.81 -16.44 33.97
N VAL D 175 22.30 -15.98 32.85
CA VAL D 175 21.36 -14.82 32.80
C VAL D 175 20.04 -15.37 32.32
N THR D 176 18.94 -15.03 32.98
CA THR D 176 17.57 -15.32 32.47
C THR D 176 16.90 -13.99 32.12
N ILE D 177 16.34 -13.89 30.93
CA ILE D 177 15.76 -12.60 30.45
C ILE D 177 14.26 -12.71 30.31
N GLN D 178 13.62 -11.55 30.30
CA GLN D 178 12.21 -11.41 29.92
C GLN D 178 12.10 -10.52 28.70
N TYR D 179 10.94 -10.55 28.07
CA TYR D 179 10.64 -9.84 26.80
C TYR D 179 9.13 -9.76 26.66
N ARG D 180 8.64 -8.77 25.93
CA ARG D 180 7.19 -8.59 25.75
C ARG D 180 6.58 -9.81 25.05
N LEU D 181 5.41 -10.22 25.53
CA LEU D 181 4.66 -11.41 25.07
C LEU D 181 3.33 -11.02 24.47
N GLY D 182 2.79 -11.89 23.65
CA GLY D 182 1.43 -11.75 23.11
C GLY D 182 1.28 -10.49 22.29
N VAL D 183 0.12 -9.86 22.40
CA VAL D 183 -0.21 -8.62 21.67
C VAL D 183 0.84 -7.54 21.94
N LEU D 184 1.26 -7.36 23.18
CA LEU D 184 2.24 -6.30 23.52
C LEU D 184 3.61 -6.61 22.88
N GLY D 185 3.94 -7.89 22.68
CA GLY D 185 5.23 -8.28 22.09
C GLY D 185 5.22 -8.29 20.55
N PHE D 186 4.07 -8.58 19.92
CA PHE D 186 4.07 -9.01 18.49
C PHE D 186 2.91 -8.44 17.68
N PHE D 187 2.20 -7.44 18.19
CA PHE D 187 1.17 -6.72 17.39
C PHE D 187 1.90 -5.92 16.32
N SER D 188 1.42 -5.99 15.08
CA SER D 188 1.98 -5.24 13.92
C SER D 188 0.85 -4.71 13.04
N THR D 189 0.99 -3.49 12.53
CA THR D 189 0.11 -2.95 11.47
C THR D 189 0.68 -3.26 10.08
N GLY D 190 1.89 -3.83 9.98
CA GLY D 190 2.54 -4.01 8.67
C GLY D 190 3.04 -2.67 8.10
N ASP D 191 3.17 -1.61 8.91
CA ASP D 191 3.59 -0.29 8.41
C ASP D 191 4.26 0.49 9.55
N GLN D 192 4.57 1.75 9.30
CA GLN D 192 5.44 2.54 10.20
C GLN D 192 4.79 2.70 11.58
N HIS D 193 3.46 2.64 11.70
CA HIS D 193 2.79 2.91 12.99
C HIS D 193 3.03 1.80 14.03
N ALA D 194 3.26 0.58 13.58
CA ALA D 194 3.59 -0.57 14.48
C ALA D 194 4.28 -1.65 13.69
N ARG D 195 5.58 -1.49 13.45
CA ARG D 195 6.35 -2.39 12.57
C ARG D 195 6.34 -3.81 13.12
N GLY D 196 6.46 -3.97 14.43
CA GLY D 196 6.26 -5.29 15.09
C GLY D 196 7.51 -5.82 15.79
N ASN D 197 7.39 -7.04 16.32
CA ASN D 197 8.48 -7.84 16.93
C ASN D 197 9.10 -7.13 18.13
N TRP D 198 8.30 -6.40 18.91
CA TRP D 198 8.73 -5.67 20.13
C TRP D 198 9.46 -6.64 21.06
N GLY D 199 8.96 -7.87 21.21
CA GLY D 199 9.57 -8.89 22.08
C GLY D 199 10.96 -9.27 21.64
N TYR D 200 11.19 -9.38 20.32
CA TYR D 200 12.55 -9.70 19.80
C TYR D 200 13.46 -8.49 19.99
N LEU D 201 12.95 -7.28 19.78
CA LEU D 201 13.75 -6.05 20.06
C LEU D 201 14.13 -6.00 21.55
N ASP D 202 13.22 -6.37 22.47
CA ASP D 202 13.50 -6.46 23.92
C ASP D 202 14.64 -7.45 24.16
N GLN D 203 14.56 -8.63 23.56
CA GLN D 203 15.60 -9.66 23.76
C GLN D 203 16.95 -9.07 23.35
N ALA D 204 17.03 -8.39 22.21
CA ALA D 204 18.29 -7.81 21.72
C ALA D 204 18.77 -6.72 22.70
N ALA D 205 17.87 -5.92 23.27
CA ALA D 205 18.23 -4.93 24.30
C ALA D 205 18.83 -5.64 25.53
N ALA D 206 18.28 -6.78 25.94
CA ALA D 206 18.83 -7.54 27.09
C ALA D 206 20.25 -8.00 26.73
N LEU D 207 20.45 -8.47 25.52
CA LEU D 207 21.80 -8.93 25.08
C LEU D 207 22.79 -7.74 25.01
N ARG D 208 22.35 -6.55 24.64
CA ARG D 208 23.20 -5.33 24.68
C ARG D 208 23.55 -5.02 26.13
N TRP D 209 22.59 -5.15 27.05
CA TRP D 209 22.86 -4.96 28.49
C TRP D 209 23.97 -5.92 28.93
N VAL D 210 23.90 -7.18 28.50
CA VAL D 210 24.92 -8.19 28.90
C VAL D 210 26.30 -7.76 28.37
N GLN D 211 26.40 -7.34 27.11
CA GLN D 211 27.69 -6.80 26.57
C GLN D 211 28.20 -5.65 27.44
N GLN D 212 27.32 -4.74 27.84
CA GLN D 212 27.70 -3.50 28.57
C GLN D 212 28.10 -3.84 30.02
N ASN D 213 27.50 -4.86 30.65
CA ASN D 213 27.51 -4.95 32.14
C ASN D 213 28.08 -6.27 32.68
N ILE D 214 28.11 -7.35 31.90
CA ILE D 214 28.31 -8.69 32.54
C ILE D 214 29.71 -8.84 33.14
N ALA D 215 30.71 -8.13 32.65
CA ALA D 215 32.07 -8.12 33.26
C ALA D 215 32.00 -7.66 34.72
N HIS D 216 31.07 -6.78 35.09
CA HIS D 216 30.90 -6.31 36.48
C HIS D 216 30.46 -7.48 37.38
N PHE D 217 29.92 -8.55 36.82
CA PHE D 217 29.42 -9.73 37.57
C PHE D 217 30.40 -10.92 37.41
N GLY D 218 31.50 -10.74 36.67
CA GLY D 218 32.51 -11.78 36.47
C GLY D 218 32.35 -12.55 35.18
N GLY D 219 31.48 -12.10 34.27
CA GLY D 219 31.28 -12.76 32.97
C GLY D 219 32.17 -12.16 31.90
N ASN D 220 32.48 -12.92 30.89
CA ASN D 220 33.22 -12.48 29.69
C ASN D 220 32.23 -12.16 28.58
N PRO D 221 32.06 -10.87 28.21
CA PRO D 221 31.11 -10.51 27.15
C PRO D 221 31.51 -11.06 25.77
N ASP D 222 32.75 -11.50 25.60
CA ASP D 222 33.22 -12.13 24.33
C ASP D 222 32.94 -13.63 24.35
N ARG D 223 32.29 -14.19 25.37
CA ARG D 223 31.99 -15.64 25.46
C ARG D 223 30.56 -15.82 25.98
N VAL D 224 29.64 -15.29 25.20
CA VAL D 224 28.18 -15.28 25.51
C VAL D 224 27.54 -16.28 24.59
N THR D 225 26.83 -17.24 25.18
CA THR D 225 26.03 -18.23 24.44
C THR D 225 24.57 -17.98 24.76
N ILE D 226 23.73 -17.84 23.74
CA ILE D 226 22.26 -17.70 23.92
C ILE D 226 21.68 -19.09 23.80
N PHE D 227 20.76 -19.43 24.69
CA PHE D 227 20.11 -20.76 24.67
C PHE D 227 18.66 -20.58 25.08
N GLY D 228 17.82 -21.45 24.56
CA GLY D 228 16.37 -21.40 24.81
C GLY D 228 15.65 -22.60 24.30
N GLU D 229 14.44 -22.80 24.81
CA GLU D 229 13.61 -23.96 24.45
C GLU D 229 12.29 -23.48 23.86
N SER D 230 11.88 -24.17 22.81
CA SER D 230 10.64 -23.98 22.05
C SER D 230 10.60 -22.55 21.47
N ALA D 231 9.64 -21.70 21.84
CA ALA D 231 9.66 -20.29 21.38
C ALA D 231 10.97 -19.60 21.74
N GLY D 232 11.63 -20.03 22.80
CA GLY D 232 12.98 -19.57 23.20
C GLY D 232 14.04 -20.06 22.23
N GLY D 233 13.92 -21.29 21.71
CA GLY D 233 14.78 -21.78 20.62
C GLY D 233 14.53 -21.01 19.34
N THR D 234 13.27 -20.79 19.02
CA THR D 234 12.87 -19.93 17.88
C THR D 234 13.49 -18.54 18.06
N SER D 235 13.43 -18.00 19.26
CA SER D 235 14.02 -16.67 19.59
C SER D 235 15.53 -16.71 19.27
N VAL D 236 16.23 -17.69 19.85
CA VAL D 236 17.71 -17.83 19.68
C VAL D 236 18.00 -17.89 18.16
N SER D 237 17.31 -18.77 17.47
CA SER D 237 17.47 -19.01 16.01
C SER D 237 17.24 -17.70 15.24
N SER D 238 16.29 -16.89 15.71
CA SER D 238 15.95 -15.59 15.09
C SER D 238 17.11 -14.62 15.32
N HIS D 239 17.72 -14.58 16.51
CA HIS D 239 18.93 -13.74 16.76
C HIS D 239 20.06 -14.20 15.83
N VAL D 240 20.23 -15.51 15.64
CA VAL D 240 21.33 -16.05 14.80
C VAL D 240 21.24 -15.44 13.39
N VAL D 241 20.03 -15.10 12.90
CA VAL D 241 19.85 -14.52 11.53
C VAL D 241 19.70 -13.00 11.55
N SER D 242 19.40 -12.37 12.69
CA SER D 242 19.09 -10.92 12.72
C SER D 242 20.37 -10.12 12.62
N PRO D 243 20.56 -9.28 11.57
CA PRO D 243 21.80 -8.50 11.44
C PRO D 243 22.12 -7.63 12.68
N MET D 244 21.12 -7.03 13.32
N MET D 244 21.11 -7.04 13.31
CA MET D 244 21.38 -6.10 14.45
CA MET D 244 21.38 -6.10 14.42
C MET D 244 21.65 -6.88 15.75
C MET D 244 21.71 -6.87 15.72
N SER D 245 21.53 -8.21 15.76
N SER D 245 21.55 -8.19 15.74
CA SER D 245 21.95 -9.05 16.91
CA SER D 245 21.96 -9.05 16.90
C SER D 245 23.40 -9.54 16.77
N GLN D 246 24.06 -9.34 15.63
CA GLN D 246 25.42 -9.93 15.42
C GLN D 246 26.42 -9.24 16.33
N GLY D 247 27.33 -10.00 16.93
CA GLY D 247 28.29 -9.49 17.92
C GLY D 247 27.71 -9.42 19.34
N LEU D 248 26.45 -9.80 19.57
CA LEU D 248 25.86 -9.84 20.94
C LEU D 248 25.98 -11.24 21.54
N PHE D 249 26.55 -12.20 20.82
CA PHE D 249 26.73 -13.59 21.31
C PHE D 249 27.71 -14.29 20.37
N HIS D 250 28.33 -15.37 20.86
N HIS D 250 28.44 -15.31 20.90
CA HIS D 250 29.42 -16.08 20.15
CA HIS D 250 29.46 -16.10 20.13
C HIS D 250 29.00 -17.52 19.84
C HIS D 250 28.97 -17.52 19.83
N GLY D 251 27.86 -17.97 20.41
N GLY D 251 27.83 -17.93 20.38
CA GLY D 251 27.32 -19.32 20.18
CA GLY D 251 27.32 -19.30 20.21
C GLY D 251 25.84 -19.38 20.49
N ALA D 252 25.15 -20.40 19.99
CA ALA D 252 23.69 -20.48 20.11
C ALA D 252 23.27 -21.93 20.35
N ILE D 253 22.30 -22.15 21.24
CA ILE D 253 21.69 -23.48 21.51
C ILE D 253 20.17 -23.36 21.32
N MET D 254 19.63 -24.11 20.37
CA MET D 254 18.21 -24.09 19.97
C MET D 254 17.59 -25.43 20.35
N GLU D 255 16.90 -25.46 21.51
CA GLU D 255 16.23 -26.67 22.02
C GLU D 255 14.76 -26.68 21.56
N SER D 256 14.38 -27.60 20.71
CA SER D 256 12.98 -27.82 20.27
C SER D 256 12.34 -26.54 19.71
N GLY D 257 13.08 -25.75 18.94
CA GLY D 257 12.52 -24.58 18.27
C GLY D 257 13.57 -23.88 17.46
N VAL D 258 13.22 -23.47 16.24
CA VAL D 258 14.06 -22.65 15.35
C VAL D 258 13.20 -21.60 14.66
N ALA D 259 13.84 -20.71 13.90
CA ALA D 259 13.21 -19.49 13.31
C ALA D 259 12.10 -19.84 12.31
N LEU D 260 12.08 -21.06 11.77
CA LEU D 260 11.05 -21.49 10.79
C LEU D 260 9.91 -22.28 11.47
N LEU D 261 9.81 -22.32 12.79
CA LEU D 261 8.66 -22.96 13.49
C LEU D 261 7.41 -22.29 12.94
N PRO D 262 6.55 -23.00 12.17
CA PRO D 262 5.57 -22.35 11.30
C PRO D 262 4.62 -21.36 11.99
N ASP D 263 4.10 -21.70 13.16
CA ASP D 263 3.13 -20.87 13.93
C ASP D 263 3.81 -19.59 14.48
N LEU D 264 5.14 -19.48 14.52
CA LEU D 264 5.78 -18.32 15.20
C LEU D 264 6.40 -17.35 14.18
N ILE D 265 6.16 -17.56 12.88
CA ILE D 265 6.67 -16.63 11.84
C ILE D 265 5.59 -16.50 10.76
N SER D 266 5.34 -15.28 10.30
CA SER D 266 4.24 -14.97 9.37
C SER D 266 4.70 -13.95 8.33
N GLU D 267 4.25 -14.17 7.10
CA GLU D 267 4.44 -13.25 5.95
C GLU D 267 3.39 -12.12 5.98
N THR D 268 2.40 -12.15 6.87
CA THR D 268 1.41 -11.07 7.00
C THR D 268 1.26 -10.63 8.47
N SER D 269 0.88 -9.38 8.68
CA SER D 269 0.46 -8.81 9.99
C SER D 269 -1.08 -8.82 10.16
N GLU D 270 -1.83 -9.11 9.10
CA GLU D 270 -3.25 -8.65 8.98
C GLU D 270 -4.18 -9.58 9.75
N MET D 271 -3.85 -10.84 9.98
CA MET D 271 -4.77 -11.75 10.75
C MET D 271 -4.78 -11.34 12.24
N VAL D 272 -3.60 -11.15 12.81
CA VAL D 272 -3.48 -10.71 14.23
C VAL D 272 -4.10 -9.32 14.37
N SER D 273 -3.76 -8.40 13.49
CA SER D 273 -4.21 -7.00 13.65
C SER D 273 -5.73 -6.90 13.48
N THR D 274 -6.34 -7.65 12.56
CA THR D 274 -7.82 -7.65 12.38
C THR D 274 -8.47 -8.20 13.65
N THR D 275 -7.95 -9.29 14.23
CA THR D 275 -8.48 -9.88 15.48
C THR D 275 -8.39 -8.85 16.61
N VAL D 276 -7.23 -8.20 16.77
CA VAL D 276 -7.00 -7.23 17.86
C VAL D 276 -7.95 -6.04 17.69
N ALA D 277 -8.09 -5.52 16.46
CA ALA D 277 -8.98 -4.37 16.18
C ALA D 277 -10.42 -4.74 16.55
N LYS D 278 -10.86 -5.94 16.20
CA LYS D 278 -12.25 -6.39 16.45
C LYS D 278 -12.46 -6.50 17.98
N LEU D 279 -11.63 -7.26 18.69
CA LEU D 279 -11.86 -7.54 20.13
C LEU D 279 -11.71 -6.25 20.95
N SER D 280 -10.87 -5.30 20.52
CA SER D 280 -10.57 -4.07 21.30
C SER D 280 -11.70 -3.05 21.12
N GLY D 281 -12.55 -3.21 20.09
CA GLY D 281 -13.51 -2.16 19.71
C GLY D 281 -12.85 -1.04 18.93
N CYS D 282 -11.59 -1.19 18.49
CA CYS D 282 -10.85 -0.22 17.66
C CYS D 282 -11.08 -0.56 16.19
N GLU D 283 -12.35 -0.67 15.80
CA GLU D 283 -12.79 -1.09 14.46
C GLU D 283 -12.97 0.14 13.57
N ALA D 284 -12.93 -0.05 12.25
CA ALA D 284 -13.10 1.02 11.23
C ALA D 284 -12.00 2.07 11.42
N MET D 285 -10.81 1.62 11.82
CA MET D 285 -9.68 2.54 12.07
C MET D 285 -8.49 2.10 11.22
N ASP D 286 -7.88 3.04 10.48
N ASP D 286 -7.81 3.08 10.60
CA ASP D 286 -6.59 2.76 9.80
CA ASP D 286 -6.50 2.87 9.90
C ASP D 286 -5.48 2.83 10.89
C ASP D 286 -5.42 2.71 10.95
N SER D 287 -4.26 2.49 10.49
N SER D 287 -4.21 2.31 10.53
CA SER D 287 -3.13 2.11 11.37
CA SER D 287 -3.04 2.07 11.40
C SER D 287 -2.87 3.17 12.45
N GLN D 288 -2.79 4.43 12.08
CA GLN D 288 -2.45 5.52 13.05
C GLN D 288 -3.51 5.55 14.16
N ALA D 289 -4.80 5.49 13.79
CA ALA D 289 -5.91 5.57 14.75
C ALA D 289 -5.95 4.26 15.57
N LEU D 290 -5.70 3.13 14.93
CA LEU D 290 -5.71 1.82 15.62
C LEU D 290 -4.65 1.79 16.73
N VAL D 291 -3.41 2.19 16.42
CA VAL D 291 -2.32 2.16 17.43
C VAL D 291 -2.67 3.12 18.55
N ARG D 292 -3.18 4.32 18.24
CA ARG D 292 -3.58 5.30 19.28
C ARG D 292 -4.67 4.70 20.19
N CYS D 293 -5.70 4.10 19.59
CA CYS D 293 -6.79 3.45 20.34
C CYS D 293 -6.21 2.34 21.24
N LEU D 294 -5.31 1.48 20.72
CA LEU D 294 -4.75 0.36 21.52
C LEU D 294 -3.87 0.90 22.64
N ARG D 295 -3.19 2.03 22.45
CA ARG D 295 -2.35 2.63 23.52
C ARG D 295 -3.19 3.16 24.67
N GLY D 296 -4.45 3.49 24.43
CA GLY D 296 -5.39 3.93 25.50
C GLY D 296 -5.98 2.76 26.28
N LYS D 297 -5.76 1.50 25.89
CA LYS D 297 -6.35 0.33 26.58
C LYS D 297 -5.61 0.06 27.88
N SER D 298 -6.35 -0.28 28.94
CA SER D 298 -5.78 -0.66 30.25
C SER D 298 -5.09 -2.05 30.13
N GLU D 299 -4.30 -2.41 31.13
CA GLU D 299 -3.69 -3.76 31.24
C GLU D 299 -4.78 -4.84 31.18
N ALA D 300 -5.90 -4.62 31.87
CA ALA D 300 -7.01 -5.59 31.90
C ALA D 300 -7.64 -5.72 30.52
N GLU D 301 -7.86 -4.63 29.81
CA GLU D 301 -8.45 -4.66 28.46
C GLU D 301 -7.46 -5.37 27.50
N ILE D 302 -6.17 -5.10 27.63
CA ILE D 302 -5.14 -5.81 26.81
C ILE D 302 -5.20 -7.31 27.14
N LEU D 303 -5.29 -7.70 28.39
CA LEU D 303 -5.35 -9.13 28.81
C LEU D 303 -6.56 -9.81 28.18
N ALA D 304 -7.71 -9.13 28.13
CA ALA D 304 -8.95 -9.70 27.55
C ALA D 304 -8.75 -9.92 26.05
N ILE D 305 -8.11 -8.99 25.35
CA ILE D 305 -7.80 -9.15 23.89
C ILE D 305 -6.79 -10.29 23.74
N ASN D 306 -5.79 -10.32 24.61
CA ASN D 306 -4.63 -11.25 24.56
C ASN D 306 -5.07 -12.70 24.75
N LYS D 307 -6.19 -12.93 25.46
CA LYS D 307 -6.62 -14.28 25.91
C LYS D 307 -6.88 -15.22 24.72
N VAL D 308 -7.25 -14.71 23.56
CA VAL D 308 -7.59 -15.57 22.39
C VAL D 308 -6.32 -16.12 21.72
N PHE D 309 -5.12 -15.62 22.04
CA PHE D 309 -3.88 -16.04 21.34
C PHE D 309 -3.21 -17.16 22.14
N LYS D 310 -3.26 -18.37 21.61
CA LYS D 310 -2.56 -19.55 22.15
C LYS D 310 -1.10 -19.52 21.68
N MET D 311 -0.86 -18.77 20.62
CA MET D 311 0.49 -18.50 20.08
C MET D 311 0.38 -17.19 19.30
N ILE D 312 1.49 -16.54 19.02
CA ILE D 312 1.45 -15.31 18.18
C ILE D 312 2.73 -15.29 17.36
N PRO D 313 2.66 -14.90 16.07
CA PRO D 313 3.84 -14.88 15.24
C PRO D 313 4.62 -13.57 15.21
N ALA D 314 5.93 -13.72 14.97
CA ALA D 314 6.80 -12.64 14.51
C ALA D 314 6.49 -12.36 13.04
N VAL D 315 6.79 -11.14 12.58
CA VAL D 315 6.57 -10.75 11.17
C VAL D 315 7.91 -10.26 10.61
N VAL D 316 7.96 -9.90 9.35
CA VAL D 316 9.11 -9.17 8.76
C VAL D 316 8.93 -7.67 9.08
N ASP D 317 9.52 -7.20 10.17
CA ASP D 317 9.22 -5.87 10.76
C ASP D 317 10.12 -4.80 10.12
N GLY D 318 11.25 -5.18 9.54
CA GLY D 318 12.23 -4.24 8.97
C GLY D 318 13.41 -3.93 9.88
N GLU D 319 13.24 -3.89 11.23
CA GLU D 319 14.34 -3.54 12.17
C GLU D 319 15.01 -4.85 12.61
N PHE D 320 14.26 -5.80 13.17
CA PHE D 320 14.82 -7.09 13.66
C PHE D 320 15.06 -8.00 12.48
N PHE D 321 14.04 -8.18 11.64
CA PHE D 321 14.10 -8.96 10.38
C PHE D 321 13.92 -8.00 9.20
N PRO D 322 15.00 -7.65 8.47
CA PRO D 322 14.87 -6.85 7.25
C PRO D 322 14.23 -7.64 6.11
N ARG D 323 14.37 -8.97 6.17
N ARG D 323 14.40 -8.96 6.18
CA ARG D 323 13.76 -9.95 5.22
CA ARG D 323 13.88 -9.97 5.22
C ARG D 323 13.31 -11.14 6.05
C ARG D 323 13.41 -11.16 6.05
N HIS D 324 12.47 -11.99 5.48
N HIS D 324 12.53 -12.00 5.49
CA HIS D 324 11.98 -13.23 6.13
CA HIS D 324 11.99 -13.22 6.13
C HIS D 324 13.19 -14.07 6.56
N PRO D 325 13.13 -14.73 7.73
CA PRO D 325 14.20 -15.64 8.16
C PRO D 325 14.62 -16.66 7.08
N LYS D 326 13.69 -17.18 6.28
CA LYS D 326 14.01 -18.21 5.24
C LYS D 326 14.98 -17.60 4.22
N GLU D 327 14.82 -16.32 3.86
CA GLU D 327 15.75 -15.62 2.94
C GLU D 327 17.10 -15.39 3.64
N LEU D 328 17.09 -15.00 4.90
CA LEU D 328 18.35 -14.73 5.65
C LEU D 328 19.14 -16.03 5.77
N LEU D 329 18.47 -17.15 6.02
CA LEU D 329 19.10 -18.47 6.19
C LEU D 329 19.72 -18.94 4.87
N ALA D 330 19.11 -18.64 3.72
CA ALA D 330 19.50 -19.15 2.38
C ALA D 330 20.55 -18.21 1.76
N SER D 331 20.83 -17.07 2.38
CA SER D 331 21.75 -16.05 1.83
C SER D 331 23.16 -16.62 1.74
N GLU D 332 23.88 -16.28 0.67
CA GLU D 332 25.30 -16.67 0.47
C GLU D 332 26.16 -15.93 1.50
N ASP D 333 25.68 -14.80 2.04
CA ASP D 333 26.38 -13.96 3.03
C ASP D 333 26.02 -14.34 4.48
N PHE D 334 25.26 -15.42 4.70
CA PHE D 334 24.85 -15.84 6.07
C PHE D 334 26.09 -16.34 6.82
N HIS D 335 26.43 -15.74 7.96
CA HIS D 335 27.60 -16.15 8.80
C HIS D 335 27.13 -16.49 10.22
N PRO D 336 26.45 -17.63 10.43
CA PRO D 336 25.97 -17.99 11.76
C PRO D 336 27.12 -18.30 12.73
N VAL D 337 26.89 -18.02 14.00
CA VAL D 337 27.76 -18.55 15.11
C VAL D 337 27.70 -20.07 15.13
N PRO D 338 28.72 -20.72 15.72
CA PRO D 338 28.60 -22.14 16.07
C PRO D 338 27.31 -22.36 16.88
N SER D 339 26.64 -23.48 16.63
CA SER D 339 25.29 -23.78 17.17
C SER D 339 25.14 -25.23 17.62
N ILE D 340 24.35 -25.42 18.67
CA ILE D 340 23.68 -26.71 18.97
C ILE D 340 22.21 -26.55 18.55
N ILE D 341 21.67 -27.53 17.84
CA ILE D 341 20.25 -27.57 17.43
C ILE D 341 19.74 -28.96 17.77
N GLY D 342 18.58 -29.05 18.41
CA GLY D 342 18.02 -30.38 18.65
C GLY D 342 16.54 -30.35 18.95
N VAL D 343 16.00 -31.55 19.06
CA VAL D 343 14.54 -31.83 19.22
C VAL D 343 14.40 -33.04 20.13
N ASN D 344 13.19 -33.23 20.64
CA ASN D 344 12.83 -34.42 21.45
C ASN D 344 12.14 -35.39 20.50
N ASN D 345 12.04 -36.66 20.89
CA ASN D 345 11.47 -37.68 19.98
C ASN D 345 9.95 -37.69 20.10
N ASP D 346 9.34 -36.89 20.99
CA ASP D 346 7.84 -36.86 21.09
C ASP D 346 7.31 -35.44 21.36
N GLU D 347 7.68 -34.46 20.52
CA GLU D 347 7.46 -33.02 20.80
C GLU D 347 5.96 -32.72 20.98
N PHE D 348 5.09 -33.42 20.27
CA PHE D 348 3.62 -33.19 20.34
C PHE D 348 2.92 -34.34 21.09
N GLY D 349 3.65 -35.04 21.96
CA GLY D 349 3.17 -36.29 22.59
C GLY D 349 2.03 -36.06 23.57
N TRP D 350 2.10 -35.00 24.39
CA TRP D 350 1.18 -34.82 25.54
C TRP D 350 0.99 -33.34 25.91
N SER D 351 2.01 -32.63 26.40
CA SER D 351 1.82 -31.28 27.03
C SER D 351 1.27 -30.27 26.00
N ILE D 352 1.72 -30.26 24.76
CA ILE D 352 1.26 -29.23 23.79
C ILE D 352 -0.22 -29.44 23.49
N PRO D 353 -0.69 -30.61 23.02
CA PRO D 353 -2.12 -30.78 22.73
C PRO D 353 -3.01 -30.55 23.97
N VAL D 354 -2.55 -30.92 25.16
CA VAL D 354 -3.30 -30.64 26.42
C VAL D 354 -3.44 -29.13 26.61
N VAL D 355 -2.33 -28.38 26.59
CA VAL D 355 -2.32 -26.89 26.80
C VAL D 355 -3.09 -26.18 25.68
N MET D 356 -2.98 -26.64 24.44
CA MET D 356 -3.55 -25.96 23.25
C MET D 356 -5.02 -26.38 23.07
N GLY D 357 -5.50 -27.36 23.84
CA GLY D 357 -6.90 -27.81 23.82
C GLY D 357 -7.26 -28.66 22.61
N SER D 358 -6.29 -29.32 21.97
CA SER D 358 -6.55 -30.30 20.86
C SER D 358 -6.58 -31.75 21.40
N ALA D 359 -6.37 -31.97 22.71
CA ALA D 359 -6.24 -33.34 23.29
C ALA D 359 -7.53 -34.15 23.10
N GLN D 360 -8.69 -33.54 23.35
CA GLN D 360 -10.00 -34.23 23.23
C GLN D 360 -10.20 -34.65 21.78
N MET D 361 -10.00 -33.73 20.84
CA MET D 361 -10.11 -34.02 19.39
C MET D 361 -9.19 -35.20 19.06
N ILE D 362 -7.97 -35.25 19.58
CA ILE D 362 -6.99 -36.33 19.24
C ILE D 362 -7.55 -37.66 19.76
N LYS D 363 -8.02 -37.72 21.00
CA LYS D 363 -8.61 -38.95 21.59
C LYS D 363 -9.83 -39.42 20.76
N GLY D 364 -10.46 -38.50 20.01
CA GLY D 364 -11.61 -38.78 19.12
C GLY D 364 -11.20 -39.33 17.76
N ILE D 365 -9.91 -39.35 17.41
CA ILE D 365 -9.48 -39.80 16.06
C ILE D 365 -9.74 -41.31 15.96
N THR D 366 -10.34 -41.72 14.82
CA THR D 366 -10.52 -43.13 14.41
C THR D 366 -10.37 -43.17 12.88
N ARG D 367 -10.30 -44.37 12.29
CA ARG D 367 -10.15 -44.49 10.81
C ARG D 367 -11.36 -43.86 10.10
N GLU D 368 -12.52 -43.77 10.76
CA GLU D 368 -13.78 -43.20 10.20
C GLU D 368 -13.62 -41.70 9.94
N ASN D 369 -13.08 -40.93 10.89
CA ASN D 369 -13.00 -39.45 10.78
C ASN D 369 -11.61 -39.01 10.29
N LEU D 370 -10.65 -39.93 10.14
CA LEU D 370 -9.22 -39.58 9.92
C LEU D 370 -9.09 -38.63 8.72
N GLN D 371 -9.73 -38.94 7.58
CA GLN D 371 -9.58 -38.14 6.33
C GLN D 371 -10.07 -36.70 6.58
N ALA D 372 -11.19 -36.52 7.28
CA ALA D 372 -11.74 -35.19 7.63
C ALA D 372 -10.80 -34.42 8.58
N VAL D 373 -10.29 -35.11 9.61
CA VAL D 373 -9.26 -34.58 10.56
C VAL D 373 -8.04 -34.08 9.76
N LEU D 374 -7.56 -34.87 8.81
CA LEU D 374 -6.35 -34.52 8.03
C LEU D 374 -6.63 -33.35 7.08
N LYS D 375 -7.87 -33.19 6.58
CA LYS D 375 -8.23 -32.01 5.75
C LYS D 375 -8.20 -30.75 6.61
N ASP D 376 -8.76 -30.79 7.83
CA ASP D 376 -8.67 -29.67 8.82
C ASP D 376 -7.20 -29.39 9.13
N THR D 377 -6.43 -30.45 9.38
CA THR D 377 -5.00 -30.36 9.75
C THR D 377 -4.23 -29.74 8.59
N ALA D 378 -4.48 -30.18 7.36
CA ALA D 378 -3.81 -29.65 6.15
C ALA D 378 -4.02 -28.14 6.08
N VAL D 379 -5.23 -27.67 6.41
CA VAL D 379 -5.55 -26.21 6.39
C VAL D 379 -4.70 -25.49 7.44
N GLN D 380 -4.63 -25.99 8.67
CA GLN D 380 -3.76 -25.42 9.75
C GLN D 380 -2.29 -25.41 9.28
N MET D 381 -1.85 -26.41 8.53
CA MET D 381 -0.46 -26.53 8.02
C MET D 381 -0.25 -25.60 6.81
N MET D 382 -1.29 -24.87 6.39
CA MET D 382 -1.28 -24.00 5.17
C MET D 382 -0.96 -24.86 3.95
N LEU D 383 -1.52 -26.08 3.89
CA LEU D 383 -1.48 -26.97 2.71
C LEU D 383 -2.86 -27.00 2.04
N PRO D 384 -2.93 -27.31 0.73
CA PRO D 384 -4.22 -27.63 0.10
C PRO D 384 -4.83 -28.87 0.75
N PRO D 385 -6.13 -28.88 1.13
CA PRO D 385 -6.75 -30.06 1.75
C PRO D 385 -6.76 -31.33 0.90
N GLU D 386 -6.47 -31.22 -0.40
CA GLU D 386 -6.20 -32.34 -1.33
C GLU D 386 -5.00 -33.18 -0.85
N CYS D 387 -4.04 -32.56 -0.16
CA CYS D 387 -2.79 -33.19 0.36
C CYS D 387 -3.11 -34.15 1.51
N SER D 388 -4.33 -34.13 2.05
CA SER D 388 -4.73 -34.97 3.21
C SER D 388 -4.44 -36.45 2.91
N ASP D 389 -4.62 -36.89 1.65
CA ASP D 389 -4.32 -38.27 1.19
C ASP D 389 -2.83 -38.58 1.38
N LEU D 390 -1.96 -37.61 1.04
CA LEU D 390 -0.49 -37.79 1.11
C LEU D 390 -0.08 -37.86 2.57
N LEU D 391 -0.62 -36.98 3.43
CA LEU D 391 -0.39 -37.03 4.89
C LEU D 391 -0.77 -38.42 5.39
N MET D 392 -1.97 -38.89 5.04
CA MET D 392 -2.52 -40.18 5.53
C MET D 392 -1.59 -41.33 5.10
N GLU D 393 -1.19 -41.37 3.84
CA GLU D 393 -0.30 -42.42 3.29
C GLU D 393 1.04 -42.40 4.05
N GLU D 394 1.65 -41.21 4.19
CA GLU D 394 3.01 -41.07 4.81
C GLU D 394 2.97 -41.54 6.26
N TYR D 395 1.99 -41.15 7.07
CA TYR D 395 2.06 -41.30 8.54
C TYR D 395 1.15 -42.42 9.05
N MET D 396 0.05 -42.73 8.36
CA MET D 396 -0.95 -43.71 8.87
C MET D 396 -1.03 -44.94 7.96
N GLY D 397 -0.74 -44.81 6.66
CA GLY D 397 -0.83 -45.92 5.67
C GLY D 397 -2.15 -46.65 5.79
N ASP D 398 -2.09 -47.96 6.10
CA ASP D 398 -3.26 -48.88 6.17
C ASP D 398 -3.69 -49.08 7.63
N THR D 399 -3.15 -48.34 8.59
CA THR D 399 -3.41 -48.51 10.04
C THR D 399 -4.91 -48.35 10.32
N GLU D 400 -5.48 -49.23 11.16
CA GLU D 400 -6.93 -49.26 11.50
C GLU D 400 -7.10 -48.93 12.99
N ASP D 401 -6.19 -49.41 13.85
CA ASP D 401 -6.24 -49.21 15.32
C ASP D 401 -6.23 -47.70 15.68
N ALA D 402 -7.24 -47.23 16.42
CA ALA D 402 -7.44 -45.81 16.80
C ALA D 402 -6.25 -45.27 17.61
N GLN D 403 -5.79 -46.01 18.62
CA GLN D 403 -4.66 -45.59 19.50
C GLN D 403 -3.42 -45.37 18.63
N THR D 404 -3.13 -46.28 17.71
CA THR D 404 -1.96 -46.18 16.80
C THR D 404 -2.13 -44.95 15.91
N LEU D 405 -3.34 -44.70 15.42
CA LEU D 405 -3.61 -43.53 14.54
C LEU D 405 -3.30 -42.26 15.32
N GLN D 406 -3.68 -42.21 16.60
CA GLN D 406 -3.52 -41.01 17.46
C GLN D 406 -2.03 -40.73 17.69
N ILE D 407 -1.23 -41.78 17.91
CA ILE D 407 0.25 -41.69 18.06
C ILE D 407 0.86 -41.22 16.74
N GLN D 408 0.42 -41.77 15.60
CA GLN D 408 0.89 -41.35 14.27
C GLN D 408 0.55 -39.87 14.02
N PHE D 409 -0.63 -39.42 14.49
CA PHE D 409 -1.09 -38.02 14.32
C PHE D 409 -0.15 -37.10 15.10
N THR D 410 0.13 -37.39 16.38
CA THR D 410 1.03 -36.56 17.21
C THR D 410 2.46 -36.63 16.63
N GLU D 411 2.87 -37.76 16.08
CA GLU D 411 4.21 -37.92 15.45
C GLU D 411 4.29 -36.93 14.29
N MET D 412 3.27 -36.91 13.44
CA MET D 412 3.16 -36.04 12.24
C MET D 412 3.24 -34.57 12.70
N MET D 413 2.49 -34.19 13.74
CA MET D 413 2.44 -32.79 14.22
C MET D 413 3.83 -32.39 14.74
N GLY D 414 4.48 -33.25 15.53
CA GLY D 414 5.84 -33.03 16.07
C GLY D 414 6.84 -32.83 14.94
N ASP D 415 6.75 -33.63 13.88
CA ASP D 415 7.67 -33.57 12.73
C ASP D 415 7.45 -32.25 11.99
N PHE D 416 6.19 -31.90 11.74
CA PHE D 416 5.85 -30.67 10.98
C PHE D 416 6.29 -29.42 11.73
N MET D 417 6.02 -29.33 13.03
CA MET D 417 6.23 -28.09 13.84
C MET D 417 7.69 -27.97 14.29
N PHE D 418 8.36 -29.07 14.63
CA PHE D 418 9.67 -29.06 15.33
C PHE D 418 10.79 -29.73 14.53
N VAL D 419 10.59 -30.97 14.08
CA VAL D 419 11.73 -31.77 13.56
C VAL D 419 12.17 -31.23 12.22
N ILE D 420 11.25 -31.09 11.27
CA ILE D 420 11.62 -30.66 9.89
C ILE D 420 12.21 -29.26 9.96
N PRO D 421 11.57 -28.26 10.61
CA PRO D 421 12.20 -26.94 10.74
C PRO D 421 13.61 -27.02 11.30
N ALA D 422 13.83 -27.80 12.36
CA ALA D 422 15.16 -27.92 12.98
C ALA D 422 16.15 -28.47 11.96
N LEU D 423 15.75 -29.51 11.21
CA LEU D 423 16.67 -30.15 10.24
C LEU D 423 16.97 -29.16 9.11
N GLN D 424 15.98 -28.38 8.68
CA GLN D 424 16.17 -27.37 7.60
C GLN D 424 17.14 -26.30 8.07
N VAL D 425 16.94 -25.77 9.28
CA VAL D 425 17.81 -24.68 9.78
C VAL D 425 19.23 -25.24 9.98
N ALA D 426 19.37 -26.44 10.54
CA ALA D 426 20.69 -27.08 10.72
C ALA D 426 21.40 -27.19 9.35
N HIS D 427 20.69 -27.58 8.31
CA HIS D 427 21.23 -27.69 6.93
C HIS D 427 21.68 -26.32 6.43
N PHE D 428 20.89 -25.26 6.62
CA PHE D 428 21.28 -23.90 6.19
C PHE D 428 22.53 -23.44 6.95
N GLN D 429 22.67 -23.77 8.23
CA GLN D 429 23.79 -23.22 9.04
C GLN D 429 25.08 -24.03 8.80
N ARG D 430 24.99 -25.34 8.69
CA ARG D 430 26.14 -26.25 8.95
C ARG D 430 27.22 -26.15 7.87
N SER D 431 26.90 -25.60 6.69
CA SER D 431 27.90 -25.38 5.61
C SER D 431 28.72 -24.12 5.91
N HIS D 432 28.26 -23.26 6.82
CA HIS D 432 28.95 -21.98 7.16
C HIS D 432 29.72 -22.10 8.47
N ALA D 433 29.28 -22.95 9.39
CA ALA D 433 29.75 -22.95 10.79
C ALA D 433 29.37 -24.26 11.45
N PRO D 434 30.07 -24.64 12.54
CA PRO D 434 29.74 -25.88 13.24
C PRO D 434 28.28 -25.89 13.70
N VAL D 435 27.60 -26.99 13.42
CA VAL D 435 26.28 -27.33 13.99
C VAL D 435 26.42 -28.70 14.64
N TYR D 436 26.09 -28.80 15.92
CA TYR D 436 25.97 -30.07 16.64
C TYR D 436 24.48 -30.37 16.83
N PHE D 437 24.00 -31.48 16.27
CA PHE D 437 22.56 -31.82 16.28
C PHE D 437 22.29 -32.91 17.30
N TYR D 438 21.18 -32.82 18.04
CA TYR D 438 20.77 -33.88 19.00
C TYR D 438 19.28 -34.23 18.84
N GLU D 439 18.96 -35.47 19.17
CA GLU D 439 17.59 -35.92 19.46
C GLU D 439 17.56 -36.43 20.88
N PHE D 440 16.77 -35.77 21.73
CA PHE D 440 16.64 -36.19 23.15
C PHE D 440 15.51 -37.20 23.23
N GLN D 441 15.77 -38.33 23.89
CA GLN D 441 14.91 -39.53 23.77
C GLN D 441 14.45 -40.06 25.13
N HIS D 442 14.91 -39.50 26.23
CA HIS D 442 14.69 -40.08 27.56
C HIS D 442 13.32 -39.69 28.09
N PRO D 443 12.40 -40.65 28.36
CA PRO D 443 11.15 -40.34 29.07
C PRO D 443 11.48 -40.18 30.54
N PRO D 444 11.25 -39.01 31.16
CA PRO D 444 11.67 -38.82 32.55
C PRO D 444 10.87 -39.70 33.54
N SER D 445 11.59 -40.26 34.51
CA SER D 445 11.09 -41.23 35.52
C SER D 445 9.92 -40.63 36.32
N TYR D 446 10.01 -39.36 36.71
CA TYR D 446 9.03 -38.65 37.56
C TYR D 446 7.71 -38.40 36.81
N PHE D 447 7.64 -38.61 35.50
CA PHE D 447 6.39 -38.40 34.73
C PHE D 447 5.70 -39.73 34.39
N LYS D 448 6.25 -40.90 34.75
CA LYS D 448 5.76 -42.21 34.26
C LYS D 448 4.28 -42.43 34.65
N ASP D 449 3.89 -42.06 35.87
CA ASP D 449 2.52 -42.29 36.40
C ASP D 449 1.59 -41.10 36.14
N VAL D 450 2.11 -39.99 35.62
CA VAL D 450 1.37 -38.70 35.43
C VAL D 450 0.73 -38.66 34.05
N ARG D 451 1.26 -39.42 33.08
CA ARG D 451 0.84 -39.25 31.67
C ARG D 451 0.85 -40.61 30.98
N PRO D 452 0.21 -40.74 29.79
CA PRO D 452 0.09 -42.04 29.13
C PRO D 452 1.44 -42.70 28.87
N PRO D 453 1.52 -44.05 28.98
CA PRO D 453 2.78 -44.77 28.86
C PRO D 453 3.41 -44.75 27.46
N HIS D 454 2.64 -44.45 26.40
CA HIS D 454 3.18 -44.33 25.02
C HIS D 454 4.02 -43.04 24.84
N VAL D 455 3.88 -42.06 25.73
CA VAL D 455 4.59 -40.75 25.60
C VAL D 455 6.08 -40.98 25.87
N LYS D 456 6.95 -40.55 24.94
CA LYS D 456 8.42 -40.72 25.11
C LYS D 456 8.99 -39.43 25.69
N ALA D 457 9.93 -38.77 25.01
CA ALA D 457 10.47 -37.45 25.48
C ALA D 457 9.54 -36.37 24.93
N ASP D 458 8.63 -35.93 25.77
CA ASP D 458 7.63 -34.89 25.44
C ASP D 458 8.34 -33.53 25.30
N HIS D 459 7.65 -32.57 24.72
CA HIS D 459 8.01 -31.14 24.78
C HIS D 459 8.47 -30.77 26.18
N ALA D 460 9.63 -30.11 26.28
CA ALA D 460 10.25 -29.52 27.50
C ALA D 460 10.87 -30.56 28.44
N ASP D 461 10.83 -31.85 28.12
CA ASP D 461 11.36 -32.90 29.05
C ASP D 461 12.88 -32.75 29.25
N GLU D 462 13.60 -32.12 28.33
CA GLU D 462 15.08 -32.00 28.43
C GLU D 462 15.49 -30.84 29.35
N ILE D 463 14.60 -29.90 29.62
CA ILE D 463 14.97 -28.66 30.37
C ILE D 463 15.52 -29.04 31.74
N PRO D 464 14.87 -29.92 32.54
CA PRO D 464 15.42 -30.23 33.87
C PRO D 464 16.80 -30.90 33.83
N PHE D 465 17.15 -31.53 32.72
CA PHE D 465 18.48 -32.17 32.58
C PHE D 465 19.54 -31.08 32.39
N VAL D 466 19.18 -29.98 31.74
CA VAL D 466 20.07 -28.81 31.53
C VAL D 466 20.18 -27.99 32.82
N PHE D 467 19.08 -27.79 33.55
CA PHE D 467 19.04 -26.92 34.77
C PHE D 467 19.26 -27.73 36.06
N ALA D 468 19.20 -29.06 35.99
CA ALA D 468 19.37 -30.01 37.13
C ALA D 468 18.29 -29.79 38.18
N SER D 469 17.18 -29.16 37.81
CA SER D 469 16.04 -28.82 38.70
C SER D 469 14.80 -28.69 37.82
N PHE D 470 13.63 -28.77 38.42
CA PHE D 470 12.34 -28.43 37.78
C PHE D 470 12.18 -26.91 37.83
N PHE D 471 11.06 -26.41 37.35
CA PHE D 471 10.75 -24.96 37.35
C PHE D 471 10.87 -24.41 38.78
N TRP D 472 11.25 -23.14 38.89
CA TRP D 472 11.49 -22.40 40.16
C TRP D 472 12.53 -23.13 41.01
N GLY D 473 13.39 -23.94 40.38
CA GLY D 473 14.49 -24.61 41.10
C GLY D 473 14.00 -25.71 42.03
N MET D 474 12.77 -26.19 41.84
CA MET D 474 12.19 -27.29 42.66
C MET D 474 12.97 -28.58 42.41
N LYS D 475 13.24 -29.34 43.46
CA LYS D 475 14.06 -30.58 43.42
C LYS D 475 13.30 -31.67 42.64
N LEU D 476 14.04 -32.51 41.91
CA LEU D 476 13.46 -33.67 41.19
C LEU D 476 14.04 -34.96 41.76
N ASP D 477 13.23 -36.01 41.79
CA ASP D 477 13.72 -37.35 42.17
C ASP D 477 14.25 -38.02 40.90
N PHE D 478 15.42 -37.58 40.44
CA PHE D 478 16.15 -38.21 39.32
C PHE D 478 16.61 -39.62 39.77
N THR D 479 16.50 -40.63 38.92
CA THR D 479 17.26 -41.90 39.08
C THR D 479 18.76 -41.60 39.00
N GLU D 480 19.59 -42.51 39.51
CA GLU D 480 21.07 -42.39 39.39
C GLU D 480 21.46 -42.22 37.91
N GLU D 481 20.84 -42.96 37.00
CA GLU D 481 21.09 -42.89 35.54
C GLU D 481 20.72 -41.49 35.01
N GLU D 482 19.61 -40.92 35.50
CA GLU D 482 19.13 -39.57 35.08
C GLU D 482 20.10 -38.51 35.61
N GLU D 483 20.65 -38.66 36.79
CA GLU D 483 21.66 -37.72 37.34
C GLU D 483 22.88 -37.70 36.42
N LEU D 484 23.30 -38.86 35.90
CA LEU D 484 24.44 -38.91 34.96
C LEU D 484 24.04 -38.21 33.65
N LEU D 485 22.83 -38.47 33.11
CA LEU D 485 22.40 -37.80 31.86
C LEU D 485 22.40 -36.28 32.06
N SER D 486 21.97 -35.80 33.23
CA SER D 486 21.95 -34.35 33.58
C SER D 486 23.36 -33.81 33.65
N ARG D 487 24.28 -34.51 34.33
CA ARG D 487 25.70 -34.09 34.42
C ARG D 487 26.29 -33.97 32.99
N ARG D 488 26.02 -34.95 32.15
CA ARG D 488 26.52 -34.99 30.75
C ARG D 488 25.95 -33.81 29.96
N MET D 489 24.63 -33.60 29.98
CA MET D 489 24.01 -32.52 29.19
C MET D 489 24.51 -31.15 29.69
N MET D 490 24.64 -30.97 31.00
CA MET D 490 25.21 -29.72 31.55
C MET D 490 26.63 -29.53 31.07
N LYS D 491 27.44 -30.60 31.03
CA LYS D 491 28.85 -30.48 30.61
C LYS D 491 28.92 -30.26 29.08
N TYR D 492 28.09 -30.94 28.28
CA TYR D 492 28.05 -30.67 26.81
C TYR D 492 27.73 -29.19 26.59
N TRP D 493 26.71 -28.68 27.27
CA TRP D 493 26.22 -27.29 27.12
C TRP D 493 27.33 -26.34 27.56
N ALA D 494 27.95 -26.59 28.70
CA ALA D 494 28.99 -25.71 29.27
C ALA D 494 30.27 -25.78 28.40
N ASN D 495 30.68 -26.95 27.94
CA ASN D 495 31.83 -27.08 27.01
C ASN D 495 31.56 -26.24 25.76
N PHE D 496 30.33 -26.32 25.25
CA PHE D 496 29.92 -25.52 24.08
C PHE D 496 30.00 -24.03 24.40
N ALA D 497 29.54 -23.63 25.58
CA ALA D 497 29.62 -22.22 26.02
C ALA D 497 31.10 -21.78 26.10
N ARG D 498 31.99 -22.68 26.50
CA ARG D 498 33.44 -22.36 26.65
C ARG D 498 34.13 -22.28 25.28
N HIS D 499 33.83 -23.15 24.32
CA HIS D 499 34.70 -23.44 23.16
C HIS D 499 33.96 -23.54 21.84
N GLY D 500 32.63 -23.49 21.80
CA GLY D 500 31.87 -23.71 20.53
C GLY D 500 31.92 -25.15 20.07
N ASN D 501 32.20 -26.07 20.99
CA ASN D 501 32.30 -27.53 20.72
C ASN D 501 31.90 -28.23 22.02
N PRO D 502 30.90 -29.14 22.03
CA PRO D 502 30.42 -29.73 23.28
C PRO D 502 31.32 -30.82 23.88
N ASN D 503 32.35 -31.24 23.15
CA ASN D 503 33.12 -32.47 23.46
C ASN D 503 34.19 -32.22 24.52
N SER D 504 34.42 -33.22 25.35
CA SER D 504 35.56 -33.27 26.30
C SER D 504 35.78 -34.72 26.73
N GLU D 505 36.94 -35.00 27.31
CA GLU D 505 37.24 -36.38 27.76
C GLU D 505 36.22 -36.79 28.82
N GLY D 506 35.75 -38.02 28.79
CA GLY D 506 34.75 -38.48 29.77
C GLY D 506 33.36 -38.39 29.20
N LEU D 507 33.12 -37.64 28.12
CA LEU D 507 31.77 -37.57 27.49
C LEU D 507 31.81 -38.36 26.19
N PRO D 508 30.73 -39.10 25.85
CA PRO D 508 30.58 -39.69 24.52
C PRO D 508 30.74 -38.65 23.42
N TYR D 509 31.45 -39.02 22.37
CA TYR D 509 31.86 -38.09 21.31
C TYR D 509 30.64 -37.72 20.47
N TRP D 510 30.44 -36.42 20.30
CA TRP D 510 29.34 -35.82 19.52
C TRP D 510 29.92 -35.23 18.25
N PRO D 511 29.76 -35.90 17.09
CA PRO D 511 30.33 -35.39 15.85
C PRO D 511 29.58 -34.15 15.36
N VAL D 512 30.30 -33.24 14.74
CA VAL D 512 29.69 -32.05 14.08
C VAL D 512 28.83 -32.57 12.92
N MET D 513 27.74 -31.86 12.64
CA MET D 513 26.82 -32.17 11.54
C MET D 513 27.38 -31.61 10.24
N ASP D 514 27.56 -32.47 9.25
CA ASP D 514 27.99 -32.10 7.87
C ASP D 514 27.20 -33.00 6.90
N HIS D 515 27.71 -33.22 5.68
CA HIS D 515 27.02 -34.04 4.65
C HIS D 515 26.80 -35.47 5.16
N ASP D 516 27.54 -35.96 6.16
CA ASP D 516 27.28 -37.31 6.77
C ASP D 516 26.11 -37.28 7.78
N GLU D 517 25.51 -36.12 8.06
CA GLU D 517 24.18 -36.05 8.76
C GLU D 517 24.23 -36.66 10.16
N GLN D 518 25.37 -36.61 10.85
CA GLN D 518 25.49 -37.24 12.19
C GLN D 518 24.72 -36.39 13.22
N TYR D 519 24.16 -37.04 14.24
CA TYR D 519 23.47 -36.40 15.38
C TYR D 519 23.66 -37.27 16.61
N LEU D 520 23.61 -36.67 17.79
CA LEU D 520 23.73 -37.42 19.05
C LEU D 520 22.33 -37.73 19.58
N GLN D 521 22.08 -39.01 19.85
CA GLN D 521 20.87 -39.47 20.56
C GLN D 521 21.12 -39.35 22.05
N LEU D 522 20.45 -38.43 22.73
CA LEU D 522 20.65 -38.20 24.17
C LEU D 522 19.66 -39.08 24.94
N ASP D 523 20.19 -39.99 25.73
CA ASP D 523 19.47 -40.92 26.62
C ASP D 523 20.47 -41.49 27.60
N ILE D 524 20.04 -42.47 28.41
CA ILE D 524 20.90 -43.05 29.48
C ILE D 524 22.22 -43.55 28.85
N GLN D 525 22.17 -44.13 27.66
CA GLN D 525 23.42 -44.50 26.90
C GLN D 525 23.48 -43.70 25.60
N PRO D 526 24.14 -42.52 25.57
CA PRO D 526 24.17 -41.70 24.35
C PRO D 526 24.81 -42.44 23.19
N ALA D 527 24.29 -42.25 21.97
CA ALA D 527 24.76 -42.96 20.77
C ALA D 527 24.62 -42.04 19.56
N VAL D 528 25.57 -42.12 18.66
CA VAL D 528 25.54 -41.34 17.40
C VAL D 528 24.55 -42.00 16.44
N GLY D 529 23.78 -41.18 15.73
CA GLY D 529 22.90 -41.62 14.65
C GLY D 529 23.23 -40.90 13.40
N ARG D 530 22.61 -41.36 12.31
CA ARG D 530 22.78 -40.75 10.97
C ARG D 530 21.40 -40.35 10.41
N ALA D 531 21.33 -39.15 9.84
CA ALA D 531 20.21 -38.68 9.00
C ALA D 531 18.88 -38.89 9.74
N LEU D 532 18.65 -38.16 10.84
CA LEU D 532 17.39 -38.25 11.62
C LEU D 532 16.19 -38.05 10.70
N LYS D 533 15.26 -39.01 10.72
CA LYS D 533 13.96 -38.97 10.01
C LYS D 533 14.15 -38.49 8.57
N ALA D 534 15.14 -39.08 7.88
CA ALA D 534 15.50 -38.74 6.48
C ALA D 534 14.28 -38.87 5.55
N GLY D 535 13.48 -39.91 5.72
CA GLY D 535 12.28 -40.16 4.90
C GLY D 535 11.25 -39.07 5.12
N ARG D 536 10.97 -38.72 6.39
CA ARG D 536 10.06 -37.58 6.71
C ARG D 536 10.59 -36.30 6.07
N LEU D 537 11.90 -36.05 6.16
CA LEU D 537 12.48 -34.81 5.61
C LEU D 537 12.24 -34.77 4.09
N GLN D 538 12.44 -35.90 3.41
CA GLN D 538 12.19 -36.03 1.94
C GLN D 538 10.72 -35.74 1.65
N PHE D 539 9.81 -36.34 2.41
CA PHE D 539 8.34 -36.16 2.24
C PHE D 539 7.98 -34.67 2.33
N TRP D 540 8.31 -34.03 3.46
CA TRP D 540 7.86 -32.65 3.76
C TRP D 540 8.56 -31.64 2.85
N THR D 541 9.83 -31.84 2.47
CA THR D 541 10.61 -30.75 1.81
C THR D 541 10.70 -30.97 0.29
N LYS D 542 10.47 -32.19 -0.22
CA LYS D 542 10.63 -32.48 -1.68
C LYS D 542 9.32 -33.07 -2.23
N THR D 543 8.90 -34.22 -1.74
CA THR D 543 7.74 -34.98 -2.30
C THR D 543 6.47 -34.13 -2.25
N LEU D 544 6.13 -33.61 -1.07
CA LEU D 544 4.84 -32.88 -0.86
C LEU D 544 4.83 -31.58 -1.69
N PRO D 545 5.86 -30.70 -1.66
CA PRO D 545 5.88 -29.55 -2.56
C PRO D 545 5.80 -29.87 -4.06
N GLN D 546 6.41 -30.98 -4.51
CA GLN D 546 6.37 -31.44 -5.93
C GLN D 546 4.93 -31.77 -6.30
N LYS D 547 4.18 -32.51 -5.44
CA LYS D 547 2.78 -32.90 -5.72
C LYS D 547 1.92 -31.63 -5.78
N ILE D 548 2.21 -30.64 -4.94
CA ILE D 548 1.43 -29.37 -4.90
C ILE D 548 1.70 -28.59 -6.19
N GLN D 549 2.97 -28.50 -6.63
CA GLN D 549 3.36 -27.76 -7.86
C GLN D 549 2.71 -28.44 -9.08
N GLU D 550 2.63 -29.77 -9.11
CA GLU D 550 2.06 -30.54 -10.25
C GLU D 550 0.57 -30.21 -10.36
N LEU D 551 -0.15 -30.37 -9.24
CA LEU D 551 -1.61 -30.12 -9.13
C LEU D 551 -1.94 -28.67 -9.49
N LYS D 552 -1.21 -27.69 -8.94
CA LYS D 552 -1.40 -26.24 -9.25
C LYS D 552 -1.19 -26.00 -10.75
N ALA D 553 -0.09 -26.46 -11.35
CA ALA D 553 0.27 -26.25 -12.78
C ALA D 553 -0.81 -26.85 -13.71
N SER D 554 -1.31 -28.05 -13.37
CA SER D 554 -2.34 -28.77 -14.16
C SER D 554 -3.65 -27.95 -14.19
N GLN D 555 -4.04 -27.38 -13.05
CA GLN D 555 -5.29 -26.58 -12.90
C GLN D 555 -5.13 -25.20 -13.55
N ASP D 556 -3.91 -24.65 -13.58
CA ASP D 556 -3.58 -23.39 -14.33
C ASP D 556 -3.74 -23.64 -15.83
N LYS D 557 -3.25 -24.78 -16.34
CA LYS D 557 -3.35 -25.14 -17.78
C LYS D 557 -4.84 -25.28 -18.18
N HIS D 558 -5.66 -25.92 -17.33
CA HIS D 558 -7.13 -26.09 -17.53
C HIS D 558 -7.82 -24.71 -17.54
N ARG D 559 -7.40 -23.79 -16.67
CA ARG D 559 -7.94 -22.42 -16.55
C ARG D 559 -7.58 -21.59 -17.79
N GLU D 560 -6.38 -21.75 -18.35
CA GLU D 560 -5.94 -21.09 -19.62
C GLU D 560 -6.83 -21.58 -20.77
N LEU D 561 -7.00 -22.91 -20.90
CA LEU D 561 -8.08 -23.56 -21.69
C LEU D 561 -9.44 -23.29 -21.03
#